data_4H53
#
_entry.id   4H53
#
_cell.length_a   83.217
_cell.length_b   114.831
_cell.length_c   84.259
_cell.angle_alpha   90.00
_cell.angle_beta   99.71
_cell.angle_gamma   90.00
#
_symmetry.space_group_name_H-M   'P 1 21 1'
#
loop_
_entity.id
_entity.type
_entity.pdbx_description
1 polymer Neuraminidase
2 branched alpha-D-mannopyranose-(1-3)-[alpha-D-mannopyranose-(1-6)]alpha-D-mannopyranose-(1-6)-[alpha-D-mannopyranose-(1-3)]beta-D-mannopyranose-(1-4)-2-acetamido-2-deoxy-beta-D-glucopyranose-(1-4)-2-acetamido-2-deoxy-beta-D-glucopyranose
3 branched 'N-acetyl-alpha-neuraminic acid-(2-3)-beta-D-galactopyranose'
4 branched alpha-D-mannopyranose-(1-3)-beta-D-mannopyranose-(1-4)-2-acetamido-2-deoxy-beta-D-glucopyranose-(1-4)-2-acetamido-2-deoxy-beta-D-glucopyranose
5 branched 2-acetamido-2-deoxy-beta-D-glucopyranose-(1-4)-2-acetamido-2-deoxy-beta-D-glucopyranose
6 branched alpha-D-mannopyranose-(1-3)-alpha-D-mannopyranose-(1-6)-[alpha-D-mannopyranose-(1-3)]beta-D-mannopyranose-(1-4)-2-acetamido-2-deoxy-beta-D-glucopyranose-(1-4)-2-acetamido-2-deoxy-beta-D-glucopyranose
7 non-polymer 'CALCIUM ION'
8 non-polymer 2-acetamido-2-deoxy-beta-D-glucopyranose
9 non-polymer 'N-acetyl-beta-neuraminic acid'
10 non-polymer GLYCEROL
11 water water
#
_entity_poly.entity_id   1
_entity_poly.type   'polypeptide(L)'
_entity_poly.pdbx_seq_one_letter_code
;VEYRNWSKPQCQITGFAPFSKDNSIRLSAGGDIWVTREPYVSCDPGKCYQFALGQGTTLDNKHSNDTVHDRIPHRTLLMN
ELGVPFHLGTRQVCIAWSSSSCHDGKAWLHVCITGDDKNATASFIYDGRLVDSIGSWSQNILRTQESECVCINGTCTVVM
TDGSASGRADTRILFIEEGKIVHISPLSGSAQHIEECSCYPRYPGVRCICRDNWKGSNRPVVDINMEDYSIDSSYVCSGL
VGDTPRNDDSSSNSNCRNPNNERGTQGVKGWAFDNGNDLWMGRTISKESRSGYETFKVIGGWSTPNSKSQVNRQVIVDNN
NWSGDSGIFSVEGKSCINRCFYVELIRGRPQETRVWWTSNSIVVFCGTSGTYGTGSWPDGANINFMPI
;
_entity_poly.pdbx_strand_id   A,B,C,D
#
loop_
_chem_comp.id
_chem_comp.type
_chem_comp.name
_chem_comp.formula
BMA D-saccharide, beta linking beta-D-mannopyranose 'C6 H12 O6'
CA non-polymer 'CALCIUM ION' 'Ca 2'
GAL D-saccharide, beta linking beta-D-galactopyranose 'C6 H12 O6'
GOL non-polymer GLYCEROL 'C3 H8 O3'
MAN D-saccharide, alpha linking alpha-D-mannopyranose 'C6 H12 O6'
NAG D-saccharide, beta linking 2-acetamido-2-deoxy-beta-D-glucopyranose 'C8 H15 N O6'
SIA D-saccharide, alpha linking 'N-acetyl-alpha-neuraminic acid' 'C11 H19 N O9'
SLB D-saccharide, beta linking 'N-acetyl-beta-neuraminic acid' 'C11 H19 N O9'
#
# COMPACT_ATOMS: atom_id res chain seq x y z
N VAL A 1 2.76 7.69 -24.90
CA VAL A 1 4.03 7.40 -24.23
C VAL A 1 5.21 7.38 -25.20
N GLU A 2 6.03 8.41 -25.16
CA GLU A 2 7.17 8.53 -26.07
C GLU A 2 8.48 8.32 -25.32
N TYR A 3 9.51 7.94 -26.07
CA TYR A 3 10.84 7.78 -25.48
C TYR A 3 11.39 9.13 -25.04
N ARG A 4 12.10 9.12 -23.93
CA ARG A 4 12.88 10.26 -23.48
C ARG A 4 14.08 10.52 -24.39
N ASN A 5 14.32 11.79 -24.69
CA ASN A 5 15.53 12.19 -25.41
C ASN A 5 16.42 13.12 -24.60
N TRP A 6 15.89 13.68 -23.51
CA TRP A 6 16.65 14.63 -22.68
C TRP A 6 17.20 15.80 -23.48
N SER A 7 16.47 16.17 -24.53
CA SER A 7 16.96 17.15 -25.50
C SER A 7 16.59 18.59 -25.15
N LYS A 8 16.91 18.98 -23.92
CA LYS A 8 16.79 20.35 -23.44
C LYS A 8 18.12 20.74 -22.82
N PRO A 9 18.42 22.04 -22.72
CA PRO A 9 19.68 22.43 -22.10
C PRO A 9 19.71 22.07 -20.63
N GLN A 10 20.90 21.93 -20.08
CA GLN A 10 21.05 21.78 -18.65
C GLN A 10 20.56 23.04 -17.95
N CYS A 11 19.81 22.86 -16.87
CA CYS A 11 19.33 23.98 -16.08
C CYS A 11 20.49 24.82 -15.55
N GLN A 12 20.24 26.12 -15.46
CA GLN A 12 21.09 27.01 -14.73
C GLN A 12 21.09 26.53 -13.29
N ILE A 13 22.24 26.42 -12.68
CA ILE A 13 22.23 26.13 -11.27
C ILE A 13 23.09 27.12 -10.48
N THR A 14 22.55 27.58 -9.36
CA THR A 14 23.27 28.45 -8.45
C THR A 14 23.69 27.66 -7.22
N GLY A 15 23.30 26.39 -7.17
CA GLY A 15 23.53 25.55 -6.00
C GLY A 15 22.42 24.53 -5.91
N PHE A 16 22.17 24.00 -4.71
CA PHE A 16 21.24 22.89 -4.56
C PHE A 16 20.28 23.15 -3.42
N ALA A 17 19.05 22.66 -3.57
CA ALA A 17 18.04 22.84 -2.55
C ALA A 17 17.57 21.48 -2.04
N PRO A 18 17.18 21.41 -0.77
CA PRO A 18 16.76 20.13 -0.18
C PRO A 18 15.56 19.55 -0.93
N PHE A 19 15.58 18.24 -1.15
CA PHE A 19 14.52 17.57 -1.90
C PHE A 19 13.86 16.42 -1.14
N SER A 20 14.64 15.55 -0.50
CA SER A 20 14.07 14.38 0.19
C SER A 20 15.01 13.84 1.24
N LYS A 21 14.46 13.13 2.22
CA LYS A 21 15.25 12.47 3.26
C LYS A 21 14.40 11.33 3.78
N ASP A 22 14.97 10.15 4.00
CA ASP A 22 14.10 9.03 4.39
C ASP A 22 14.13 8.60 5.85
N ASN A 23 15.14 9.03 6.61
CA ASN A 23 15.19 8.77 8.05
C ASN A 23 15.16 7.29 8.39
N SER A 24 15.73 6.48 7.50
CA SER A 24 15.61 5.02 7.59
C SER A 24 16.10 4.45 8.91
N ILE A 25 17.24 4.93 9.39
CA ILE A 25 17.86 4.33 10.57
C ILE A 25 17.11 4.72 11.84
N ARG A 26 16.75 5.99 11.96
CA ARG A 26 15.87 6.42 13.05
C ARG A 26 14.60 5.59 13.12
N LEU A 27 13.96 5.38 11.97
CA LEU A 27 12.73 4.58 11.91
C LEU A 27 12.96 3.11 12.28
N SER A 28 14.13 2.58 11.94
CA SER A 28 14.48 1.18 12.18
C SER A 28 14.50 0.83 13.66
N ALA A 29 14.59 1.84 14.52
CA ALA A 29 14.63 1.62 15.97
C ALA A 29 13.22 1.49 16.54
N GLY A 30 12.22 1.62 15.68
CA GLY A 30 10.83 1.50 16.11
C GLY A 30 9.97 1.16 14.93
N GLY A 31 10.33 0.09 14.25
CA GLY A 31 9.61 -0.33 13.07
C GLY A 31 10.43 -1.34 12.31
N ASP A 32 9.78 -2.07 11.42
CA ASP A 32 10.42 -3.09 10.62
C ASP A 32 10.88 -2.48 9.31
N ILE A 33 12.18 -2.23 9.19
CA ILE A 33 12.76 -1.50 8.07
C ILE A 33 13.92 -2.31 7.52
N TRP A 34 13.99 -2.43 6.20
CA TRP A 34 15.07 -3.15 5.54
C TRP A 34 16.46 -2.64 5.88
N VAL A 35 17.40 -3.56 6.03
CA VAL A 35 18.81 -3.23 5.99
C VAL A 35 19.23 -3.06 4.54
N THR A 36 19.91 -1.95 4.23
CA THR A 36 20.31 -1.64 2.86
C THR A 36 21.73 -1.12 2.79
N ARG A 37 22.24 -1.00 1.55
CA ARG A 37 23.34 -0.11 1.22
C ARG A 37 23.27 0.11 -0.28
N GLU A 38 24.18 0.92 -0.81
CA GLU A 38 24.21 1.24 -2.26
C GLU A 38 22.86 1.79 -2.78
N PRO A 39 22.34 2.85 -2.14
CA PRO A 39 21.08 3.41 -2.59
C PRO A 39 21.28 4.30 -3.81
N TYR A 40 20.20 4.62 -4.50
CA TYR A 40 20.21 5.65 -5.54
C TYR A 40 18.80 6.13 -5.82
N VAL A 41 18.69 7.12 -6.69
CA VAL A 41 17.39 7.70 -7.04
C VAL A 41 17.28 7.73 -8.55
N SER A 42 16.09 7.44 -9.07
CA SER A 42 15.84 7.61 -10.50
C SER A 42 14.37 7.93 -10.67
N CYS A 43 14.04 8.73 -11.69
CA CYS A 43 12.66 9.17 -11.83
C CYS A 43 12.08 8.74 -13.15
N ASP A 44 10.82 8.33 -13.13
CA ASP A 44 10.06 8.21 -14.39
C ASP A 44 9.64 9.64 -14.81
N PRO A 45 8.98 9.81 -15.97
CA PRO A 45 8.66 11.19 -16.34
C PRO A 45 7.80 11.98 -15.34
N GLY A 46 7.07 11.28 -14.46
CA GLY A 46 6.22 11.97 -13.51
C GLY A 46 6.73 12.04 -12.08
N LYS A 47 7.41 10.99 -11.63
CA LYS A 47 7.76 10.90 -10.22
C LYS A 47 9.06 10.15 -9.97
N CYS A 48 9.68 10.45 -8.84
CA CYS A 48 10.96 9.86 -8.48
C CYS A 48 10.80 8.66 -7.57
N TYR A 49 11.79 7.77 -7.66
CA TYR A 49 11.84 6.56 -6.87
C TYR A 49 13.18 6.43 -6.17
N GLN A 50 13.16 5.91 -4.95
CA GLN A 50 14.40 5.53 -4.29
C GLN A 50 14.64 4.03 -4.39
N PHE A 51 15.90 3.68 -4.62
CA PHE A 51 16.34 2.30 -4.83
C PHE A 51 17.43 2.02 -3.81
N ALA A 52 17.60 0.75 -3.44
CA ALA A 52 18.78 0.34 -2.68
C ALA A 52 18.93 -1.16 -2.74
N LEU A 53 20.11 -1.66 -2.39
CA LEU A 53 20.33 -3.09 -2.30
C LEU A 53 20.00 -3.55 -0.90
N GLY A 54 18.93 -4.34 -0.77
CA GLY A 54 18.62 -4.93 0.52
C GLY A 54 19.65 -5.97 0.93
N GLN A 55 19.63 -6.32 2.21
CA GLN A 55 20.46 -7.40 2.72
C GLN A 55 19.62 -8.62 3.12
N GLY A 56 18.41 -8.71 2.56
CA GLY A 56 17.54 -9.85 2.82
C GLY A 56 17.05 -9.94 4.26
N THR A 57 17.01 -8.80 4.93
CA THR A 57 16.62 -8.75 6.34
C THR A 57 16.21 -7.34 6.74
N THR A 58 15.41 -7.23 7.79
CA THR A 58 15.17 -5.96 8.45
C THR A 58 16.28 -5.72 9.48
N LEU A 59 16.32 -4.52 10.04
CA LEU A 59 17.40 -4.15 10.97
C LEU A 59 17.22 -4.80 12.35
N ASP A 60 16.03 -4.67 12.92
CA ASP A 60 15.73 -5.28 14.22
C ASP A 60 15.37 -6.74 13.94
N ASN A 61 16.40 -7.56 13.78
CA ASN A 61 16.30 -8.90 13.25
C ASN A 61 17.69 -9.50 13.42
N LYS A 62 17.79 -10.70 13.97
CA LYS A 62 19.10 -11.33 14.15
C LYS A 62 19.87 -11.52 12.83
N HIS A 63 19.17 -11.57 11.71
CA HIS A 63 19.84 -11.67 10.41
C HIS A 63 20.58 -10.39 9.99
N SER A 64 20.40 -9.31 10.75
CA SER A 64 21.12 -8.07 10.41
C SER A 64 22.58 -8.17 10.82
N ASN A 65 22.92 -9.15 11.66
CA ASN A 65 24.29 -9.33 12.10
C ASN A 65 25.22 -9.58 10.91
N ASP A 66 26.31 -8.82 10.85
CA ASP A 66 27.37 -8.98 9.86
C ASP A 66 26.94 -8.66 8.42
N THR A 67 26.06 -7.68 8.31
CA THR A 67 25.65 -7.15 7.02
C THR A 67 26.64 -6.14 6.43
N VAL A 68 27.82 -6.02 7.03
CA VAL A 68 28.87 -5.24 6.39
C VAL A 68 29.29 -5.84 5.04
N HIS A 69 29.09 -7.14 4.86
CA HIS A 69 29.55 -7.81 3.64
C HIS A 69 28.76 -7.37 2.42
N ASP A 70 29.46 -7.22 1.30
CA ASP A 70 28.86 -6.59 0.14
C ASP A 70 28.02 -7.54 -0.70
N ARG A 71 28.36 -8.84 -0.70
CA ARG A 71 27.72 -9.77 -1.62
C ARG A 71 27.26 -11.05 -0.93
N ILE A 72 25.95 -11.21 -0.85
CA ILE A 72 25.31 -12.46 -0.42
C ILE A 72 24.14 -12.71 -1.38
N PRO A 73 23.67 -13.96 -1.47
CA PRO A 73 22.64 -14.32 -2.46
C PRO A 73 21.28 -13.71 -2.15
N HIS A 74 21.12 -13.16 -0.94
CA HIS A 74 19.85 -12.65 -0.48
C HIS A 74 19.65 -11.18 -0.76
N ARG A 75 20.68 -10.53 -1.29
CA ARG A 75 20.54 -9.14 -1.67
C ARG A 75 19.62 -9.01 -2.86
N THR A 76 18.69 -8.06 -2.75
CA THR A 76 17.72 -7.79 -3.79
C THR A 76 17.59 -6.27 -3.96
N LEU A 77 17.23 -5.84 -5.16
CA LEU A 77 17.03 -4.43 -5.44
C LEU A 77 15.66 -4.01 -4.95
N LEU A 78 15.62 -3.02 -4.06
CA LEU A 78 14.37 -2.48 -3.52
C LEU A 78 13.99 -1.23 -4.28
N MET A 79 12.69 -1.02 -4.49
CA MET A 79 12.22 0.18 -5.19
C MET A 79 10.94 0.71 -4.59
N ASN A 80 10.99 1.94 -4.09
CA ASN A 80 9.81 2.64 -3.56
C ASN A 80 9.72 4.03 -4.16
N GLU A 81 8.56 4.66 -4.07
CA GLU A 81 8.52 6.10 -4.38
C GLU A 81 9.49 6.83 -3.45
N LEU A 82 10.13 7.87 -3.96
CA LEU A 82 11.12 8.60 -3.17
C LEU A 82 10.48 9.13 -1.88
N GLY A 83 11.11 8.86 -0.75
CA GLY A 83 10.56 9.32 0.52
C GLY A 83 9.71 8.29 1.26
N VAL A 84 9.39 7.19 0.58
CA VAL A 84 8.75 6.06 1.25
C VAL A 84 9.87 5.17 1.76
N PRO A 85 10.02 5.07 3.09
CA PRO A 85 11.16 4.29 3.58
C PRO A 85 10.96 2.83 3.29
N PHE A 86 12.03 2.04 3.39
CA PHE A 86 11.96 0.64 2.99
C PHE A 86 11.28 -0.24 4.04
N HIS A 87 9.95 -0.16 4.07
CA HIS A 87 9.11 -0.95 4.95
C HIS A 87 8.86 -2.35 4.35
N LEU A 88 8.10 -3.18 5.07
CA LEU A 88 7.91 -4.55 4.62
C LEU A 88 7.02 -4.74 3.38
N GLY A 89 6.35 -3.68 2.94
CA GLY A 89 5.58 -3.75 1.71
C GLY A 89 6.39 -3.36 0.49
N THR A 90 7.69 -3.10 0.68
CA THR A 90 8.58 -2.70 -0.42
C THR A 90 8.76 -3.82 -1.43
N ARG A 91 8.70 -3.49 -2.73
CA ARG A 91 8.93 -4.51 -3.74
C ARG A 91 10.42 -4.76 -3.99
N GLN A 92 10.78 -6.04 -3.99
CA GLN A 92 12.11 -6.48 -4.40
C GLN A 92 12.05 -6.75 -5.91
N VAL A 93 12.68 -5.88 -6.68
CA VAL A 93 12.51 -5.86 -8.13
C VAL A 93 13.32 -6.95 -8.84
N CYS A 94 14.41 -7.40 -8.22
CA CYS A 94 15.25 -8.43 -8.82
C CYS A 94 16.26 -8.85 -7.78
N ILE A 95 17.00 -9.93 -8.07
CA ILE A 95 18.08 -10.38 -7.20
C ILE A 95 19.33 -9.61 -7.61
N ALA A 96 19.99 -8.97 -6.66
CA ALA A 96 21.12 -8.09 -7.01
C ALA A 96 22.01 -7.74 -5.82
N TRP A 97 23.31 -7.99 -5.98
CA TRP A 97 24.29 -7.33 -5.10
C TRP A 97 25.05 -6.20 -5.79
N SER A 98 24.65 -5.88 -7.02
CA SER A 98 25.08 -4.69 -7.74
C SER A 98 23.99 -4.37 -8.77
N SER A 99 23.68 -3.09 -8.96
CA SER A 99 22.55 -2.75 -9.84
C SER A 99 22.64 -1.38 -10.49
N SER A 100 21.80 -1.20 -11.51
CA SER A 100 21.53 0.10 -12.07
C SER A 100 20.09 0.06 -12.62
N SER A 101 19.39 1.18 -12.60
CA SER A 101 18.02 1.23 -13.13
C SER A 101 17.80 2.55 -13.85
N CYS A 102 16.89 2.54 -14.83
CA CYS A 102 16.52 3.77 -15.51
C CYS A 102 15.22 3.58 -16.28
N HIS A 103 14.55 4.69 -16.54
CA HIS A 103 13.28 4.67 -17.26
C HIS A 103 13.50 5.34 -18.61
N ASP A 104 13.07 4.68 -19.68
CA ASP A 104 13.31 5.21 -21.02
C ASP A 104 12.22 6.13 -21.57
N GLY A 105 11.23 6.45 -20.73
CA GLY A 105 10.07 7.21 -21.14
C GLY A 105 8.84 6.35 -21.28
N LYS A 106 9.05 5.05 -21.55
CA LYS A 106 7.96 4.08 -21.66
C LYS A 106 7.96 3.06 -20.51
N ALA A 107 9.13 2.60 -20.10
CA ALA A 107 9.19 1.57 -19.07
C ALA A 107 10.53 1.54 -18.34
N TRP A 108 10.59 0.80 -17.23
CA TRP A 108 11.81 0.65 -16.44
C TRP A 108 12.69 -0.46 -16.94
N LEU A 109 13.99 -0.15 -17.02
CA LEU A 109 15.04 -1.14 -17.16
C LEU A 109 15.74 -1.33 -15.82
N HIS A 110 15.98 -2.58 -15.42
CA HIS A 110 16.79 -2.88 -14.26
C HIS A 110 17.93 -3.78 -14.68
N VAL A 111 19.14 -3.44 -14.26
CA VAL A 111 20.32 -4.26 -14.48
C VAL A 111 20.73 -4.83 -13.13
N CYS A 112 20.66 -6.16 -13.00
CA CYS A 112 20.77 -6.80 -11.70
C CYS A 112 21.82 -7.89 -11.72
N ILE A 113 22.86 -7.74 -10.89
CA ILE A 113 23.98 -8.68 -10.89
C ILE A 113 23.98 -9.48 -9.60
N THR A 114 24.05 -10.81 -9.71
CA THR A 114 24.12 -11.66 -8.51
C THR A 114 24.91 -12.93 -8.82
N GLY A 115 25.10 -13.76 -7.82
CA GLY A 115 25.80 -15.02 -8.00
C GLY A 115 27.24 -14.99 -7.50
N ASP A 116 28.00 -16.02 -7.87
CA ASP A 116 29.38 -16.21 -7.41
C ASP A 116 30.30 -15.09 -7.84
N ASP A 117 31.22 -14.70 -6.95
CA ASP A 117 32.22 -13.69 -7.27
C ASP A 117 32.95 -13.95 -8.58
N LYS A 118 33.34 -15.20 -8.82
CA LYS A 118 34.15 -15.51 -9.99
C LYS A 118 33.31 -15.83 -11.22
N ASN A 119 32.00 -15.77 -11.11
CA ASN A 119 31.15 -16.18 -12.24
C ASN A 119 29.72 -15.63 -12.05
N ALA A 120 29.62 -14.31 -11.94
CA ALA A 120 28.32 -13.68 -11.70
C ALA A 120 27.47 -13.61 -12.97
N THR A 121 26.20 -13.26 -12.77
CA THR A 121 25.24 -13.10 -13.86
C THR A 121 24.61 -11.73 -13.76
N ALA A 122 24.56 -10.99 -14.87
CA ALA A 122 23.78 -9.77 -14.94
C ALA A 122 22.48 -10.07 -15.68
N SER A 123 21.35 -9.82 -15.02
CA SER A 123 20.03 -9.93 -15.63
C SER A 123 19.54 -8.56 -16.08
N PHE A 124 18.89 -8.53 -17.26
CA PHE A 124 18.32 -7.30 -17.81
C PHE A 124 16.81 -7.44 -17.88
N ILE A 125 16.13 -6.69 -17.03
CA ILE A 125 14.70 -6.76 -16.88
C ILE A 125 14.11 -5.45 -17.38
N TYR A 126 13.15 -5.57 -18.30
CA TYR A 126 12.56 -4.38 -18.90
C TYR A 126 11.05 -4.55 -18.98
N ASP A 127 10.31 -3.52 -18.57
CA ASP A 127 8.84 -3.55 -18.59
C ASP A 127 8.32 -4.82 -17.93
N GLY A 128 8.96 -5.19 -16.83
CA GLY A 128 8.46 -6.27 -15.99
C GLY A 128 8.82 -7.69 -16.42
N ARG A 129 9.74 -7.83 -17.37
CA ARG A 129 10.14 -9.17 -17.78
C ARG A 129 11.63 -9.26 -18.07
N LEU A 130 12.18 -10.45 -17.82
CA LEU A 130 13.58 -10.70 -18.14
C LEU A 130 13.78 -10.81 -19.64
N VAL A 131 14.62 -9.94 -20.20
CA VAL A 131 14.82 -9.88 -21.64
C VAL A 131 16.21 -10.36 -22.08
N ASP A 132 17.22 -10.19 -21.23
CA ASP A 132 18.58 -10.60 -21.60
C ASP A 132 19.40 -10.90 -20.34
N SER A 133 20.57 -11.49 -20.56
CA SER A 133 21.50 -11.70 -19.46
C SER A 133 22.89 -11.84 -20.03
N ILE A 134 23.89 -11.51 -19.22
CA ILE A 134 25.26 -11.75 -19.62
C ILE A 134 26.05 -12.26 -18.43
N GLY A 135 26.96 -13.20 -18.68
CA GLY A 135 27.80 -13.73 -17.64
C GLY A 135 29.10 -12.95 -17.52
N SER A 136 29.72 -13.09 -16.36
CA SER A 136 31.04 -12.51 -16.07
C SER A 136 32.04 -12.77 -17.19
N TRP A 137 32.74 -11.72 -17.62
CA TRP A 137 33.72 -11.86 -18.70
C TRP A 137 35.16 -11.91 -18.22
N SER A 138 35.40 -11.53 -16.96
CA SER A 138 36.75 -11.55 -16.39
C SER A 138 36.83 -12.36 -15.11
N GLN A 139 35.73 -12.99 -14.73
CA GLN A 139 35.71 -13.90 -13.58
C GLN A 139 36.18 -13.26 -12.28
N ASN A 140 35.82 -11.99 -12.07
CA ASN A 140 36.23 -11.31 -10.85
C ASN A 140 35.30 -10.14 -10.52
N ILE A 141 34.13 -10.51 -9.98
CA ILE A 141 33.12 -9.57 -9.49
C ILE A 141 32.61 -8.60 -10.56
N LEU A 142 31.86 -9.14 -11.51
CA LEU A 142 31.13 -8.32 -12.45
C LEU A 142 30.29 -7.33 -11.62
N ARG A 143 30.32 -6.06 -11.98
CA ARG A 143 29.71 -5.04 -11.14
C ARG A 143 29.35 -3.81 -11.95
N THR A 144 28.41 -3.03 -11.44
CA THR A 144 27.92 -1.89 -12.22
C THR A 144 27.78 -0.60 -11.39
N GLN A 145 26.90 0.31 -11.83
CA GLN A 145 26.97 1.72 -11.39
C GLN A 145 26.57 1.99 -9.95
N GLU A 146 25.56 1.29 -9.45
CA GLU A 146 24.86 1.63 -8.21
C GLU A 146 24.22 3.01 -8.28
N SER A 147 23.85 3.43 -9.49
CA SER A 147 23.05 4.63 -9.69
C SER A 147 22.37 4.53 -11.04
N GLU A 148 21.60 5.54 -11.41
CA GLU A 148 20.74 5.41 -12.60
C GLU A 148 21.51 5.27 -13.91
N CYS A 149 21.01 4.39 -14.77
CA CYS A 149 21.47 4.37 -16.15
C CYS A 149 20.77 5.50 -16.91
N VAL A 150 21.06 5.63 -18.20
CA VAL A 150 20.54 6.76 -18.95
C VAL A 150 20.08 6.31 -20.33
N CYS A 151 18.90 6.76 -20.74
CA CYS A 151 18.31 6.35 -22.01
C CYS A 151 18.01 7.56 -22.88
N ILE A 152 18.38 7.46 -24.16
CA ILE A 152 18.04 8.47 -25.16
C ILE A 152 17.43 7.77 -26.37
N ASN A 153 16.22 8.19 -26.74
CA ASN A 153 15.51 7.61 -27.87
C ASN A 153 15.39 6.09 -27.83
N GLY A 154 15.17 5.55 -26.63
CA GLY A 154 14.90 4.13 -26.48
C GLY A 154 16.13 3.25 -26.35
N THR A 155 17.32 3.85 -26.37
CA THR A 155 18.55 3.10 -26.14
C THR A 155 19.11 3.52 -24.79
N CYS A 156 19.21 2.57 -23.86
CA CYS A 156 19.76 2.84 -22.55
C CYS A 156 21.20 2.37 -22.47
N THR A 157 22.05 3.14 -21.80
CA THR A 157 23.44 2.76 -21.66
C THR A 157 23.80 2.60 -20.19
N VAL A 158 24.68 1.64 -19.92
CA VAL A 158 25.15 1.36 -18.58
C VAL A 158 26.62 0.92 -18.62
N VAL A 159 27.39 1.34 -17.63
CA VAL A 159 28.79 1.00 -17.54
C VAL A 159 28.97 -0.15 -16.55
N MET A 160 29.73 -1.17 -16.95
CA MET A 160 29.95 -2.35 -16.12
C MET A 160 31.44 -2.69 -16.12
N THR A 161 31.93 -3.21 -15.01
CA THR A 161 33.35 -3.56 -14.87
C THR A 161 33.47 -4.99 -14.36
N ASP A 162 34.49 -5.71 -14.83
CA ASP A 162 34.80 -7.05 -14.31
C ASP A 162 36.32 -7.12 -14.20
N GLY A 163 36.84 -7.74 -13.14
CA GLY A 163 38.27 -7.80 -12.97
C GLY A 163 38.77 -7.10 -11.71
N SER A 164 40.08 -6.89 -11.64
CA SER A 164 40.71 -6.44 -10.40
C SER A 164 40.14 -5.14 -9.85
N ALA A 165 40.06 -5.06 -8.52
CA ALA A 165 39.65 -3.84 -7.84
C ALA A 165 40.87 -2.95 -7.55
N SER A 166 42.05 -3.49 -7.79
CA SER A 166 43.29 -2.80 -7.47
C SER A 166 44.31 -2.93 -8.59
N GLY A 167 43.82 -2.97 -9.82
CA GLY A 167 44.66 -3.15 -10.98
C GLY A 167 43.81 -3.05 -12.23
N ARG A 168 44.42 -3.25 -13.39
CA ARG A 168 43.71 -3.14 -14.66
C ARG A 168 42.53 -4.10 -14.74
N ALA A 169 41.38 -3.57 -15.13
CA ALA A 169 40.17 -4.38 -15.24
C ALA A 169 39.57 -4.25 -16.63
N ASP A 170 38.47 -4.96 -16.86
CA ASP A 170 37.81 -4.99 -18.15
C ASP A 170 36.44 -4.31 -18.02
N THR A 171 36.38 -3.05 -18.42
CA THR A 171 35.17 -2.24 -18.35
C THR A 171 34.51 -2.16 -19.71
N ARG A 172 33.19 -2.35 -19.73
CA ARG A 172 32.45 -2.32 -20.98
C ARG A 172 31.23 -1.45 -20.82
N ILE A 173 30.83 -0.83 -21.92
CA ILE A 173 29.66 0.02 -21.96
C ILE A 173 28.61 -0.68 -22.81
N LEU A 174 27.47 -0.97 -22.19
CA LEU A 174 26.41 -1.72 -22.86
C LEU A 174 25.34 -0.77 -23.36
N PHE A 175 24.76 -1.12 -24.50
CA PHE A 175 23.65 -0.39 -25.08
C PHE A 175 22.48 -1.34 -25.19
N ILE A 176 21.37 -0.94 -24.59
CA ILE A 176 20.25 -1.85 -24.33
C ILE A 176 18.94 -1.24 -24.81
N GLU A 177 18.23 -1.96 -25.67
CA GLU A 177 16.98 -1.47 -26.24
C GLU A 177 15.84 -2.39 -25.84
N GLU A 178 14.90 -1.85 -25.06
CA GLU A 178 13.80 -2.63 -24.51
C GLU A 178 14.30 -3.89 -23.82
N GLY A 179 15.39 -3.75 -23.07
CA GLY A 179 15.96 -4.85 -22.31
C GLY A 179 16.96 -5.73 -23.04
N LYS A 180 17.09 -5.56 -24.36
CA LYS A 180 17.97 -6.42 -25.15
C LYS A 180 19.32 -5.73 -25.38
N ILE A 181 20.41 -6.43 -25.09
CA ILE A 181 21.73 -5.86 -25.38
C ILE A 181 21.91 -5.84 -26.89
N VAL A 182 22.04 -4.64 -27.45
CA VAL A 182 22.21 -4.49 -28.90
C VAL A 182 23.63 -4.13 -29.30
N HIS A 183 24.43 -3.66 -28.34
CA HIS A 183 25.82 -3.35 -28.62
C HIS A 183 26.62 -3.31 -27.33
N ILE A 184 27.89 -3.67 -27.41
CA ILE A 184 28.81 -3.54 -26.29
C ILE A 184 30.12 -2.93 -26.78
N SER A 185 30.56 -1.87 -26.12
CA SER A 185 31.82 -1.21 -26.48
C SER A 185 32.80 -1.28 -25.32
N PRO A 186 34.04 -1.67 -25.60
CA PRO A 186 35.06 -1.61 -24.56
C PRO A 186 35.34 -0.18 -24.12
N LEU A 187 35.72 0.00 -22.86
CA LEU A 187 36.22 1.28 -22.42
C LEU A 187 37.43 1.66 -23.28
N SER A 188 37.50 2.93 -23.66
CA SER A 188 38.63 3.48 -24.40
C SER A 188 38.96 4.84 -23.81
N GLY A 189 40.16 5.36 -24.10
CA GLY A 189 40.55 6.65 -23.55
C GLY A 189 41.60 6.50 -22.45
N SER A 190 41.84 7.57 -21.70
CA SER A 190 42.92 7.55 -20.73
C SER A 190 42.54 7.14 -19.30
N ALA A 191 41.26 6.90 -19.05
CA ALA A 191 40.86 6.39 -17.74
C ALA A 191 41.32 4.96 -17.56
N GLN A 192 42.05 4.71 -16.48
CA GLN A 192 42.73 3.43 -16.26
C GLN A 192 42.04 2.47 -15.28
N HIS A 193 41.05 2.96 -14.56
CA HIS A 193 40.26 2.10 -13.69
C HIS A 193 38.94 2.79 -13.49
N ILE A 194 37.88 2.05 -13.77
CA ILE A 194 36.54 2.63 -13.76
C ILE A 194 35.67 1.75 -12.89
N GLU A 195 35.05 2.35 -11.86
CA GLU A 195 33.98 1.68 -11.13
C GLU A 195 32.87 2.65 -10.80
N GLU A 196 31.68 2.11 -10.55
CA GLU A 196 30.58 2.85 -9.91
C GLU A 196 30.32 4.20 -10.57
N CYS A 197 30.15 4.19 -11.88
CA CYS A 197 29.96 5.44 -12.62
C CYS A 197 28.65 6.13 -12.29
N SER A 198 28.71 7.45 -12.18
CA SER A 198 27.53 8.28 -12.01
C SER A 198 27.30 9.01 -13.32
N CYS A 199 26.27 8.60 -14.04
CA CYS A 199 26.08 9.06 -15.41
C CYS A 199 24.89 9.97 -15.55
N TYR A 200 24.94 10.82 -16.56
CA TYR A 200 23.85 11.73 -16.85
C TYR A 200 23.72 12.01 -18.34
N PRO A 201 22.49 12.34 -18.78
CA PRO A 201 22.31 12.67 -20.19
C PRO A 201 22.92 14.04 -20.48
N ARG A 202 23.67 14.12 -21.56
CA ARG A 202 24.18 15.38 -22.07
C ARG A 202 23.95 15.30 -23.57
N TYR A 203 22.68 15.43 -23.95
CA TYR A 203 22.20 15.13 -25.30
C TYR A 203 23.07 15.82 -26.34
N PRO A 204 23.45 15.09 -27.40
CA PRO A 204 22.97 13.75 -27.77
C PRO A 204 23.72 12.59 -27.14
N GLY A 205 24.64 12.83 -26.22
CA GLY A 205 25.37 11.73 -25.61
C GLY A 205 25.10 11.55 -24.12
N VAL A 206 25.93 10.73 -23.50
CA VAL A 206 25.85 10.46 -22.08
C VAL A 206 27.26 10.67 -21.49
N ARG A 207 27.32 11.26 -20.30
CA ARG A 207 28.58 11.54 -19.63
C ARG A 207 28.57 10.94 -18.24
N CYS A 208 29.69 10.34 -17.84
CA CYS A 208 29.79 9.70 -16.53
C CYS A 208 31.02 10.17 -15.76
N ILE A 209 30.85 10.33 -14.46
CA ILE A 209 31.93 10.61 -13.54
C ILE A 209 32.00 9.42 -12.60
N CYS A 210 33.18 8.80 -12.50
CA CYS A 210 33.27 7.53 -11.83
C CYS A 210 34.28 7.52 -10.67
N ARG A 211 34.66 6.31 -10.28
CA ARG A 211 35.60 6.07 -9.21
C ARG A 211 36.77 5.28 -9.82
N ASP A 212 37.98 5.78 -9.63
CA ASP A 212 39.19 5.02 -9.97
C ASP A 212 39.52 4.27 -8.69
N ASN A 213 39.64 2.95 -8.67
CA ASN A 213 39.94 2.31 -7.38
C ASN A 213 41.41 1.94 -7.23
N TRP A 214 42.18 2.28 -8.25
CA TRP A 214 43.55 1.81 -8.36
C TRP A 214 44.55 2.93 -8.11
N LYS A 215 44.56 3.94 -8.97
CA LYS A 215 45.64 4.92 -8.95
C LYS A 215 45.27 6.39 -8.77
N GLY A 216 43.99 6.72 -8.60
CA GLY A 216 43.66 8.14 -8.62
C GLY A 216 42.64 8.61 -7.59
N SER A 217 42.93 9.73 -6.94
CA SER A 217 41.92 10.38 -6.10
C SER A 217 41.16 11.41 -6.93
N ASN A 218 41.64 11.65 -8.15
CA ASN A 218 40.86 12.38 -9.13
C ASN A 218 39.86 11.43 -9.80
N ARG A 219 38.66 11.92 -10.11
CA ARG A 219 37.64 11.04 -10.68
C ARG A 219 37.73 10.91 -12.19
N PRO A 220 37.62 9.67 -12.69
CA PRO A 220 37.56 9.47 -14.13
C PRO A 220 36.27 10.01 -14.74
N VAL A 221 36.36 10.33 -16.02
CA VAL A 221 35.23 10.74 -16.84
C VAL A 221 35.10 9.75 -17.98
N VAL A 222 33.87 9.31 -18.28
CA VAL A 222 33.62 8.50 -19.47
C VAL A 222 32.58 9.18 -20.33
N ASP A 223 32.88 9.35 -21.61
CA ASP A 223 31.94 9.94 -22.55
C ASP A 223 31.44 8.87 -23.51
N ILE A 224 30.13 8.79 -23.67
CA ILE A 224 29.50 7.75 -24.46
C ILE A 224 28.75 8.36 -25.64
N ASN A 225 29.14 7.96 -26.84
CA ASN A 225 28.46 8.40 -28.06
C ASN A 225 27.36 7.40 -28.40
N MET A 226 26.12 7.88 -28.42
CA MET A 226 24.96 7.01 -28.62
C MET A 226 24.65 6.76 -30.09
N GLU A 227 25.35 7.49 -30.97
CA GLU A 227 25.18 7.35 -32.41
C GLU A 227 26.03 6.24 -32.98
N ASP A 228 27.32 6.22 -32.61
CA ASP A 228 28.23 5.22 -33.17
C ASP A 228 28.87 4.31 -32.12
N TYR A 229 28.42 4.45 -30.88
CA TYR A 229 28.87 3.61 -29.78
C TYR A 229 30.32 3.84 -29.36
N SER A 230 30.95 4.91 -29.85
CA SER A 230 32.32 5.15 -29.46
C SER A 230 32.42 5.68 -28.03
N ILE A 231 33.55 5.41 -27.40
CA ILE A 231 33.78 5.76 -26.01
C ILE A 231 35.04 6.59 -25.91
N ASP A 232 35.03 7.62 -25.05
CA ASP A 232 36.25 8.32 -24.69
C ASP A 232 36.29 8.41 -23.18
N SER A 233 37.47 8.67 -22.62
CA SER A 233 37.59 8.79 -21.18
C SER A 233 38.82 9.60 -20.82
N SER A 234 38.81 10.14 -19.61
CA SER A 234 39.85 11.04 -19.13
C SER A 234 39.62 11.20 -17.63
N TYR A 235 40.16 12.25 -17.04
CA TYR A 235 39.93 12.55 -15.62
C TYR A 235 39.39 13.97 -15.45
N VAL A 236 38.55 14.15 -14.45
CA VAL A 236 38.06 15.48 -14.13
C VAL A 236 39.24 16.43 -13.90
N CYS A 237 39.19 17.60 -14.55
CA CYS A 237 40.29 18.56 -14.51
C CYS A 237 40.58 19.15 -13.13
N SER A 238 39.53 19.37 -12.34
CA SER A 238 39.65 20.06 -11.06
C SER A 238 40.79 19.57 -10.15
N GLY A 239 41.59 20.50 -9.65
CA GLY A 239 42.59 20.17 -8.65
C GLY A 239 42.00 19.96 -7.27
N LEU A 240 40.75 20.37 -7.09
CA LEU A 240 39.96 19.98 -5.93
C LEU A 240 39.31 18.66 -6.30
N VAL A 241 39.90 17.57 -5.82
CA VAL A 241 39.53 16.24 -6.28
C VAL A 241 38.35 15.64 -5.50
N GLY A 242 37.65 14.71 -6.14
CA GLY A 242 36.38 14.24 -5.62
C GLY A 242 36.36 12.94 -4.84
N ASP A 243 37.45 12.17 -4.89
CA ASP A 243 37.47 10.87 -4.22
C ASP A 243 37.92 10.96 -2.76
N THR A 244 37.77 9.84 -2.06
CA THR A 244 38.22 9.72 -0.68
C THR A 244 38.76 8.31 -0.52
N PRO A 245 40.01 8.15 -0.05
CA PRO A 245 40.93 9.18 0.45
C PRO A 245 41.54 10.07 -0.65
N ARG A 246 42.15 11.17 -0.23
CA ARG A 246 42.79 12.12 -1.14
C ARG A 246 43.77 12.97 -0.33
N ASN A 247 44.66 13.68 -1.01
CA ASN A 247 45.52 14.64 -0.34
C ASN A 247 44.70 15.85 0.12
N ASP A 248 45.28 16.68 0.97
CA ASP A 248 44.67 17.97 1.30
C ASP A 248 44.62 18.85 0.04
N ASP A 249 43.82 19.91 0.07
CA ASP A 249 43.62 20.73 -1.13
C ASP A 249 44.92 21.36 -1.65
N SER A 250 45.86 21.63 -0.75
CA SER A 250 47.10 22.31 -1.16
C SER A 250 48.02 21.37 -1.96
N SER A 251 47.90 20.07 -1.74
CA SER A 251 48.80 19.12 -2.38
C SER A 251 48.05 18.14 -3.28
N SER A 252 46.78 18.40 -3.55
CA SER A 252 46.04 17.54 -4.47
C SER A 252 46.17 18.06 -5.90
N ASN A 253 46.15 17.16 -6.88
CA ASN A 253 46.34 17.54 -8.27
C ASN A 253 45.54 16.71 -9.25
N SER A 254 45.24 17.31 -10.40
CA SER A 254 44.75 16.56 -11.55
C SER A 254 45.21 17.24 -12.82
N ASN A 255 45.64 16.44 -13.79
CA ASN A 255 46.03 16.99 -15.08
C ASN A 255 45.00 16.72 -16.19
N CYS A 256 43.82 16.24 -15.80
CA CYS A 256 42.72 15.92 -16.73
C CYS A 256 42.91 14.62 -17.50
N ARG A 257 44.09 14.01 -17.40
CA ARG A 257 44.44 12.95 -18.35
C ARG A 257 44.77 11.63 -17.67
N ASN A 258 45.55 11.69 -16.60
CA ASN A 258 46.02 10.48 -15.93
C ASN A 258 45.58 10.48 -14.49
N PRO A 259 45.48 9.30 -13.88
CA PRO A 259 45.27 9.28 -12.43
C PRO A 259 46.43 9.93 -11.70
N ASN A 260 46.14 10.60 -10.59
CA ASN A 260 47.14 11.41 -9.90
C ASN A 260 48.10 10.67 -8.98
N ASN A 261 47.84 9.38 -8.75
CA ASN A 261 48.65 8.56 -7.84
C ASN A 261 48.70 9.11 -6.43
N GLU A 262 47.70 9.91 -6.07
CA GLU A 262 47.64 10.52 -4.76
C GLU A 262 46.61 9.78 -3.97
N ARG A 263 47.07 8.92 -3.07
CA ARG A 263 46.18 8.08 -2.28
C ARG A 263 45.17 7.44 -3.22
N GLY A 264 45.69 6.91 -4.32
CA GLY A 264 44.85 6.46 -5.42
C GLY A 264 44.19 5.12 -5.21
N THR A 265 44.61 4.36 -4.21
CA THR A 265 43.96 3.08 -3.94
C THR A 265 42.69 3.29 -3.12
N GLN A 266 41.73 2.38 -3.30
CA GLN A 266 40.41 2.43 -2.66
C GLN A 266 39.61 3.59 -3.24
N GLY A 267 38.61 4.06 -2.53
CA GLY A 267 37.81 5.18 -2.99
C GLY A 267 36.34 5.04 -2.66
N VAL A 268 35.53 5.96 -3.16
CA VAL A 268 34.10 5.93 -2.91
C VAL A 268 33.36 6.41 -4.15
N LYS A 269 32.19 5.85 -4.40
CA LYS A 269 31.36 6.32 -5.50
C LYS A 269 30.96 7.78 -5.27
N GLY A 270 31.06 8.57 -6.32
CA GLY A 270 30.68 9.98 -6.27
C GLY A 270 30.24 10.51 -7.62
N TRP A 271 30.18 11.83 -7.72
CA TRP A 271 29.63 12.47 -8.91
C TRP A 271 30.17 13.87 -9.11
N ALA A 272 29.99 14.36 -10.33
CA ALA A 272 30.23 15.74 -10.70
C ALA A 272 29.53 15.99 -12.01
N PHE A 273 29.38 17.25 -12.40
CA PHE A 273 28.90 17.53 -13.76
C PHE A 273 29.47 18.85 -14.26
N ASP A 274 29.62 18.92 -15.58
CA ASP A 274 30.18 20.11 -16.22
C ASP A 274 29.12 21.19 -16.40
N ASN A 275 29.53 22.44 -16.30
CA ASN A 275 28.74 23.51 -16.86
C ASN A 275 29.67 24.48 -17.55
N GLY A 276 29.74 24.35 -18.86
CA GLY A 276 30.72 25.07 -19.66
C GLY A 276 32.12 24.71 -19.20
N ASN A 277 32.88 25.70 -18.81
CA ASN A 277 34.23 25.44 -18.33
C ASN A 277 34.27 25.07 -16.86
N ASP A 278 33.15 25.24 -16.18
CA ASP A 278 33.10 25.05 -14.72
C ASP A 278 32.61 23.65 -14.36
N LEU A 279 32.76 23.31 -13.09
CA LEU A 279 32.40 21.99 -12.59
C LEU A 279 31.61 22.11 -11.31
N TRP A 280 30.44 21.47 -11.25
CA TRP A 280 29.74 21.28 -9.98
C TRP A 280 30.08 19.89 -9.47
N MET A 281 30.40 19.78 -8.19
CA MET A 281 30.81 18.49 -7.65
C MET A 281 30.49 18.34 -6.17
N GLY A 282 30.40 17.09 -5.74
CA GLY A 282 30.26 16.77 -4.34
C GLY A 282 31.45 15.94 -3.90
N ARG A 283 31.70 15.92 -2.60
CA ARG A 283 32.69 15.00 -2.03
C ARG A 283 32.50 14.91 -0.52
N THR A 284 33.13 13.93 0.10
CA THR A 284 33.09 13.90 1.57
C THR A 284 33.91 15.07 2.11
N ILE A 285 33.58 15.53 3.31
CA ILE A 285 34.35 16.63 3.89
C ILE A 285 35.70 16.11 4.37
N SER A 286 35.70 14.98 5.05
CA SER A 286 36.95 14.34 5.45
C SER A 286 37.75 13.91 4.22
N LYS A 287 39.07 14.03 4.29
CA LYS A 287 39.90 13.51 3.21
C LYS A 287 40.34 12.08 3.50
N GLU A 288 39.96 11.57 4.67
CA GLU A 288 40.39 10.24 5.13
C GLU A 288 39.27 9.20 5.05
N SER A 289 38.07 9.60 5.43
CA SER A 289 36.98 8.65 5.58
C SER A 289 35.69 9.20 5.00
N ARG A 290 34.66 8.36 4.99
CA ARG A 290 33.36 8.75 4.43
C ARG A 290 32.58 9.49 5.51
N SER A 291 33.07 10.70 5.79
CA SER A 291 32.57 11.56 6.85
C SER A 291 32.26 12.93 6.23
N GLY A 292 31.08 13.46 6.53
CA GLY A 292 30.65 14.74 6.00
C GLY A 292 30.34 14.68 4.52
N TYR A 293 29.71 15.74 4.01
CA TYR A 293 29.47 15.84 2.57
C TYR A 293 29.29 17.31 2.21
N GLU A 294 30.00 17.74 1.17
CA GLU A 294 29.97 19.12 0.70
C GLU A 294 29.82 19.17 -0.82
N THR A 295 29.20 20.23 -1.31
CA THR A 295 29.15 20.50 -2.74
C THR A 295 29.73 21.88 -2.98
N PHE A 296 30.23 22.11 -4.20
CA PHE A 296 30.69 23.43 -4.61
C PHE A 296 30.90 23.47 -6.10
N LYS A 297 31.11 24.68 -6.62
CA LYS A 297 31.45 24.87 -8.01
C LYS A 297 32.94 25.18 -8.11
N VAL A 298 33.64 24.50 -9.01
CA VAL A 298 35.03 24.81 -9.27
C VAL A 298 35.10 25.61 -10.56
N ILE A 299 35.63 26.83 -10.47
CA ILE A 299 35.76 27.70 -11.62
C ILE A 299 36.85 27.15 -12.52
N GLY A 300 36.49 26.84 -13.75
CA GLY A 300 37.40 26.18 -14.66
C GLY A 300 37.61 24.71 -14.35
N GLY A 301 36.78 24.18 -13.43
CA GLY A 301 36.95 22.81 -12.97
C GLY A 301 36.74 21.73 -14.04
N TRP A 302 36.07 22.09 -15.12
CA TRP A 302 35.90 21.15 -16.23
C TRP A 302 36.98 21.25 -17.28
N SER A 303 37.41 22.47 -17.59
CA SER A 303 38.28 22.69 -18.75
C SER A 303 39.74 22.97 -18.41
N THR A 304 40.00 23.47 -17.21
CA THR A 304 41.35 23.91 -16.85
C THR A 304 42.02 22.94 -15.90
N PRO A 305 43.14 22.32 -16.34
CA PRO A 305 43.88 21.40 -15.48
C PRO A 305 44.25 22.03 -14.14
N ASN A 306 44.00 21.29 -13.08
CA ASN A 306 44.41 21.67 -11.73
C ASN A 306 43.76 22.93 -11.15
N SER A 307 42.60 23.32 -11.69
CA SER A 307 41.84 24.45 -11.16
C SER A 307 41.43 24.22 -9.70
N LYS A 308 41.62 25.24 -8.84
CA LYS A 308 41.31 25.08 -7.43
C LYS A 308 40.50 26.22 -6.83
N SER A 309 39.97 27.09 -7.67
CA SER A 309 39.15 28.17 -7.17
C SER A 309 37.71 27.66 -7.05
N GLN A 310 37.21 27.58 -5.81
CA GLN A 310 35.81 27.19 -5.65
C GLN A 310 34.92 28.35 -5.22
N VAL A 311 33.62 28.18 -5.45
CA VAL A 311 32.63 29.15 -5.01
C VAL A 311 31.34 28.38 -4.75
N ASN A 312 30.40 28.99 -4.03
CA ASN A 312 29.08 28.39 -3.82
C ASN A 312 29.09 27.06 -3.08
N ARG A 313 30.00 26.96 -2.12
CA ARG A 313 30.03 25.78 -1.27
C ARG A 313 28.73 25.67 -0.49
N GLN A 314 28.29 24.42 -0.30
CA GLN A 314 27.22 24.11 0.65
C GLN A 314 27.59 22.88 1.44
N VAL A 315 27.40 22.93 2.75
CA VAL A 315 27.48 21.72 3.56
C VAL A 315 26.16 20.97 3.42
N ILE A 316 26.23 19.69 3.08
CA ILE A 316 25.03 18.83 3.04
C ILE A 316 24.95 18.01 4.33
N VAL A 317 26.09 17.46 4.74
CA VAL A 317 26.20 16.70 5.98
C VAL A 317 27.45 17.18 6.69
N ASP A 318 27.32 17.64 7.92
CA ASP A 318 28.52 18.15 8.60
C ASP A 318 29.52 17.03 8.87
N ASN A 319 30.77 17.42 9.14
CA ASN A 319 31.86 16.46 9.27
C ASN A 319 31.87 15.71 10.60
N ASN A 320 30.83 15.91 11.41
CA ASN A 320 30.68 15.10 12.61
C ASN A 320 29.78 13.90 12.36
N ASN A 321 29.38 13.72 11.11
CA ASN A 321 28.41 12.70 10.76
C ASN A 321 28.85 11.88 9.56
N TRP A 322 28.44 10.61 9.52
CA TRP A 322 28.87 9.70 8.46
C TRP A 322 28.12 9.93 7.15
N SER A 323 28.86 9.81 6.06
CA SER A 323 28.25 9.81 4.73
C SER A 323 28.48 8.45 4.08
N GLY A 324 28.92 8.42 2.84
CA GLY A 324 28.92 7.17 2.09
C GLY A 324 28.95 7.44 0.60
N ASP A 325 28.39 6.51 -0.18
CA ASP A 325 28.27 6.68 -1.63
C ASP A 325 27.44 7.92 -1.95
N SER A 326 27.66 8.50 -3.13
CA SER A 326 26.78 9.55 -3.60
C SER A 326 26.70 9.43 -5.10
N GLY A 327 25.63 9.94 -5.69
CA GLY A 327 25.49 9.83 -7.13
C GLY A 327 24.51 10.85 -7.66
N ILE A 328 24.53 10.99 -8.99
CA ILE A 328 23.70 11.96 -9.66
C ILE A 328 22.44 11.29 -10.22
N PHE A 329 21.38 12.09 -10.36
CA PHE A 329 20.24 11.73 -11.21
C PHE A 329 19.75 13.00 -11.89
N SER A 330 19.05 12.84 -13.00
CA SER A 330 18.63 13.98 -13.81
C SER A 330 17.11 13.98 -13.91
N VAL A 331 16.54 15.19 -13.86
CA VAL A 331 15.08 15.33 -13.83
C VAL A 331 14.66 16.38 -14.86
N GLU A 332 13.79 15.98 -15.77
CA GLU A 332 13.36 16.88 -16.84
C GLU A 332 12.35 17.90 -16.35
N GLY A 333 12.67 19.18 -16.55
CA GLY A 333 11.74 20.24 -16.23
C GLY A 333 11.09 20.73 -17.51
N LYS A 334 10.31 21.80 -17.39
CA LYS A 334 9.58 22.33 -18.53
C LYS A 334 10.53 22.76 -19.67
N SER A 335 11.63 23.41 -19.32
CA SER A 335 12.52 23.98 -20.31
C SER A 335 13.98 23.54 -20.22
N CYS A 336 14.34 22.83 -19.16
CA CYS A 336 15.73 22.41 -18.99
C CYS A 336 15.81 21.10 -18.23
N ILE A 337 16.97 20.45 -18.32
CA ILE A 337 17.22 19.22 -17.56
C ILE A 337 17.98 19.56 -16.29
N ASN A 338 17.42 19.21 -15.15
CA ASN A 338 18.04 19.54 -13.87
C ASN A 338 18.94 18.41 -13.39
N ARG A 339 19.95 18.75 -12.59
CA ARG A 339 20.80 17.75 -11.98
C ARG A 339 20.53 17.71 -10.48
N CYS A 340 20.39 16.49 -9.96
CA CYS A 340 20.17 16.26 -8.54
C CYS A 340 21.18 15.23 -8.06
N PHE A 341 21.29 15.08 -6.75
CA PHE A 341 22.16 14.05 -6.21
C PHE A 341 21.62 13.52 -4.89
N TYR A 342 22.03 12.31 -4.55
CA TYR A 342 21.70 11.71 -3.26
C TYR A 342 23.01 11.43 -2.54
N VAL A 343 22.91 11.32 -1.22
CA VAL A 343 24.02 10.89 -0.38
C VAL A 343 23.56 9.74 0.50
N GLU A 344 24.31 8.65 0.44
CA GLU A 344 24.15 7.51 1.32
C GLU A 344 24.76 7.82 2.67
N LEU A 345 23.97 7.64 3.74
CA LEU A 345 24.42 7.96 5.08
C LEU A 345 24.58 6.63 5.83
N ILE A 346 25.81 6.11 5.87
CA ILE A 346 26.05 4.76 6.37
C ILE A 346 26.15 4.75 7.88
N ARG A 347 25.40 3.85 8.52
CA ARG A 347 25.46 3.69 9.97
C ARG A 347 25.81 2.25 10.32
N GLY A 348 26.40 2.07 11.50
CA GLY A 348 26.85 0.75 11.92
C GLY A 348 28.29 0.43 11.58
N ARG A 349 28.58 -0.86 11.40
CA ARG A 349 29.95 -1.29 11.18
C ARG A 349 30.43 -0.91 9.79
N PRO A 350 31.74 -0.67 9.63
CA PRO A 350 32.78 -0.86 10.64
C PRO A 350 32.98 0.31 11.61
N GLN A 351 32.48 1.50 11.30
CA GLN A 351 32.79 2.67 12.14
C GLN A 351 32.14 2.65 13.52
N GLU A 352 30.95 2.06 13.62
CA GLU A 352 30.18 2.08 14.86
C GLU A 352 29.94 0.66 15.32
N THR A 353 30.74 0.21 16.29
CA THR A 353 30.75 -1.20 16.66
C THR A 353 29.79 -1.60 17.79
N ARG A 354 29.04 -0.66 18.35
CA ARG A 354 28.03 -1.00 19.35
C ARG A 354 27.00 -1.97 18.75
N VAL A 355 26.70 -1.77 17.47
CA VAL A 355 25.77 -2.63 16.75
C VAL A 355 26.53 -3.57 15.83
N TRP A 356 25.86 -4.63 15.38
CA TRP A 356 26.51 -5.64 14.54
C TRP A 356 26.16 -5.55 13.06
N TRP A 357 25.23 -4.65 12.73
CA TRP A 357 24.75 -4.48 11.37
C TRP A 357 25.42 -3.29 10.67
N THR A 358 25.17 -3.18 9.37
CA THR A 358 25.55 -2.02 8.57
C THR A 358 24.34 -1.69 7.73
N SER A 359 23.92 -0.43 7.74
CA SER A 359 22.78 -0.01 6.93
C SER A 359 22.96 1.46 6.56
N ASN A 360 21.94 2.07 5.98
CA ASN A 360 22.06 3.47 5.60
C ASN A 360 20.71 4.13 5.51
N SER A 361 20.71 5.46 5.61
CA SER A 361 19.57 6.26 5.15
C SER A 361 20.05 7.12 3.98
N ILE A 362 19.16 7.97 3.46
CA ILE A 362 19.55 8.86 2.37
C ILE A 362 19.09 10.28 2.61
N VAL A 363 19.79 11.20 1.98
CA VAL A 363 19.36 12.58 1.87
C VAL A 363 19.56 12.98 0.41
N VAL A 364 18.67 13.81 -0.12
CA VAL A 364 18.62 14.10 -1.55
C VAL A 364 18.42 15.59 -1.78
N PHE A 365 19.17 16.15 -2.72
CA PHE A 365 19.14 17.59 -3.04
C PHE A 365 19.00 17.72 -4.55
N CYS A 366 18.36 18.80 -5.01
CA CYS A 366 18.22 19.07 -6.43
C CYS A 366 18.75 20.45 -6.81
N GLY A 367 19.28 20.55 -8.02
CA GLY A 367 19.74 21.83 -8.53
C GLY A 367 18.67 22.89 -8.45
N THR A 368 19.08 24.13 -8.18
CA THR A 368 18.13 25.24 -8.19
C THR A 368 18.76 26.42 -8.90
N SER A 369 17.92 27.22 -9.55
CA SER A 369 18.37 28.50 -10.09
C SER A 369 18.00 29.64 -9.15
N GLY A 370 17.37 29.30 -8.02
CA GLY A 370 16.95 30.29 -7.04
C GLY A 370 17.99 30.53 -5.96
N THR A 371 17.53 30.82 -4.76
CA THR A 371 18.43 31.04 -3.64
C THR A 371 18.14 30.05 -2.53
N TYR A 372 19.00 30.05 -1.52
CA TYR A 372 18.98 29.03 -0.49
C TYR A 372 19.84 29.49 0.67
N GLY A 373 19.72 28.78 1.78
CA GLY A 373 20.48 29.07 2.98
C GLY A 373 21.47 27.98 3.30
N THR A 374 21.52 27.59 4.57
CA THR A 374 22.49 26.60 5.04
C THR A 374 21.84 25.64 6.04
N GLY A 375 22.49 24.50 6.22
CA GLY A 375 22.08 23.54 7.22
C GLY A 375 22.97 22.32 7.19
N SER A 376 22.50 21.25 7.83
CA SER A 376 23.18 19.96 7.81
C SER A 376 22.10 18.92 8.04
N TRP A 377 22.08 17.89 7.20
CA TRP A 377 21.01 16.91 7.23
C TRP A 377 21.60 15.51 7.29
N PRO A 378 22.14 15.15 8.44
CA PRO A 378 22.77 13.84 8.61
C PRO A 378 21.74 12.74 8.86
N ASP A 379 22.19 11.52 9.03
CA ASP A 379 21.27 10.42 9.27
C ASP A 379 20.36 10.68 10.46
N GLY A 380 20.95 11.05 11.59
CA GLY A 380 20.18 11.46 12.76
C GLY A 380 19.87 10.41 13.79
N ALA A 381 20.23 9.16 13.54
CA ALA A 381 19.96 8.13 14.55
C ALA A 381 20.98 8.25 15.66
N ASN A 382 20.55 7.94 16.89
CA ASN A 382 21.44 7.84 18.03
C ASN A 382 21.87 6.37 18.11
N ILE A 383 23.16 6.10 17.92
CA ILE A 383 23.63 4.72 17.88
C ILE A 383 23.28 3.96 19.18
N ASN A 384 23.18 4.69 20.29
CA ASN A 384 22.83 4.09 21.58
C ASN A 384 21.36 3.66 21.69
N PHE A 385 20.52 4.17 20.79
CA PHE A 385 19.09 3.88 20.81
C PHE A 385 18.73 2.72 19.88
N MET A 386 19.72 2.19 19.16
CA MET A 386 19.46 1.17 18.14
C MET A 386 19.48 -0.25 18.69
N PRO A 387 18.61 -1.11 18.14
CA PRO A 387 18.80 -2.55 18.34
C PRO A 387 20.19 -2.90 17.85
N ILE A 388 20.90 -3.79 18.53
CA ILE A 388 22.23 -4.14 18.10
C ILE A 388 22.25 -5.24 17.03
N VAL B 1 -9.02 -4.28 -24.09
CA VAL B 1 -8.00 -5.32 -24.02
C VAL B 1 -8.44 -6.60 -24.74
N GLU B 2 -7.48 -7.25 -25.41
CA GLU B 2 -7.77 -8.47 -26.15
C GLU B 2 -7.38 -9.69 -25.34
N TYR B 3 -8.00 -10.83 -25.65
CA TYR B 3 -7.60 -12.09 -25.04
C TYR B 3 -6.20 -12.48 -25.49
N ARG B 4 -5.45 -13.08 -24.57
CA ARG B 4 -4.17 -13.70 -24.89
C ARG B 4 -4.38 -14.93 -25.75
N ASN B 5 -3.55 -15.07 -26.78
CA ASN B 5 -3.52 -16.28 -27.57
C ASN B 5 -2.21 -17.06 -27.46
N TRP B 6 -1.16 -16.41 -26.94
CA TRP B 6 0.16 -17.02 -26.81
C TRP B 6 0.68 -17.55 -28.14
N SER B 7 0.31 -16.87 -29.23
CA SER B 7 0.60 -17.35 -30.58
C SER B 7 1.93 -16.80 -31.11
N LYS B 8 2.99 -17.04 -30.34
CA LYS B 8 4.36 -16.73 -30.73
C LYS B 8 5.20 -17.96 -30.49
N PRO B 9 6.33 -18.08 -31.19
CA PRO B 9 7.18 -19.24 -30.92
C PRO B 9 7.79 -19.16 -29.52
N GLN B 10 8.19 -20.31 -29.00
CA GLN B 10 8.91 -20.36 -27.75
C GLN B 10 10.27 -19.70 -27.92
N CYS B 11 10.66 -18.87 -26.95
CA CYS B 11 11.98 -18.25 -26.98
C CYS B 11 13.08 -19.29 -27.01
N GLN B 12 14.16 -18.95 -27.71
CA GLN B 12 15.39 -19.70 -27.65
C GLN B 12 15.88 -19.61 -26.22
N ILE B 13 16.27 -20.71 -25.61
CA ILE B 13 16.96 -20.56 -24.34
C ILE B 13 18.26 -21.33 -24.27
N THR B 14 19.20 -20.74 -23.56
CA THR B 14 20.51 -21.32 -23.34
C THR B 14 20.64 -21.73 -21.89
N GLY B 15 19.60 -21.42 -21.10
CA GLY B 15 19.60 -21.66 -19.66
C GLY B 15 18.71 -20.61 -19.03
N PHE B 16 18.94 -20.30 -17.76
CA PHE B 16 18.05 -19.43 -17.00
C PHE B 16 18.83 -18.38 -16.24
N ALA B 17 18.23 -17.21 -16.08
CA ALA B 17 18.86 -16.11 -15.39
C ALA B 17 18.03 -15.72 -14.17
N PRO B 18 18.69 -15.23 -13.11
CA PRO B 18 17.96 -14.85 -11.89
C PRO B 18 16.89 -13.77 -12.13
N PHE B 19 15.73 -13.93 -11.53
CA PHE B 19 14.61 -13.01 -11.75
C PHE B 19 14.05 -12.39 -10.47
N SER B 20 13.82 -13.20 -9.44
CA SER B 20 13.22 -12.68 -8.21
C SER B 20 13.53 -13.57 -7.01
N LYS B 21 13.46 -13.01 -5.81
CA LYS B 21 13.63 -13.75 -4.57
C LYS B 21 12.93 -12.94 -3.48
N ASP B 22 12.19 -13.60 -2.58
CA ASP B 22 11.44 -12.80 -1.63
C ASP B 22 11.95 -12.78 -0.18
N ASN B 23 12.84 -13.70 0.18
CA ASN B 23 13.47 -13.67 1.50
C ASN B 23 12.49 -13.74 2.67
N SER B 24 11.39 -14.44 2.46
CA SER B 24 10.25 -14.43 3.37
C SER B 24 10.61 -14.86 4.79
N ILE B 25 11.40 -15.91 4.90
CA ILE B 25 11.70 -16.48 6.20
C ILE B 25 12.69 -15.62 6.98
N ARG B 26 13.74 -15.14 6.30
CA ARG B 26 14.62 -14.18 6.93
C ARG B 26 13.84 -12.98 7.49
N LEU B 27 12.90 -12.46 6.70
CA LEU B 27 12.10 -11.30 7.11
C LEU B 27 11.19 -11.63 8.28
N SER B 28 10.72 -12.88 8.33
CA SER B 28 9.76 -13.34 9.34
C SER B 28 10.33 -13.25 10.75
N ALA B 29 11.66 -13.24 10.84
CA ALA B 29 12.34 -13.10 12.13
C ALA B 29 12.40 -11.67 12.65
N GLY B 30 11.88 -10.73 11.87
CA GLY B 30 11.91 -9.32 12.26
C GLY B 30 10.85 -8.57 11.49
N GLY B 31 9.63 -9.06 11.60
CA GLY B 31 8.51 -8.51 10.88
C GLY B 31 7.37 -9.50 10.85
N ASP B 32 6.18 -8.99 10.55
CA ASP B 32 4.98 -9.80 10.52
C ASP B 32 4.74 -10.28 9.09
N ILE B 33 5.01 -11.56 8.86
CA ILE B 33 4.98 -12.15 7.53
C ILE B 33 4.13 -13.41 7.59
N TRP B 34 3.28 -13.59 6.60
CA TRP B 34 2.41 -14.76 6.48
C TRP B 34 3.19 -16.08 6.46
N VAL B 35 2.64 -17.07 7.15
CA VAL B 35 3.06 -18.46 6.96
C VAL B 35 2.40 -18.97 5.69
N THR B 36 3.18 -19.56 4.80
CA THR B 36 2.67 -20.03 3.51
C THR B 36 3.20 -21.40 3.14
N ARG B 37 2.63 -21.99 2.08
CA ARG B 37 3.26 -23.04 1.29
C ARG B 37 2.55 -23.05 -0.06
N GLU B 38 3.00 -23.90 -0.97
CA GLU B 38 2.44 -24.00 -2.33
C GLU B 38 2.41 -22.65 -3.06
N PRO B 39 3.57 -21.99 -3.16
CA PRO B 39 3.62 -20.71 -3.87
C PRO B 39 3.63 -20.92 -5.39
N TYR B 40 3.33 -19.86 -6.13
CA TYR B 40 3.56 -19.88 -7.57
C TYR B 40 3.62 -18.47 -8.10
N VAL B 41 3.91 -18.31 -9.38
CA VAL B 41 3.99 -17.02 -10.04
C VAL B 41 3.10 -17.03 -11.27
N SER B 42 2.39 -15.93 -11.52
CA SER B 42 1.67 -15.77 -12.77
C SER B 42 1.64 -14.30 -13.13
N CYS B 43 1.68 -14.00 -14.41
CA CYS B 43 1.79 -12.61 -14.83
C CYS B 43 0.60 -12.19 -15.67
N ASP B 44 0.11 -10.98 -15.43
CA ASP B 44 -0.82 -10.37 -16.38
C ASP B 44 0.02 -9.83 -17.56
N PRO B 45 -0.63 -9.24 -18.58
CA PRO B 45 0.23 -8.82 -19.71
C PRO B 45 1.34 -7.81 -19.36
N GLY B 46 1.20 -7.08 -18.25
CA GLY B 46 2.18 -6.09 -17.87
C GLY B 46 3.18 -6.50 -16.80
N LYS B 47 2.70 -7.20 -15.76
CA LYS B 47 3.60 -7.52 -14.65
C LYS B 47 3.25 -8.83 -13.97
N CYS B 48 4.22 -9.33 -13.21
CA CYS B 48 4.10 -10.62 -12.56
C CYS B 48 3.67 -10.50 -11.10
N TYR B 49 3.00 -11.54 -10.63
CA TYR B 49 2.53 -11.63 -9.26
C TYR B 49 3.00 -12.91 -8.63
N GLN B 50 3.27 -12.85 -7.32
CA GLN B 50 3.50 -14.07 -6.55
C GLN B 50 2.26 -14.42 -5.76
N PHE B 51 1.98 -15.72 -5.73
CA PHE B 51 0.83 -16.28 -5.07
C PHE B 51 1.32 -17.31 -4.07
N ALA B 52 0.53 -17.59 -3.05
CA ALA B 52 0.80 -18.75 -2.18
C ALA B 52 -0.43 -19.04 -1.34
N LEU B 53 -0.48 -20.21 -0.74
CA LEU B 53 -1.56 -20.52 0.18
C LEU B 53 -1.14 -20.15 1.58
N GLY B 54 -1.81 -19.15 2.15
CA GLY B 54 -1.54 -18.81 3.53
C GLY B 54 -2.02 -19.90 4.48
N GLN B 55 -1.55 -19.83 5.71
CA GLN B 55 -2.04 -20.70 6.77
C GLN B 55 -2.87 -19.94 7.81
N GLY B 56 -3.39 -18.78 7.40
CA GLY B 56 -4.26 -18.00 8.27
C GLY B 56 -3.52 -17.41 9.46
N THR B 57 -2.22 -17.23 9.32
CA THR B 57 -1.41 -16.75 10.44
C THR B 57 -0.10 -16.19 9.92
N THR B 58 0.51 -15.32 10.72
CA THR B 58 1.89 -14.92 10.52
C THR B 58 2.82 -15.92 11.22
N LEU B 59 4.11 -15.81 10.95
CA LEU B 59 5.08 -16.78 11.49
C LEU B 59 5.35 -16.56 12.97
N ASP B 60 5.66 -15.33 13.35
CA ASP B 60 5.90 -14.99 14.74
C ASP B 60 4.54 -14.79 15.40
N ASN B 61 3.90 -15.91 15.75
CA ASN B 61 2.48 -15.95 16.13
C ASN B 61 2.25 -17.37 16.62
N LYS B 62 1.62 -17.54 17.79
CA LYS B 62 1.40 -18.88 18.31
C LYS B 62 0.56 -19.74 17.36
N HIS B 63 -0.20 -19.11 16.47
CA HIS B 63 -1.00 -19.86 15.49
C HIS B 63 -0.15 -20.48 14.40
N SER B 64 1.15 -20.17 14.36
CA SER B 64 2.03 -20.83 13.39
C SER B 64 2.33 -22.28 13.77
N ASN B 65 2.08 -22.64 15.02
CA ASN B 65 2.31 -24.00 15.49
C ASN B 65 1.48 -24.99 14.71
N ASP B 66 2.15 -26.04 14.22
CA ASP B 66 1.55 -27.16 13.50
C ASP B 66 0.97 -26.83 12.12
N THR B 67 1.59 -25.86 11.47
CA THR B 67 1.24 -25.51 10.10
C THR B 67 1.84 -26.45 9.06
N VAL B 68 2.42 -27.58 9.50
CA VAL B 68 2.86 -28.60 8.56
C VAL B 68 1.67 -29.21 7.81
N HIS B 69 0.48 -29.14 8.42
CA HIS B 69 -0.71 -29.73 7.82
C HIS B 69 -1.17 -28.96 6.59
N ASP B 70 -1.63 -29.70 5.58
CA ASP B 70 -1.90 -29.11 4.28
C ASP B 70 -3.26 -28.43 4.18
N ARG B 71 -4.24 -28.89 4.96
CA ARG B 71 -5.60 -28.41 4.77
C ARG B 71 -6.27 -28.02 6.07
N ILE B 72 -6.51 -26.71 6.23
CA ILE B 72 -7.37 -26.18 7.29
C ILE B 72 -8.30 -25.13 6.67
N PRO B 73 -9.40 -24.79 7.35
CA PRO B 73 -10.36 -23.86 6.73
C PRO B 73 -9.82 -22.44 6.61
N HIS B 74 -8.68 -22.15 7.24
CA HIS B 74 -8.18 -20.80 7.30
C HIS B 74 -7.20 -20.48 6.21
N ARG B 75 -6.85 -21.50 5.42
CA ARG B 75 -5.97 -21.25 4.28
C ARG B 75 -6.72 -20.43 3.23
N THR B 76 -6.02 -19.42 2.74
CA THR B 76 -6.52 -18.51 1.73
C THR B 76 -5.41 -18.27 0.71
N LEU B 77 -5.80 -17.98 -0.53
CA LEU B 77 -4.83 -17.66 -1.57
C LEU B 77 -4.36 -16.21 -1.44
N LEU B 78 -3.05 -16.02 -1.30
CA LEU B 78 -2.45 -14.69 -1.23
C LEU B 78 -1.93 -14.27 -2.60
N MET B 79 -2.02 -12.98 -2.89
CA MET B 79 -1.55 -12.47 -4.17
C MET B 79 -0.93 -11.09 -4.01
N ASN B 80 0.36 -10.99 -4.32
CA ASN B 80 1.09 -9.72 -4.29
C ASN B 80 1.83 -9.57 -5.60
N GLU B 81 2.24 -8.35 -5.93
CA GLU B 81 3.22 -8.21 -7.01
C GLU B 81 4.46 -9.04 -6.69
N LEU B 82 5.08 -9.60 -7.73
CA LEU B 82 6.26 -10.43 -7.51
C LEU B 82 7.38 -9.65 -6.82
N GLY B 83 7.90 -10.24 -5.74
CA GLY B 83 8.95 -9.58 -4.98
C GLY B 83 8.48 -8.79 -3.77
N VAL B 84 7.17 -8.58 -3.66
CA VAL B 84 6.58 -8.00 -2.45
C VAL B 84 6.29 -9.17 -1.51
N PRO B 85 7.02 -9.25 -0.40
CA PRO B 85 6.78 -10.40 0.49
C PRO B 85 5.38 -10.32 1.10
N PHE B 86 4.93 -11.45 1.65
CA PHE B 86 3.58 -11.54 2.17
C PHE B 86 3.43 -10.87 3.54
N HIS B 87 3.40 -9.54 3.52
CA HIS B 87 3.17 -8.70 4.69
C HIS B 87 1.66 -8.62 5.01
N LEU B 88 1.31 -7.89 6.07
CA LEU B 88 -0.08 -7.86 6.52
C LEU B 88 -1.06 -7.09 5.63
N GLY B 89 -0.55 -6.32 4.68
CA GLY B 89 -1.40 -5.69 3.69
C GLY B 89 -1.70 -6.56 2.47
N THR B 90 -1.24 -7.82 2.49
CA THR B 90 -1.47 -8.74 1.37
C THR B 90 -2.96 -9.09 1.23
N ARG B 91 -3.46 -9.09 0.00
CA ARG B 91 -4.85 -9.50 -0.22
C ARG B 91 -5.03 -11.02 -0.26
N GLN B 92 -6.01 -11.50 0.51
CA GLN B 92 -6.45 -12.88 0.45
C GLN B 92 -7.54 -12.96 -0.60
N VAL B 93 -7.21 -13.54 -1.74
CA VAL B 93 -8.07 -13.51 -2.92
C VAL B 93 -9.29 -14.42 -2.81
N CYS B 94 -9.16 -15.49 -2.03
CA CYS B 94 -10.24 -16.46 -1.89
C CYS B 94 -9.86 -17.47 -0.82
N ILE B 95 -10.82 -18.29 -0.41
CA ILE B 95 -10.54 -19.35 0.54
C ILE B 95 -10.03 -20.57 -0.22
N ALA B 96 -8.86 -21.10 0.16
CA ALA B 96 -8.26 -22.16 -0.63
C ALA B 96 -7.17 -22.91 0.12
N TRP B 97 -7.28 -24.24 0.15
CA TRP B 97 -6.13 -25.09 0.50
C TRP B 97 -5.54 -25.81 -0.71
N SER B 98 -6.05 -25.46 -1.90
CA SER B 98 -5.44 -25.84 -3.18
C SER B 98 -5.93 -24.80 -4.19
N SER B 99 -5.07 -24.39 -5.11
CA SER B 99 -5.45 -23.34 -6.05
C SER B 99 -4.73 -23.35 -7.39
N SER B 100 -5.26 -22.56 -8.32
CA SER B 100 -4.57 -22.21 -9.56
C SER B 100 -5.12 -20.86 -9.99
N SER B 101 -4.29 -20.05 -10.63
CA SER B 101 -4.71 -18.74 -11.12
C SER B 101 -4.10 -18.46 -12.49
N CYS B 102 -4.78 -17.63 -13.28
CA CYS B 102 -4.24 -17.23 -14.58
C CYS B 102 -5.00 -16.04 -15.11
N HIS B 103 -4.36 -15.28 -15.97
CA HIS B 103 -4.96 -14.10 -16.53
C HIS B 103 -5.19 -14.35 -18.02
N ASP B 104 -6.40 -14.06 -18.51
CA ASP B 104 -6.73 -14.39 -19.91
C ASP B 104 -6.45 -13.25 -20.90
N GLY B 105 -5.83 -12.17 -20.42
CA GLY B 105 -5.60 -10.99 -21.23
C GLY B 105 -6.53 -9.86 -20.84
N LYS B 106 -7.68 -10.22 -20.27
CA LYS B 106 -8.67 -9.24 -19.82
C LYS B 106 -8.82 -9.21 -18.31
N ALA B 107 -8.79 -10.38 -17.68
CA ALA B 107 -8.98 -10.43 -16.23
C ALA B 107 -8.39 -11.70 -15.63
N TRP B 108 -8.34 -11.72 -14.30
CA TRP B 108 -7.86 -12.88 -13.55
C TRP B 108 -8.93 -13.91 -13.29
N LEU B 109 -8.56 -15.17 -13.49
CA LEU B 109 -9.32 -16.32 -13.00
C LEU B 109 -8.59 -16.93 -11.81
N HIS B 110 -9.34 -17.21 -10.75
CA HIS B 110 -8.82 -17.98 -9.63
C HIS B 110 -9.67 -19.20 -9.40
N VAL B 111 -9.00 -20.34 -9.24
CA VAL B 111 -9.65 -21.60 -8.91
C VAL B 111 -9.25 -21.93 -7.48
N CYS B 112 -10.24 -21.97 -6.58
CA CYS B 112 -10.00 -22.05 -5.14
C CYS B 112 -10.76 -23.20 -4.52
N ILE B 113 -10.03 -24.14 -3.92
CA ILE B 113 -10.65 -25.34 -3.35
C ILE B 113 -10.52 -25.32 -1.83
N THR B 114 -11.65 -25.53 -1.14
CA THR B 114 -11.65 -25.56 0.32
C THR B 114 -12.77 -26.46 0.83
N GLY B 115 -12.83 -26.68 2.14
CA GLY B 115 -13.87 -27.50 2.73
C GLY B 115 -13.39 -28.88 3.12
N ASP B 116 -14.35 -29.77 3.41
CA ASP B 116 -14.06 -31.12 3.91
C ASP B 116 -13.28 -31.97 2.90
N ASP B 117 -12.35 -32.77 3.41
CA ASP B 117 -11.59 -33.69 2.57
C ASP B 117 -12.49 -34.53 1.68
N LYS B 118 -13.59 -35.04 2.23
CA LYS B 118 -14.46 -35.93 1.48
C LYS B 118 -15.55 -35.22 0.70
N ASN B 119 -15.58 -33.89 0.75
CA ASN B 119 -16.65 -33.16 0.08
C ASN B 119 -16.24 -31.71 -0.13
N ALA B 120 -15.14 -31.51 -0.86
CA ALA B 120 -14.63 -30.17 -1.07
C ALA B 120 -15.40 -29.40 -2.13
N THR B 121 -15.21 -28.09 -2.13
CA THR B 121 -15.81 -27.20 -3.13
C THR B 121 -14.71 -26.44 -3.85
N ALA B 122 -14.77 -26.41 -5.18
CA ALA B 122 -13.93 -25.51 -5.96
C ALA B 122 -14.75 -24.30 -6.39
N SER B 123 -14.28 -23.10 -6.04
CA SER B 123 -14.90 -21.86 -6.51
C SER B 123 -14.11 -21.30 -7.68
N PHE B 124 -14.82 -20.74 -8.64
CA PHE B 124 -14.21 -20.12 -9.81
C PHE B 124 -14.55 -18.65 -9.80
N ILE B 125 -13.53 -17.83 -9.58
CA ILE B 125 -13.70 -16.39 -9.45
C ILE B 125 -13.02 -15.74 -10.63
N TYR B 126 -13.76 -14.91 -11.34
CA TYR B 126 -13.27 -14.25 -12.53
C TYR B 126 -13.66 -12.77 -12.53
N ASP B 127 -12.70 -11.90 -12.82
CA ASP B 127 -12.94 -10.46 -12.87
C ASP B 127 -13.63 -10.00 -11.58
N GLY B 128 -13.15 -10.51 -10.46
CA GLY B 128 -13.57 -10.02 -9.15
C GLY B 128 -14.88 -10.57 -8.63
N ARG B 129 -15.44 -11.59 -9.28
CA ARG B 129 -16.72 -12.14 -8.80
C ARG B 129 -16.79 -13.66 -8.94
N LEU B 130 -17.54 -14.30 -8.05
CA LEU B 130 -17.73 -15.73 -8.12
C LEU B 130 -18.66 -16.05 -9.28
N VAL B 131 -18.20 -16.87 -10.22
CA VAL B 131 -18.97 -17.16 -11.43
C VAL B 131 -19.48 -18.61 -11.47
N ASP B 132 -18.75 -19.52 -10.85
CA ASP B 132 -19.13 -20.93 -10.90
C ASP B 132 -18.53 -21.68 -9.72
N SER B 133 -18.99 -22.91 -9.53
CA SER B 133 -18.41 -23.79 -8.53
C SER B 133 -18.69 -25.23 -8.91
N ILE B 134 -17.84 -26.12 -8.43
CA ILE B 134 -18.10 -27.54 -8.56
C ILE B 134 -17.74 -28.27 -7.27
N GLY B 135 -18.52 -29.28 -6.95
CA GLY B 135 -18.22 -30.12 -5.81
C GLY B 135 -17.35 -31.31 -6.16
N SER B 136 -16.73 -31.88 -5.13
CA SER B 136 -15.95 -33.10 -5.24
C SER B 136 -16.67 -34.21 -6.00
N TRP B 137 -15.97 -34.84 -6.95
CA TRP B 137 -16.55 -35.95 -7.72
C TRP B 137 -16.11 -37.34 -7.26
N SER B 138 -15.07 -37.42 -6.43
CA SER B 138 -14.58 -38.70 -5.94
C SER B 138 -14.48 -38.76 -4.42
N GLN B 139 -14.91 -37.67 -3.76
CA GLN B 139 -14.98 -37.64 -2.30
C GLN B 139 -13.65 -37.93 -1.62
N ASN B 140 -12.56 -37.46 -2.23
CA ASN B 140 -11.25 -37.69 -1.64
C ASN B 140 -10.26 -36.63 -2.09
N ILE B 141 -10.36 -35.48 -1.43
CA ILE B 141 -9.45 -34.35 -1.61
C ILE B 141 -9.35 -33.83 -3.05
N LEU B 142 -10.44 -33.23 -3.53
CA LEU B 142 -10.42 -32.49 -4.78
C LEU B 142 -9.25 -31.51 -4.72
N ARG B 143 -8.41 -31.50 -5.75
CA ARG B 143 -7.18 -30.74 -5.66
C ARG B 143 -6.68 -30.37 -7.05
N THR B 144 -5.83 -29.35 -7.13
CA THR B 144 -5.47 -28.83 -8.45
C THR B 144 -3.98 -28.48 -8.52
N GLN B 145 -3.62 -27.52 -9.37
CA GLN B 145 -2.25 -27.43 -9.87
C GLN B 145 -1.22 -26.88 -8.91
N GLU B 146 -1.63 -25.89 -8.10
CA GLU B 146 -0.71 -25.08 -7.29
C GLU B 146 0.28 -24.34 -8.16
N SER B 147 -0.15 -24.03 -9.39
CA SER B 147 0.59 -23.12 -10.26
C SER B 147 -0.37 -22.59 -11.32
N GLU B 148 0.15 -21.77 -12.24
CA GLU B 148 -0.73 -21.03 -13.13
C GLU B 148 -1.52 -21.92 -14.08
N CYS B 149 -2.80 -21.57 -14.26
CA CYS B 149 -3.56 -22.14 -15.36
C CYS B 149 -3.19 -21.39 -16.63
N VAL B 150 -3.77 -21.79 -17.76
CA VAL B 150 -3.38 -21.23 -19.05
C VAL B 150 -4.62 -20.93 -19.88
N CYS B 151 -4.65 -19.76 -20.51
CA CYS B 151 -5.79 -19.33 -21.29
C CYS B 151 -5.38 -19.01 -22.73
N ILE B 152 -6.17 -19.51 -23.69
CA ILE B 152 -5.99 -19.15 -25.09
C ILE B 152 -7.33 -18.70 -25.66
N ASN B 153 -7.35 -17.51 -26.25
CA ASN B 153 -8.56 -16.97 -26.88
C ASN B 153 -9.78 -16.94 -25.96
N GLY B 154 -9.55 -16.64 -24.69
CA GLY B 154 -10.63 -16.49 -23.74
C GLY B 154 -11.07 -17.77 -23.06
N THR B 155 -10.46 -18.91 -23.42
CA THR B 155 -10.76 -20.16 -22.74
C THR B 155 -9.58 -20.56 -21.88
N CYS B 156 -9.81 -20.71 -20.58
CA CYS B 156 -8.76 -21.12 -19.66
C CYS B 156 -8.91 -22.58 -19.33
N THR B 157 -7.80 -23.29 -19.19
CA THR B 157 -7.86 -24.69 -18.81
C THR B 157 -7.10 -24.95 -17.52
N VAL B 158 -7.62 -25.89 -16.73
CA VAL B 158 -6.97 -26.26 -15.47
C VAL B 158 -7.18 -27.75 -15.22
N VAL B 159 -6.16 -28.39 -14.66
CA VAL B 159 -6.20 -29.83 -14.39
C VAL B 159 -6.51 -30.06 -12.92
N MET B 160 -7.47 -30.95 -12.65
CA MET B 160 -7.89 -31.22 -11.28
C MET B 160 -7.99 -32.71 -11.05
N THR B 161 -7.72 -33.15 -9.82
CA THR B 161 -7.77 -34.56 -9.49
C THR B 161 -8.57 -34.76 -8.23
N ASP B 162 -9.31 -35.87 -8.14
CA ASP B 162 -10.04 -36.23 -6.93
C ASP B 162 -9.89 -37.75 -6.80
N GLY B 163 -9.57 -38.22 -5.60
CA GLY B 163 -9.33 -39.64 -5.39
C GLY B 163 -8.00 -39.95 -4.75
N SER B 164 -7.62 -41.23 -4.76
CA SER B 164 -6.45 -41.70 -4.02
C SER B 164 -5.14 -41.00 -4.38
N ALA B 165 -4.33 -40.76 -3.35
CA ALA B 165 -2.96 -40.31 -3.53
C ALA B 165 -2.01 -41.47 -3.81
N SER B 166 -2.50 -42.70 -3.74
CA SER B 166 -1.62 -43.87 -3.81
C SER B 166 -2.21 -44.98 -4.67
N GLY B 167 -3.04 -44.58 -5.63
CA GLY B 167 -3.68 -45.51 -6.54
C GLY B 167 -4.41 -44.75 -7.60
N ARG B 168 -5.12 -45.46 -8.47
CA ARG B 168 -5.87 -44.81 -9.54
C ARG B 168 -6.82 -43.76 -8.98
N ALA B 169 -6.81 -42.58 -9.60
CA ALA B 169 -7.67 -41.48 -9.18
C ALA B 169 -8.45 -40.94 -10.39
N ASP B 170 -9.26 -39.91 -10.17
CA ASP B 170 -10.14 -39.38 -11.20
C ASP B 170 -9.70 -37.95 -11.52
N THR B 171 -8.97 -37.82 -12.62
CA THR B 171 -8.42 -36.54 -13.07
C THR B 171 -9.28 -36.01 -14.22
N ARG B 172 -9.61 -34.72 -14.14
CA ARG B 172 -10.43 -34.09 -15.17
C ARG B 172 -9.80 -32.77 -15.56
N ILE B 173 -10.00 -32.40 -16.81
CA ILE B 173 -9.45 -31.16 -17.33
C ILE B 173 -10.64 -30.24 -17.62
N LEU B 174 -10.63 -29.07 -16.98
CA LEU B 174 -11.75 -28.15 -17.10
C LEU B 174 -11.43 -27.05 -18.09
N PHE B 175 -12.46 -26.58 -18.78
CA PHE B 175 -12.34 -25.47 -19.72
C PHE B 175 -13.31 -24.41 -19.25
N ILE B 176 -12.80 -23.20 -19.05
CA ILE B 176 -13.50 -22.17 -18.30
C ILE B 176 -13.45 -20.86 -19.08
N GLU B 177 -14.62 -20.27 -19.34
CA GLU B 177 -14.70 -19.04 -20.13
C GLU B 177 -15.33 -17.94 -19.28
N GLU B 178 -14.56 -16.90 -19.02
CA GLU B 178 -14.97 -15.84 -18.10
C GLU B 178 -15.51 -16.38 -16.78
N GLY B 179 -14.85 -17.41 -16.26
CA GLY B 179 -15.20 -17.97 -14.96
C GLY B 179 -16.23 -19.09 -14.99
N LYS B 180 -16.86 -19.30 -16.15
CA LYS B 180 -17.89 -20.33 -16.26
C LYS B 180 -17.33 -21.63 -16.85
N ILE B 181 -17.56 -22.76 -16.18
CA ILE B 181 -17.14 -24.03 -16.76
C ILE B 181 -17.98 -24.33 -17.98
N VAL B 182 -17.32 -24.48 -19.14
CA VAL B 182 -18.03 -24.76 -20.39
C VAL B 182 -17.84 -26.20 -20.88
N HIS B 183 -16.82 -26.88 -20.36
CA HIS B 183 -16.59 -28.28 -20.71
C HIS B 183 -15.67 -28.93 -19.70
N ILE B 184 -15.87 -30.23 -19.47
CA ILE B 184 -14.99 -31.01 -18.63
C ILE B 184 -14.61 -32.29 -19.36
N SER B 185 -13.31 -32.52 -19.51
CA SER B 185 -12.81 -33.72 -20.18
C SER B 185 -12.10 -34.63 -19.21
N PRO B 186 -12.41 -35.93 -19.24
CA PRO B 186 -11.65 -36.87 -18.42
C PRO B 186 -10.22 -37.01 -18.93
N LEU B 187 -9.30 -37.30 -18.03
CA LEU B 187 -7.95 -37.66 -18.45
C LEU B 187 -8.00 -38.87 -19.38
N SER B 188 -7.21 -38.82 -20.45
CA SER B 188 -7.06 -39.93 -21.38
C SER B 188 -5.56 -40.09 -21.65
N GLY B 189 -5.17 -41.25 -22.20
CA GLY B 189 -3.77 -41.49 -22.49
C GLY B 189 -3.13 -42.44 -21.51
N SER B 190 -1.80 -42.52 -21.53
CA SER B 190 -1.10 -43.53 -20.75
C SER B 190 -0.58 -43.08 -19.37
N ALA B 191 -0.76 -41.81 -19.02
CA ALA B 191 -0.43 -41.39 -17.67
C ALA B 191 -1.35 -42.06 -16.66
N GLN B 192 -0.78 -42.63 -15.61
CA GLN B 192 -1.58 -43.42 -14.66
C GLN B 192 -1.92 -42.71 -13.36
N HIS B 193 -1.28 -41.58 -13.09
CA HIS B 193 -1.60 -40.79 -11.92
C HIS B 193 -1.13 -39.36 -12.18
N ILE B 194 -2.01 -38.40 -11.89
CA ILE B 194 -1.77 -36.99 -12.23
C ILE B 194 -2.08 -36.11 -11.02
N GLU B 195 -1.07 -35.37 -10.57
CA GLU B 195 -1.26 -34.34 -9.54
C GLU B 195 -0.43 -33.10 -9.87
N GLU B 196 -0.89 -31.94 -9.39
CA GLU B 196 -0.06 -30.73 -9.33
C GLU B 196 0.63 -30.40 -10.66
N CYS B 197 -0.17 -30.35 -11.72
CA CYS B 197 0.37 -30.10 -13.06
C CYS B 197 0.97 -28.71 -13.21
N SER B 198 2.12 -28.67 -13.87
CA SER B 198 2.76 -27.42 -14.25
C SER B 198 2.53 -27.27 -15.74
N CYS B 199 1.64 -26.36 -16.11
CA CYS B 199 1.17 -26.24 -17.48
C CYS B 199 1.69 -24.99 -18.14
N TYR B 200 1.79 -25.05 -19.47
CA TYR B 200 2.23 -23.92 -20.26
C TYR B 200 1.56 -23.89 -21.63
N PRO B 201 1.37 -22.70 -22.19
CA PRO B 201 0.83 -22.61 -23.55
C PRO B 201 1.86 -23.13 -24.55
N ARG B 202 1.40 -24.00 -25.44
CA ARG B 202 2.20 -24.44 -26.57
C ARG B 202 1.26 -24.36 -27.76
N TYR B 203 1.09 -23.15 -28.29
CA TYR B 203 0.05 -22.86 -29.27
C TYR B 203 0.04 -23.91 -30.38
N PRO B 204 -1.15 -24.41 -30.74
CA PRO B 204 -2.49 -23.97 -30.35
C PRO B 204 -3.05 -24.65 -29.10
N GLY B 205 -2.24 -25.43 -28.40
CA GLY B 205 -2.73 -26.15 -27.22
C GLY B 205 -2.04 -25.78 -25.93
N VAL B 206 -2.27 -26.60 -24.91
CA VAL B 206 -1.60 -26.45 -23.62
C VAL B 206 -0.93 -27.78 -23.27
N ARG B 207 0.27 -27.69 -22.71
CA ARG B 207 1.02 -28.88 -22.30
C ARG B 207 1.35 -28.79 -20.81
N CYS B 208 1.24 -29.91 -20.11
CA CYS B 208 1.45 -29.96 -18.66
C CYS B 208 2.43 -31.06 -18.32
N ILE B 209 3.34 -30.77 -17.39
CA ILE B 209 4.21 -31.78 -16.81
C ILE B 209 3.83 -31.87 -15.34
N CYS B 210 3.54 -33.08 -14.87
CA CYS B 210 2.89 -33.23 -13.57
C CYS B 210 3.64 -34.15 -12.61
N ARG B 211 2.93 -34.57 -11.55
CA ARG B 211 3.45 -35.43 -10.50
C ARG B 211 2.64 -36.71 -10.49
N ASP B 212 3.31 -37.86 -10.64
CA ASP B 212 2.65 -39.16 -10.50
C ASP B 212 2.95 -39.59 -9.08
N ASN B 213 1.96 -39.71 -8.21
CA ASN B 213 2.25 -40.02 -6.79
C ASN B 213 2.18 -41.51 -6.48
N TRP B 214 1.98 -42.31 -7.52
CA TRP B 214 1.61 -43.71 -7.34
C TRP B 214 2.75 -44.66 -7.76
N LYS B 215 3.03 -44.74 -9.06
CA LYS B 215 4.00 -45.71 -9.55
C LYS B 215 5.19 -45.12 -10.31
N GLY B 216 5.19 -43.82 -10.57
CA GLY B 216 6.25 -43.28 -11.40
C GLY B 216 7.13 -42.25 -10.74
N SER B 217 8.45 -42.33 -10.90
CA SER B 217 9.33 -41.21 -10.57
C SER B 217 9.69 -40.43 -11.83
N ASN B 218 9.30 -40.96 -12.99
CA ASN B 218 9.25 -40.15 -14.21
C ASN B 218 8.00 -39.27 -14.18
N ARG B 219 8.08 -38.07 -14.75
CA ARG B 219 6.94 -37.15 -14.67
C ARG B 219 5.98 -37.39 -15.82
N PRO B 220 4.69 -37.45 -15.49
CA PRO B 220 3.69 -37.57 -16.55
C PRO B 220 3.52 -36.28 -17.32
N VAL B 221 3.04 -36.41 -18.55
CA VAL B 221 2.76 -35.30 -19.44
C VAL B 221 1.27 -35.34 -19.78
N VAL B 222 0.61 -34.19 -19.76
CA VAL B 222 -0.77 -34.12 -20.23
C VAL B 222 -0.84 -33.09 -21.36
N ASP B 223 -1.40 -33.50 -22.50
CA ASP B 223 -1.56 -32.59 -23.63
C ASP B 223 -3.04 -32.26 -23.80
N ILE B 224 -3.33 -30.97 -23.86
CA ILE B 224 -4.70 -30.48 -23.86
C ILE B 224 -5.00 -29.77 -25.17
N ASN B 225 -5.98 -30.27 -25.91
CA ASN B 225 -6.42 -29.61 -27.14
C ASN B 225 -7.52 -28.60 -26.81
N MET B 226 -7.22 -27.32 -27.04
CA MET B 226 -8.12 -26.25 -26.62
C MET B 226 -9.27 -26.06 -27.58
N GLU B 227 -9.15 -26.63 -28.77
CA GLU B 227 -10.15 -26.48 -29.81
C GLU B 227 -11.26 -27.54 -29.75
N ASP B 228 -10.89 -28.79 -29.50
CA ASP B 228 -11.90 -29.86 -29.44
C ASP B 228 -11.97 -30.57 -28.09
N TYR B 229 -11.18 -30.09 -27.12
CA TYR B 229 -11.20 -30.57 -25.73
C TYR B 229 -10.62 -31.96 -25.55
N SER B 230 -9.99 -32.51 -26.58
CA SER B 230 -9.41 -33.83 -26.44
C SER B 230 -8.14 -33.80 -25.60
N ILE B 231 -7.87 -34.92 -24.94
CA ILE B 231 -6.77 -35.04 -24.00
C ILE B 231 -5.88 -36.23 -24.39
N ASP B 232 -4.56 -36.06 -24.29
CA ASP B 232 -3.67 -37.19 -24.37
C ASP B 232 -2.67 -37.09 -23.21
N SER B 233 -2.02 -38.20 -22.89
CA SER B 233 -1.04 -38.17 -21.83
C SER B 233 0.00 -39.27 -22.01
N SER B 234 1.14 -39.10 -21.34
CA SER B 234 2.31 -39.96 -21.51
C SER B 234 3.26 -39.65 -20.36
N TYR B 235 4.53 -40.02 -20.51
CA TYR B 235 5.58 -39.66 -19.54
C TYR B 235 6.74 -39.00 -20.26
N VAL B 236 7.41 -38.10 -19.56
CA VAL B 236 8.61 -37.46 -20.09
C VAL B 236 9.63 -38.56 -20.46
N CYS B 237 10.18 -38.47 -21.67
CA CYS B 237 11.09 -39.51 -22.19
C CYS B 237 12.39 -39.65 -21.42
N SER B 238 12.93 -38.51 -20.97
CA SER B 238 14.23 -38.45 -20.30
C SER B 238 14.47 -39.54 -19.25
N GLY B 239 15.60 -40.23 -19.38
CA GLY B 239 16.03 -41.18 -18.37
C GLY B 239 16.54 -40.50 -17.11
N LEU B 240 16.83 -39.22 -17.21
CA LEU B 240 17.07 -38.39 -16.04
C LEU B 240 15.70 -37.88 -15.63
N VAL B 241 15.18 -38.46 -14.55
CA VAL B 241 13.79 -38.25 -14.17
C VAL B 241 13.65 -37.10 -13.20
N GLY B 242 12.45 -36.53 -13.15
CA GLY B 242 12.24 -35.28 -12.45
C GLY B 242 11.59 -35.32 -11.08
N ASP B 243 11.07 -36.47 -10.66
CA ASP B 243 10.38 -36.54 -9.38
C ASP B 243 11.34 -36.79 -8.21
N THR B 244 10.82 -36.65 -7.00
CA THR B 244 11.54 -37.02 -5.78
C THR B 244 10.52 -37.67 -4.89
N PRO B 245 10.78 -38.90 -4.44
CA PRO B 245 11.99 -39.70 -4.66
C PRO B 245 12.15 -40.27 -6.07
N ARG B 246 13.35 -40.79 -6.33
CA ARG B 246 13.69 -41.40 -7.60
C ARG B 246 14.97 -42.22 -7.42
N ASN B 247 15.30 -43.07 -8.40
CA ASN B 247 16.57 -43.80 -8.38
C ASN B 247 17.69 -42.84 -8.69
N ASP B 248 18.93 -43.24 -8.42
CA ASP B 248 20.06 -42.42 -8.85
C ASP B 248 20.15 -42.36 -10.38
N ASP B 249 20.96 -41.45 -10.89
CA ASP B 249 21.04 -41.22 -12.34
C ASP B 249 21.45 -42.47 -13.11
N SER B 250 22.24 -43.33 -12.47
CA SER B 250 22.73 -44.53 -13.11
C SER B 250 21.61 -45.56 -13.29
N SER B 251 20.65 -45.57 -12.38
CA SER B 251 19.64 -46.63 -12.40
C SER B 251 18.22 -46.13 -12.64
N SER B 252 18.05 -44.86 -12.99
CA SER B 252 16.73 -44.34 -13.32
C SER B 252 16.40 -44.59 -14.79
N ASN B 253 15.10 -44.75 -15.08
CA ASN B 253 14.66 -45.00 -16.45
C ASN B 253 13.31 -44.39 -16.75
N SER B 254 13.06 -44.11 -18.03
CA SER B 254 11.74 -43.80 -18.52
C SER B 254 11.57 -44.34 -19.94
N ASN B 255 10.39 -44.87 -20.24
CA ASN B 255 10.12 -45.32 -21.60
C ASN B 255 9.14 -44.46 -22.39
N CYS B 256 8.80 -43.29 -21.83
CA CYS B 256 7.91 -42.29 -22.45
C CYS B 256 6.43 -42.60 -22.30
N ARG B 257 6.11 -43.82 -21.89
CA ARG B 257 4.75 -44.32 -22.03
C ARG B 257 4.14 -44.69 -20.69
N ASN B 258 4.92 -45.35 -19.85
CA ASN B 258 4.42 -45.91 -18.61
C ASN B 258 5.18 -45.41 -17.40
N PRO B 259 4.51 -45.41 -16.22
CA PRO B 259 5.27 -45.12 -15.01
C PRO B 259 6.41 -46.12 -14.83
N ASN B 260 7.55 -45.65 -14.35
CA ASN B 260 8.75 -46.50 -14.32
C ASN B 260 8.82 -47.49 -13.16
N ASN B 261 7.90 -47.39 -12.21
CA ASN B 261 7.94 -48.24 -11.01
C ASN B 261 9.27 -48.21 -10.27
N GLU B 262 9.90 -47.03 -10.28
CA GLU B 262 11.15 -46.82 -9.56
C GLU B 262 10.91 -45.78 -8.48
N ARG B 263 10.80 -46.24 -7.23
CA ARG B 263 10.49 -45.37 -6.09
C ARG B 263 9.31 -44.47 -6.45
N GLY B 264 8.30 -45.07 -7.05
CA GLY B 264 7.22 -44.35 -7.66
C GLY B 264 6.26 -43.72 -6.69
N THR B 265 6.08 -44.28 -5.51
CA THR B 265 5.16 -43.67 -4.55
C THR B 265 5.72 -42.36 -4.01
N GLN B 266 4.83 -41.44 -3.64
CA GLN B 266 5.16 -40.08 -3.16
C GLN B 266 5.68 -39.26 -4.31
N GLY B 267 6.18 -38.06 -4.08
CA GLY B 267 6.57 -37.22 -5.20
C GLY B 267 6.65 -35.78 -4.77
N VAL B 268 6.88 -34.89 -5.72
CA VAL B 268 6.87 -33.46 -5.46
C VAL B 268 6.44 -32.76 -6.74
N LYS B 269 5.74 -31.64 -6.61
CA LYS B 269 5.39 -30.85 -7.79
C LYS B 269 6.66 -30.35 -8.47
N GLY B 270 6.70 -30.47 -9.79
CA GLY B 270 7.81 -29.95 -10.57
C GLY B 270 7.40 -29.60 -11.99
N TRP B 271 8.38 -29.44 -12.86
CA TRP B 271 8.11 -28.94 -14.21
C TRP B 271 9.18 -29.37 -15.20
N ALA B 272 8.84 -29.25 -16.48
CA ALA B 272 9.77 -29.42 -17.58
C ALA B 272 9.10 -28.81 -18.82
N PHE B 273 9.86 -28.58 -19.88
CA PHE B 273 9.23 -28.20 -21.13
C PHE B 273 10.05 -28.69 -22.31
N ASP B 274 9.37 -28.85 -23.43
CA ASP B 274 10.00 -29.35 -24.64
C ASP B 274 10.62 -28.23 -25.46
N ASN B 275 11.71 -28.56 -26.13
CA ASN B 275 12.12 -27.77 -27.28
C ASN B 275 12.56 -28.70 -28.39
N GLY B 276 11.69 -28.87 -29.37
CA GLY B 276 11.90 -29.86 -30.40
C GLY B 276 12.06 -31.23 -29.76
N ASN B 277 13.19 -31.89 -30.02
CA ASN B 277 13.45 -33.19 -29.44
C ASN B 277 14.12 -33.12 -28.07
N ASP B 278 14.50 -31.92 -27.65
CA ASP B 278 15.19 -31.74 -26.37
C ASP B 278 14.24 -31.36 -25.23
N LEU B 279 14.72 -31.50 -24.00
CA LEU B 279 13.93 -31.22 -22.82
C LEU B 279 14.70 -30.28 -21.91
N TRP B 280 14.03 -29.25 -21.40
CA TRP B 280 14.56 -28.46 -20.30
C TRP B 280 13.80 -28.87 -19.05
N MET B 281 14.51 -29.10 -17.95
CA MET B 281 13.82 -29.55 -16.75
C MET B 281 14.53 -29.12 -15.49
N GLY B 282 13.78 -29.08 -14.38
CA GLY B 282 14.36 -28.87 -13.08
C GLY B 282 14.05 -30.06 -12.20
N ARG B 283 14.80 -30.19 -11.12
CA ARG B 283 14.51 -31.20 -10.10
C ARG B 283 15.30 -30.89 -8.85
N THR B 284 14.95 -31.53 -7.74
CA THR B 284 15.76 -31.43 -6.53
C THR B 284 17.10 -32.09 -6.81
N ILE B 285 18.16 -31.66 -6.12
CA ILE B 285 19.47 -32.30 -6.32
C ILE B 285 19.47 -33.67 -5.63
N SER B 286 18.99 -33.71 -4.39
CA SER B 286 18.79 -34.98 -3.68
C SER B 286 17.78 -35.87 -4.41
N LYS B 287 18.03 -37.18 -4.42
CA LYS B 287 17.09 -38.14 -4.97
C LYS B 287 16.11 -38.62 -3.89
N GLU B 288 16.36 -38.24 -2.64
CA GLU B 288 15.60 -38.74 -1.48
C GLU B 288 14.62 -37.71 -0.91
N SER B 289 15.09 -36.47 -0.79
CA SER B 289 14.36 -35.44 -0.08
C SER B 289 14.35 -34.16 -0.90
N ARG B 290 13.57 -33.19 -0.43
CA ARG B 290 13.42 -31.91 -1.12
C ARG B 290 14.56 -31.01 -0.73
N SER B 291 15.73 -31.36 -1.27
CA SER B 291 16.99 -30.73 -0.93
C SER B 291 17.68 -30.36 -2.24
N GLY B 292 18.15 -29.12 -2.31
CA GLY B 292 18.81 -28.62 -3.51
C GLY B 292 17.87 -28.42 -4.69
N TYR B 293 18.35 -27.74 -5.71
CA TYR B 293 17.57 -27.61 -6.93
C TYR B 293 18.50 -27.34 -8.09
N GLU B 294 18.29 -28.06 -9.19
CA GLU B 294 19.13 -27.93 -10.37
C GLU B 294 18.27 -27.92 -11.63
N THR B 295 18.78 -27.28 -12.67
CA THR B 295 18.13 -27.32 -13.99
C THR B 295 19.16 -27.75 -15.00
N PHE B 296 18.69 -28.35 -16.10
CA PHE B 296 19.57 -28.72 -17.20
C PHE B 296 18.75 -29.05 -18.43
N LYS B 297 19.42 -29.14 -19.58
CA LYS B 297 18.80 -29.62 -20.80
C LYS B 297 19.17 -31.09 -20.99
N VAL B 298 18.20 -31.91 -21.38
CA VAL B 298 18.50 -33.29 -21.75
C VAL B 298 18.41 -33.38 -23.27
N ILE B 299 19.53 -33.71 -23.89
CA ILE B 299 19.58 -33.85 -25.34
C ILE B 299 18.74 -35.07 -25.75
N GLY B 300 17.72 -34.82 -26.57
CA GLY B 300 16.79 -35.87 -26.95
C GLY B 300 15.81 -36.22 -25.85
N GLY B 301 15.79 -35.42 -24.79
CA GLY B 301 15.01 -35.72 -23.61
C GLY B 301 13.51 -35.68 -23.81
N TRP B 302 13.04 -35.03 -24.89
CA TRP B 302 11.62 -35.05 -25.18
C TRP B 302 11.20 -36.23 -26.08
N SER B 303 12.07 -36.62 -27.00
CA SER B 303 11.70 -37.57 -28.05
C SER B 303 12.37 -38.94 -27.97
N THR B 304 13.52 -39.01 -27.33
CA THR B 304 14.26 -40.28 -27.27
C THR B 304 14.08 -40.96 -25.92
N PRO B 305 13.46 -42.15 -25.90
CA PRO B 305 13.27 -42.82 -24.62
C PRO B 305 14.58 -43.08 -23.87
N ASN B 306 14.57 -42.78 -22.57
CA ASN B 306 15.70 -43.03 -21.69
C ASN B 306 16.97 -42.20 -21.91
N SER B 307 16.85 -41.09 -22.65
CA SER B 307 17.99 -40.23 -22.92
C SER B 307 18.55 -39.68 -21.61
N LYS B 308 19.88 -39.73 -21.46
CA LYS B 308 20.52 -39.25 -20.23
C LYS B 308 21.65 -38.25 -20.48
N SER B 309 21.72 -37.73 -21.69
CA SER B 309 22.78 -36.80 -22.05
C SER B 309 22.39 -35.40 -21.62
N GLN B 310 22.80 -34.98 -20.42
CA GLN B 310 22.49 -33.63 -19.99
C GLN B 310 23.59 -32.63 -20.37
N VAL B 311 23.20 -31.37 -20.44
CA VAL B 311 24.12 -30.28 -20.74
C VAL B 311 23.49 -28.99 -20.20
N ASN B 312 24.30 -27.94 -20.03
CA ASN B 312 23.80 -26.64 -19.60
C ASN B 312 23.20 -26.69 -18.19
N ARG B 313 23.81 -27.47 -17.32
CA ARG B 313 23.36 -27.58 -15.94
C ARG B 313 23.57 -26.27 -15.22
N GLN B 314 22.61 -25.94 -14.34
CA GLN B 314 22.76 -24.83 -13.40
C GLN B 314 22.27 -25.27 -12.04
N VAL B 315 23.08 -25.02 -11.02
CA VAL B 315 22.61 -25.09 -9.64
C VAL B 315 21.77 -23.85 -9.32
N ILE B 316 20.56 -24.07 -8.82
CA ILE B 316 19.69 -22.96 -8.40
C ILE B 316 19.78 -22.85 -6.88
N VAL B 317 19.72 -24.01 -6.21
CA VAL B 317 19.86 -24.08 -4.76
C VAL B 317 20.82 -25.23 -4.45
N ASP B 318 21.92 -24.96 -3.76
CA ASP B 318 22.86 -26.05 -3.50
C ASP B 318 22.25 -27.13 -2.59
N ASN B 319 22.86 -28.31 -2.59
CA ASN B 319 22.27 -29.46 -1.90
C ASN B 319 22.44 -29.46 -0.38
N ASN B 320 22.98 -28.37 0.17
CA ASN B 320 23.01 -28.18 1.62
C ASN B 320 21.83 -27.36 2.11
N ASN B 321 20.91 -27.04 1.19
CA ASN B 321 19.74 -26.21 1.54
C ASN B 321 18.44 -26.79 1.04
N TRP B 322 17.36 -26.49 1.77
CA TRP B 322 16.06 -27.07 1.45
C TRP B 322 15.38 -26.43 0.24
N SER B 323 14.74 -27.26 -0.56
CA SER B 323 13.89 -26.74 -1.63
C SER B 323 12.45 -27.12 -1.36
N GLY B 324 11.74 -27.65 -2.34
CA GLY B 324 10.31 -27.89 -2.21
C GLY B 324 9.66 -27.98 -3.57
N ASP B 325 8.40 -27.55 -3.68
CA ASP B 325 7.67 -27.50 -4.94
C ASP B 325 8.41 -26.63 -5.94
N SER B 326 8.16 -26.89 -7.22
CA SER B 326 8.60 -25.96 -8.25
C SER B 326 7.59 -25.99 -9.38
N GLY B 327 7.54 -24.92 -10.16
CA GLY B 327 6.57 -24.86 -11.23
C GLY B 327 6.96 -23.89 -12.32
N ILE B 328 6.29 -24.03 -13.45
CA ILE B 328 6.56 -23.20 -14.61
C ILE B 328 5.56 -22.03 -14.70
N PHE B 329 6.02 -20.93 -15.28
CA PHE B 329 5.11 -19.90 -15.77
C PHE B 329 5.67 -19.36 -17.08
N SER B 330 4.80 -18.76 -17.88
CA SER B 330 5.19 -18.31 -19.21
C SER B 330 4.98 -16.81 -19.32
N VAL B 331 5.89 -16.14 -20.01
CA VAL B 331 5.88 -14.67 -20.10
C VAL B 331 6.04 -14.25 -21.56
N GLU B 332 5.09 -13.49 -22.06
CA GLU B 332 5.10 -13.06 -23.45
C GLU B 332 6.07 -11.92 -23.69
N GLY B 333 7.02 -12.15 -24.58
CA GLY B 333 7.95 -11.10 -24.98
C GLY B 333 7.56 -10.51 -26.32
N LYS B 334 8.43 -9.66 -26.84
CA LYS B 334 8.16 -8.99 -28.10
C LYS B 334 7.88 -9.96 -29.25
N SER B 335 8.71 -10.99 -29.38
N SER B 335 8.71 -10.99 -29.37
CA SER B 335 8.59 -11.90 -30.52
CA SER B 335 8.67 -11.89 -30.52
C SER B 335 8.55 -13.37 -30.14
C SER B 335 8.49 -13.36 -30.12
N CYS B 336 8.60 -13.66 -28.83
CA CYS B 336 8.54 -15.04 -28.40
C CYS B 336 7.94 -15.20 -27.00
N ILE B 337 7.54 -16.42 -26.68
CA ILE B 337 7.03 -16.74 -25.35
C ILE B 337 8.15 -17.37 -24.52
N ASN B 338 8.48 -16.76 -23.40
CA ASN B 338 9.55 -17.25 -22.56
C ASN B 338 9.00 -18.20 -21.48
N ARG B 339 9.85 -19.11 -21.03
CA ARG B 339 9.52 -19.97 -19.92
C ARG B 339 10.34 -19.59 -18.70
N CYS B 340 9.66 -19.54 -17.55
CA CYS B 340 10.31 -19.22 -16.29
C CYS B 340 9.88 -20.26 -15.27
N PHE B 341 10.55 -20.29 -14.13
CA PHE B 341 10.12 -21.18 -13.06
C PHE B 341 10.41 -20.58 -11.70
N TYR B 342 9.68 -21.06 -10.70
CA TYR B 342 9.95 -20.72 -9.32
C TYR B 342 10.27 -21.99 -8.54
N VAL B 343 10.97 -21.82 -7.42
CA VAL B 343 11.23 -22.89 -6.49
C VAL B 343 10.77 -22.45 -5.10
N GLU B 344 9.96 -23.30 -4.48
CA GLU B 344 9.53 -23.13 -3.11
C GLU B 344 10.65 -23.59 -2.19
N LEU B 345 11.04 -22.76 -1.23
CA LEU B 345 12.12 -23.07 -0.32
C LEU B 345 11.52 -23.30 1.07
N ILE B 346 11.28 -24.56 1.40
CA ILE B 346 10.52 -24.90 2.60
C ILE B 346 11.43 -24.88 3.82
N ARG B 347 11.01 -24.16 4.86
CA ARG B 347 11.71 -24.14 6.13
C ARG B 347 10.79 -24.61 7.26
N GLY B 348 11.37 -25.21 8.29
CA GLY B 348 10.60 -25.68 9.42
C GLY B 348 10.30 -27.16 9.31
N ARG B 349 9.14 -27.57 9.80
CA ARG B 349 8.80 -29.01 9.81
C ARG B 349 8.44 -29.54 8.42
N PRO B 350 8.69 -30.84 8.19
CA PRO B 350 9.23 -31.83 9.13
C PRO B 350 10.75 -31.88 9.26
N GLN B 351 11.51 -31.23 8.39
CA GLN B 351 12.96 -31.38 8.43
C GLN B 351 13.67 -30.65 9.57
N GLU B 352 13.12 -29.51 9.98
CA GLU B 352 13.75 -28.68 10.98
C GLU B 352 12.83 -28.52 12.18
N THR B 353 13.07 -29.34 13.19
CA THR B 353 12.11 -29.46 14.27
C THR B 353 12.36 -28.53 15.45
N ARG B 354 13.40 -27.69 15.35
CA ARG B 354 13.61 -26.66 16.36
C ARG B 354 12.37 -25.77 16.46
N VAL B 355 11.75 -25.53 15.31
CA VAL B 355 10.56 -24.70 15.25
C VAL B 355 9.32 -25.58 15.08
N TRP B 356 8.15 -25.03 15.39
CA TRP B 356 6.91 -25.80 15.31
C TRP B 356 6.09 -25.51 14.06
N TRP B 357 6.56 -24.54 13.26
CA TRP B 357 5.87 -24.14 12.04
C TRP B 357 6.50 -24.73 10.78
N THR B 358 5.82 -24.53 9.66
CA THR B 358 6.32 -24.85 8.33
C THR B 358 5.93 -23.66 7.46
N SER B 359 6.90 -23.12 6.73
CA SER B 359 6.63 -22.01 5.83
C SER B 359 7.61 -22.10 4.68
N ASN B 360 7.61 -21.11 3.80
CA ASN B 360 8.53 -21.12 2.68
C ASN B 360 8.86 -19.71 2.22
N SER B 361 9.98 -19.60 1.51
CA SER B 361 10.26 -18.43 0.69
C SER B 361 10.32 -18.89 -0.76
N ILE B 362 10.57 -17.97 -1.67
CA ILE B 362 10.71 -18.36 -3.08
C ILE B 362 11.93 -17.77 -3.74
N VAL B 363 12.38 -18.45 -4.79
CA VAL B 363 13.34 -17.90 -5.73
C VAL B 363 12.83 -18.21 -7.13
N VAL B 364 13.09 -17.30 -8.07
CA VAL B 364 12.47 -17.35 -9.39
C VAL B 364 13.52 -17.05 -10.45
N PHE B 365 13.53 -17.84 -11.54
CA PHE B 365 14.47 -17.69 -12.65
C PHE B 365 13.69 -17.65 -13.95
N CYS B 366 14.21 -16.98 -14.97
CA CYS B 366 13.55 -16.96 -16.27
C CYS B 366 14.50 -17.38 -17.39
N GLY B 367 13.93 -17.97 -18.44
CA GLY B 367 14.72 -18.35 -19.59
C GLY B 367 15.48 -17.18 -20.16
N THR B 368 16.68 -17.48 -20.67
CA THR B 368 17.46 -16.44 -21.33
C THR B 368 18.09 -17.00 -22.59
N SER B 369 18.23 -16.14 -23.60
CA SER B 369 18.97 -16.50 -24.81
C SER B 369 20.41 -15.98 -24.69
N GLY B 370 20.71 -15.31 -23.58
CA GLY B 370 22.03 -14.75 -23.34
C GLY B 370 22.93 -15.70 -22.59
N THR B 371 23.84 -15.14 -21.82
CA THR B 371 24.77 -15.94 -21.03
C THR B 371 24.63 -15.66 -19.53
N TYR B 372 25.32 -16.45 -18.72
CA TYR B 372 25.15 -16.42 -17.29
C TYR B 372 26.30 -17.16 -16.63
N GLY B 373 26.40 -17.04 -15.30
CA GLY B 373 27.44 -17.70 -14.52
C GLY B 373 26.88 -18.76 -13.60
N THR B 374 27.31 -18.73 -12.35
CA THR B 374 26.90 -19.72 -11.35
C THR B 374 26.59 -19.06 -10.04
N GLY B 375 25.84 -19.78 -9.20
CA GLY B 375 25.55 -19.33 -7.86
C GLY B 375 24.69 -20.33 -7.13
N SER B 376 24.18 -19.92 -5.98
CA SER B 376 23.20 -20.70 -5.23
C SER B 376 22.38 -19.69 -4.44
N TRP B 377 21.06 -19.81 -4.51
CA TRP B 377 20.18 -18.83 -3.89
C TRP B 377 19.16 -19.53 -3.01
N PRO B 378 19.62 -20.01 -1.85
CA PRO B 378 18.73 -20.72 -0.94
C PRO B 378 17.87 -19.76 -0.11
N ASP B 379 17.05 -20.30 0.76
CA ASP B 379 16.20 -19.46 1.59
C ASP B 379 17.02 -18.44 2.39
N GLY B 380 18.05 -18.93 3.08
CA GLY B 380 18.96 -18.03 3.77
C GLY B 380 18.69 -17.75 5.23
N ALA B 381 17.55 -18.18 5.77
CA ALA B 381 17.30 -17.95 7.19
C ALA B 381 18.15 -18.87 8.05
N ASN B 382 18.56 -18.38 9.20
CA ASN B 382 19.26 -19.20 10.20
C ASN B 382 18.18 -19.74 11.12
N ILE B 383 18.00 -21.05 11.12
CA ILE B 383 16.88 -21.65 11.86
C ILE B 383 16.97 -21.33 13.36
N ASN B 384 18.19 -21.10 13.82
CA ASN B 384 18.43 -20.78 15.22
C ASN B 384 18.02 -19.36 15.61
N PHE B 385 17.83 -18.49 14.60
CA PHE B 385 17.41 -17.10 14.83
C PHE B 385 15.90 -16.96 14.83
N MET B 386 15.19 -18.03 14.50
CA MET B 386 13.74 -17.93 14.26
C MET B 386 12.92 -18.07 15.53
N PRO B 387 11.79 -17.35 15.61
CA PRO B 387 10.80 -17.68 16.63
C PRO B 387 10.36 -19.12 16.40
N ILE B 388 10.14 -19.89 17.46
CA ILE B 388 9.76 -21.28 17.26
C ILE B 388 8.24 -21.42 17.09
N VAL C 1 -6.72 17.69 -17.86
CA VAL C 1 -7.29 18.34 -16.68
C VAL C 1 -7.16 19.87 -16.73
N GLU C 2 -8.05 20.55 -16.01
CA GLU C 2 -8.12 22.01 -16.03
C GLU C 2 -7.67 22.60 -14.70
N TYR C 3 -7.14 23.82 -14.73
CA TYR C 3 -6.81 24.52 -13.49
C TYR C 3 -8.09 24.83 -12.72
N ARG C 4 -8.02 24.67 -11.40
CA ARG C 4 -9.10 25.14 -10.53
C ARG C 4 -9.24 26.65 -10.57
N ASN C 5 -10.48 27.13 -10.59
CA ASN C 5 -10.73 28.56 -10.45
C ASN C 5 -11.49 28.91 -9.17
N TRP C 6 -12.11 27.91 -8.55
CA TRP C 6 -12.95 28.13 -7.35
C TRP C 6 -14.05 29.17 -7.59
N SER C 7 -14.53 29.27 -8.83
CA SER C 7 -15.47 30.33 -9.16
C SER C 7 -16.91 29.87 -9.00
N LYS C 8 -17.22 29.42 -7.79
CA LYS C 8 -18.59 29.12 -7.38
C LYS C 8 -18.84 29.89 -6.10
N PRO C 9 -20.11 30.18 -5.78
CA PRO C 9 -20.39 30.86 -4.51
C PRO C 9 -20.00 29.99 -3.31
N GLN C 10 -19.77 30.63 -2.18
CA GLN C 10 -19.57 29.87 -0.95
C GLN C 10 -20.85 29.16 -0.53
N CYS C 11 -20.73 27.91 -0.11
CA CYS C 11 -21.89 27.17 0.39
C CYS C 11 -22.50 27.88 1.59
N GLN C 12 -23.82 27.91 1.66
CA GLN C 12 -24.47 28.59 2.79
C GLN C 12 -24.73 27.62 3.92
N ILE C 13 -23.82 27.58 4.88
CA ILE C 13 -23.79 26.49 5.86
C ILE C 13 -24.59 26.82 7.10
N THR C 14 -25.04 25.76 7.77
CA THR C 14 -25.79 25.87 9.00
C THR C 14 -24.92 25.47 10.18
N GLY C 15 -23.72 24.98 9.87
CA GLY C 15 -22.79 24.49 10.87
C GLY C 15 -21.91 23.45 10.20
N PHE C 16 -21.37 22.53 10.98
CA PHE C 16 -20.41 21.55 10.46
C PHE C 16 -20.79 20.12 10.85
N ALA C 17 -20.44 19.16 9.99
CA ALA C 17 -20.72 17.76 10.23
C ALA C 17 -19.40 16.99 10.27
N PRO C 18 -19.34 15.88 11.03
CA PRO C 18 -18.10 15.08 11.16
C PRO C 18 -17.65 14.52 9.82
N PHE C 19 -16.34 14.59 9.56
CA PHE C 19 -15.80 14.15 8.28
C PHE C 19 -14.72 13.07 8.41
N SER C 20 -13.77 13.25 9.33
CA SER C 20 -12.67 12.29 9.47
C SER C 20 -12.01 12.35 10.85
N LYS C 21 -11.38 11.26 11.24
CA LYS C 21 -10.61 11.20 12.48
C LYS C 21 -9.57 10.10 12.30
N ASP C 22 -8.33 10.32 12.75
CA ASP C 22 -7.31 9.30 12.49
C ASP C 22 -6.85 8.44 13.66
N ASN C 23 -7.14 8.84 14.90
CA ASN C 23 -6.85 8.01 16.07
C ASN C 23 -5.36 7.67 16.21
N SER C 24 -4.52 8.57 15.73
CA SER C 24 -3.08 8.31 15.63
C SER C 24 -2.43 7.86 16.94
N ILE C 25 -2.77 8.54 18.04
CA ILE C 25 -2.10 8.27 19.31
C ILE C 25 -2.58 6.96 19.93
N ARG C 26 -3.89 6.69 19.87
CA ARG C 26 -4.36 5.37 20.33
C ARG C 26 -3.67 4.25 19.56
N LEU C 27 -3.54 4.42 18.24
CA LEU C 27 -2.90 3.40 17.43
C LEU C 27 -1.40 3.25 17.75
N SER C 28 -0.76 4.35 18.14
CA SER C 28 0.68 4.39 18.43
C SER C 28 1.08 3.49 19.59
N ALA C 29 0.10 3.13 20.42
CA ALA C 29 0.34 2.26 21.57
C ALA C 29 0.32 0.78 21.18
N GLY C 30 0.02 0.49 19.92
CA GLY C 30 -0.03 -0.88 19.43
C GLY C 30 0.21 -0.90 17.93
N GLY C 31 1.31 -0.28 17.53
CA GLY C 31 1.61 -0.11 16.12
C GLY C 31 2.70 0.92 15.94
N ASP C 32 3.37 0.85 14.79
CA ASP C 32 4.43 1.79 14.47
C ASP C 32 3.86 2.97 13.69
N ILE C 33 3.74 4.09 14.39
CA ILE C 33 3.06 5.27 13.88
C ILE C 33 3.98 6.48 14.03
N TRP C 34 4.08 7.29 12.98
CA TRP C 34 4.90 8.49 13.00
C TRP C 34 4.56 9.46 14.15
N VAL C 35 5.59 10.04 14.75
CA VAL C 35 5.43 11.23 15.57
C VAL C 35 5.27 12.43 14.65
N THR C 36 4.22 13.22 14.87
CA THR C 36 3.92 14.37 14.03
C THR C 36 3.53 15.59 14.86
N ARG C 37 3.46 16.73 14.19
CA ARG C 37 2.70 17.90 14.62
C ARG C 37 2.49 18.76 13.37
N GLU C 38 1.77 19.87 13.55
CA GLU C 38 1.43 20.76 12.43
C GLU C 38 0.76 20.03 11.28
N PRO C 39 -0.32 19.30 11.56
CA PRO C 39 -1.08 18.61 10.50
C PRO C 39 -1.94 19.59 9.70
N TYR C 40 -2.35 19.15 8.51
CA TYR C 40 -3.40 19.85 7.79
C TYR C 40 -4.05 18.92 6.76
N VAL C 41 -5.10 19.41 6.11
CA VAL C 41 -5.81 18.65 5.11
C VAL C 41 -5.89 19.47 3.83
N SER C 42 -5.72 18.83 2.68
CA SER C 42 -5.93 19.51 1.41
C SER C 42 -6.41 18.47 0.41
N CYS C 43 -7.26 18.88 -0.52
CA CYS C 43 -7.85 17.89 -1.41
C CYS C 43 -7.50 18.20 -2.86
N ASP C 44 -7.23 17.17 -3.65
CA ASP C 44 -7.21 17.34 -5.11
C ASP C 44 -8.68 17.35 -5.57
N PRO C 45 -8.95 17.52 -6.86
CA PRO C 45 -10.38 17.63 -7.21
C PRO C 45 -11.24 16.40 -6.88
N GLY C 46 -10.60 15.24 -6.70
CA GLY C 46 -11.34 14.03 -6.36
C GLY C 46 -11.35 13.60 -4.90
N LYS C 47 -10.25 13.81 -4.19
CA LYS C 47 -10.15 13.27 -2.85
C LYS C 47 -9.19 14.03 -1.96
N CYS C 48 -9.38 13.83 -0.66
CA CYS C 48 -8.65 14.59 0.35
C CYS C 48 -7.47 13.82 0.90
N TYR C 49 -6.46 14.59 1.31
CA TYR C 49 -5.24 14.04 1.89
C TYR C 49 -4.94 14.69 3.22
N GLN C 50 -4.39 13.91 4.15
CA GLN C 50 -3.89 14.49 5.38
C GLN C 50 -2.37 14.61 5.32
N PHE C 51 -1.90 15.75 5.81
CA PHE C 51 -0.49 16.10 5.83
C PHE C 51 -0.07 16.34 7.26
N ALA C 52 1.22 16.18 7.55
CA ALA C 52 1.76 16.63 8.82
C ALA C 52 3.26 16.68 8.74
N LEU C 53 3.88 17.41 9.67
CA LEU C 53 5.34 17.37 9.78
C LEU C 53 5.79 16.23 10.68
N GLY C 54 6.44 15.24 10.10
CA GLY C 54 7.02 14.18 10.91
C GLY C 54 8.17 14.66 11.76
N GLN C 55 8.55 13.88 12.75
CA GLN C 55 9.73 14.15 13.56
C GLN C 55 10.84 13.14 13.31
N GLY C 56 10.80 12.50 12.14
CA GLY C 56 11.84 11.56 11.77
C GLY C 56 11.88 10.29 12.62
N THR C 57 10.74 9.95 13.23
CA THR C 57 10.68 8.82 14.15
C THR C 57 9.24 8.39 14.33
N THR C 58 9.06 7.13 14.72
CA THR C 58 7.78 6.64 15.22
C THR C 58 7.68 6.97 16.73
N LEU C 59 6.50 6.79 17.30
CA LEU C 59 6.26 7.15 18.70
C LEU C 59 6.90 6.14 19.67
N ASP C 60 6.65 4.86 19.45
CA ASP C 60 7.24 3.82 20.29
C ASP C 60 8.66 3.55 19.77
N ASN C 61 9.59 4.41 20.16
CA ASN C 61 10.91 4.51 19.56
C ASN C 61 11.66 5.48 20.45
N LYS C 62 12.88 5.14 20.87
CA LYS C 62 13.61 6.02 21.75
C LYS C 62 13.89 7.41 21.15
N HIS C 63 13.86 7.49 19.82
CA HIS C 63 14.05 8.78 19.15
C HIS C 63 12.85 9.72 19.31
N SER C 64 11.75 9.24 19.89
CA SER C 64 10.62 10.14 20.11
C SER C 64 10.87 11.11 21.26
N ASN C 65 11.89 10.84 22.07
CA ASN C 65 12.25 11.74 23.15
C ASN C 65 12.68 13.07 22.54
N ASP C 66 12.23 14.16 23.15
CA ASP C 66 12.66 15.53 22.80
C ASP C 66 11.89 16.11 21.63
N THR C 67 10.83 15.42 21.19
CA THR C 67 10.07 15.88 20.03
C THR C 67 9.13 17.08 20.28
N VAL C 68 9.19 17.64 21.49
CA VAL C 68 8.47 18.90 21.72
C VAL C 68 9.10 20.01 20.87
N HIS C 69 10.37 19.85 20.49
CA HIS C 69 11.07 20.87 19.72
C HIS C 69 10.54 20.97 18.29
N ASP C 70 10.45 22.20 17.79
CA ASP C 70 9.78 22.44 16.52
C ASP C 70 10.64 22.17 15.28
N ARG C 71 11.96 22.33 15.38
CA ARG C 71 12.80 22.29 14.18
C ARG C 71 14.03 21.41 14.38
N ILE C 72 14.08 20.31 13.63
CA ILE C 72 15.28 19.46 13.52
C ILE C 72 15.40 19.11 12.04
N PRO C 73 16.60 18.70 11.60
CA PRO C 73 16.80 18.41 10.17
C PRO C 73 16.02 17.19 9.70
N HIS C 74 15.48 16.40 10.62
CA HIS C 74 14.84 15.13 10.27
C HIS C 74 13.36 15.27 10.03
N ARG C 75 12.81 16.45 10.29
CA ARG C 75 11.40 16.68 9.99
C ARG C 75 11.17 16.67 8.49
N THR C 76 10.13 15.93 8.09
CA THR C 76 9.74 15.79 6.71
C THR C 76 8.22 15.89 6.61
N LEU C 77 7.74 16.38 5.47
CA LEU C 77 6.31 16.48 5.25
C LEU C 77 5.73 15.13 4.86
N LEU C 78 4.76 14.64 5.63
CA LEU C 78 4.10 13.38 5.36
C LEU C 78 2.78 13.65 4.63
N MET C 79 2.41 12.74 3.72
CA MET C 79 1.16 12.88 2.96
C MET C 79 0.50 11.53 2.72
N ASN C 80 -0.71 11.35 3.25
CA ASN C 80 -1.53 10.15 3.04
C ASN C 80 -2.92 10.56 2.62
N GLU C 81 -3.67 9.63 2.03
CA GLU C 81 -5.10 9.89 1.90
C GLU C 81 -5.71 10.15 3.28
N LEU C 82 -6.69 11.04 3.32
CA LEU C 82 -7.33 11.42 4.59
C LEU C 82 -7.92 10.19 5.25
N GLY C 83 -7.56 10.01 6.53
CA GLY C 83 -8.05 8.86 7.27
C GLY C 83 -7.10 7.67 7.30
N VAL C 84 -6.05 7.68 6.47
CA VAL C 84 -5.00 6.68 6.58
C VAL C 84 -3.98 7.23 7.57
N PRO C 85 -3.83 6.58 8.73
CA PRO C 85 -2.93 7.11 9.74
C PRO C 85 -1.50 7.02 9.24
N PHE C 86 -0.60 7.74 9.91
CA PHE C 86 0.77 7.81 9.43
C PHE C 86 1.58 6.57 9.83
N HIS C 87 1.36 5.50 9.08
CA HIS C 87 2.08 4.23 9.23
C HIS C 87 3.43 4.27 8.49
N LEU C 88 4.19 3.19 8.56
CA LEU C 88 5.54 3.19 7.98
C LEU C 88 5.61 3.23 6.45
N GLY C 89 4.47 3.01 5.78
CA GLY C 89 4.45 3.13 4.33
C GLY C 89 4.10 4.53 3.85
N THR C 90 4.00 5.47 4.79
CA THR C 90 3.69 6.87 4.45
C THR C 90 4.82 7.51 3.66
N ARG C 91 4.49 8.25 2.60
CA ARG C 91 5.48 8.99 1.82
C ARG C 91 5.90 10.30 2.50
N GLN C 92 7.21 10.48 2.65
CA GLN C 92 7.80 11.75 3.04
C GLN C 92 8.03 12.56 1.77
N VAL C 93 7.23 13.62 1.61
CA VAL C 93 7.15 14.37 0.35
C VAL C 93 8.34 15.29 0.15
N CYS C 94 8.92 15.77 1.25
CA CYS C 94 10.05 16.70 1.20
C CYS C 94 10.59 16.90 2.60
N ILE C 95 11.74 17.55 2.70
CA ILE C 95 12.32 17.90 3.99
C ILE C 95 11.70 19.20 4.46
N ALA C 96 11.13 19.20 5.66
CA ALA C 96 10.39 20.39 6.12
C ALA C 96 10.16 20.41 7.62
N TRP C 97 10.51 21.54 8.25
CA TRP C 97 10.00 21.85 9.57
C TRP C 97 8.95 22.96 9.56
N SER C 98 8.58 23.41 8.36
CA SER C 98 7.41 24.27 8.13
C SER C 98 6.98 24.01 6.70
N SER C 99 5.66 23.99 6.46
CA SER C 99 5.19 23.68 5.11
C SER C 99 3.82 24.25 4.75
N SER C 100 3.52 24.16 3.45
CA SER C 100 2.18 24.40 2.92
C SER C 100 2.08 23.59 1.64
N SER C 101 0.89 23.08 1.32
CA SER C 101 0.68 22.32 0.09
C SER C 101 -0.66 22.66 -0.51
N CYS C 102 -0.76 22.54 -1.83
CA CYS C 102 -2.04 22.73 -2.50
C CYS C 102 -2.01 22.16 -3.89
N HIS C 103 -3.20 21.88 -4.43
CA HIS C 103 -3.34 21.29 -5.75
C HIS C 103 -4.02 22.31 -6.66
N ASP C 104 -3.44 22.53 -7.84
CA ASP C 104 -3.94 23.60 -8.70
C ASP C 104 -4.99 23.12 -9.71
N GLY C 105 -5.41 21.87 -9.58
CA GLY C 105 -6.30 21.25 -10.56
C GLY C 105 -5.56 20.28 -11.45
N LYS C 106 -4.26 20.51 -11.65
CA LYS C 106 -3.44 19.61 -12.46
C LYS C 106 -2.43 18.81 -11.62
N ALA C 107 -1.80 19.48 -10.64
CA ALA C 107 -0.74 18.86 -9.85
C ALA C 107 -0.58 19.49 -8.48
N TRP C 108 0.17 18.82 -7.62
CA TRP C 108 0.47 19.30 -6.28
C TRP C 108 1.67 20.22 -6.26
N LEU C 109 1.52 21.32 -5.52
CA LEU C 109 2.63 22.17 -5.08
C LEU C 109 2.88 21.91 -3.60
N HIS C 110 4.15 21.73 -3.24
CA HIS C 110 4.58 21.69 -1.85
C HIS C 110 5.62 22.75 -1.61
N VAL C 111 5.44 23.50 -0.52
CA VAL C 111 6.39 24.51 -0.08
C VAL C 111 7.01 23.98 1.22
N CYS C 112 8.32 23.74 1.20
CA CYS C 112 8.98 22.99 2.26
C CYS C 112 10.18 23.75 2.78
N ILE C 113 10.17 24.09 4.06
CA ILE C 113 11.23 24.91 4.64
C ILE C 113 12.04 24.09 5.63
N THR C 114 13.36 24.13 5.47
CA THR C 114 14.25 23.41 6.38
C THR C 114 15.60 24.11 6.50
N GLY C 115 16.45 23.61 7.39
CA GLY C 115 17.78 24.16 7.59
C GLY C 115 17.93 25.03 8.83
N ASP C 116 19.02 25.80 8.86
CA ASP C 116 19.34 26.62 10.03
C ASP C 116 18.28 27.68 10.32
N ASP C 117 18.04 27.94 11.60
CA ASP C 117 17.13 29.00 11.99
C ASP C 117 17.54 30.32 11.36
N LYS C 118 18.85 30.59 11.30
CA LYS C 118 19.33 31.88 10.82
C LYS C 118 19.40 31.96 9.30
N ASN C 119 19.14 30.85 8.61
CA ASN C 119 19.43 30.80 7.17
C ASN C 119 18.71 29.62 6.52
N ALA C 120 17.39 29.59 6.66
CA ALA C 120 16.60 28.48 6.15
C ALA C 120 16.45 28.55 4.62
N THR C 121 16.03 27.42 4.04
CA THR C 121 15.73 27.32 2.62
C THR C 121 14.29 26.85 2.43
N ALA C 122 13.55 27.53 1.57
CA ALA C 122 12.24 27.05 1.16
C ALA C 122 12.37 26.43 -0.24
N SER C 123 12.01 25.16 -0.35
CA SER C 123 11.96 24.46 -1.64
C SER C 123 10.54 24.46 -2.18
N PHE C 124 10.43 24.68 -3.48
CA PHE C 124 9.13 24.63 -4.15
C PHE C 124 9.10 23.46 -5.10
N ILE C 125 8.27 22.48 -4.77
CA ILE C 125 8.16 21.23 -5.49
C ILE C 125 6.80 21.18 -6.16
N TYR C 126 6.79 20.97 -7.47
CA TYR C 126 5.56 20.94 -8.24
C TYR C 126 5.55 19.76 -9.21
N ASP C 127 4.45 19.03 -9.24
CA ASP C 127 4.31 17.87 -10.12
C ASP C 127 5.52 16.93 -10.00
N GLY C 128 5.98 16.74 -8.77
CA GLY C 128 7.00 15.74 -8.48
C GLY C 128 8.45 16.16 -8.70
N ARG C 129 8.69 17.44 -8.93
CA ARG C 129 10.08 17.89 -9.11
C ARG C 129 10.33 19.24 -8.47
N LEU C 130 11.58 19.47 -8.06
CA LEU C 130 11.92 20.75 -7.47
C LEU C 130 12.03 21.79 -8.57
N VAL C 131 11.27 22.87 -8.45
CA VAL C 131 11.20 23.90 -9.51
C VAL C 131 11.86 25.21 -9.08
N ASP C 132 11.82 25.52 -7.80
CA ASP C 132 12.36 26.80 -7.34
C ASP C 132 12.79 26.69 -5.88
N SER C 133 13.52 27.69 -5.40
CA SER C 133 13.85 27.79 -3.98
C SER C 133 14.13 29.24 -3.62
N ILE C 134 13.93 29.57 -2.35
CA ILE C 134 14.30 30.90 -1.87
C ILE C 134 14.94 30.76 -0.49
N GLY C 135 15.93 31.60 -0.23
CA GLY C 135 16.57 31.60 1.08
C GLY C 135 15.95 32.63 2.00
N SER C 136 16.20 32.45 3.29
CA SER C 136 15.72 33.35 4.34
C SER C 136 16.04 34.80 4.02
N TRP C 137 15.06 35.70 4.17
CA TRP C 137 15.30 37.12 3.90
C TRP C 137 15.52 37.99 5.15
N SER C 138 15.17 37.45 6.31
CA SER C 138 15.35 38.17 7.58
C SER C 138 16.21 37.41 8.58
N GLN C 139 16.70 36.24 8.18
CA GLN C 139 17.65 35.47 9.00
C GLN C 139 17.10 35.07 10.37
N ASN C 140 15.80 34.79 10.43
CA ASN C 140 15.17 34.45 11.69
C ASN C 140 13.92 33.60 11.46
N ILE C 141 14.18 32.32 11.19
CA ILE C 141 13.16 31.28 11.06
C ILE C 141 12.12 31.60 9.98
N LEU C 142 12.55 31.56 8.73
CA LEU C 142 11.63 31.61 7.61
C LEU C 142 10.57 30.52 7.84
N ARG C 143 9.30 30.90 7.72
CA ARG C 143 8.21 30.01 8.11
C ARG C 143 6.93 30.29 7.36
N THR C 144 6.04 29.30 7.28
CA THR C 144 4.85 29.46 6.46
C THR C 144 3.56 28.94 7.13
N GLN C 145 2.57 28.57 6.33
CA GLN C 145 1.19 28.46 6.81
C GLN C 145 0.89 27.30 7.75
N GLU C 146 1.51 26.14 7.49
CA GLU C 146 1.11 24.87 8.11
C GLU C 146 -0.34 24.51 7.78
N SER C 147 -0.81 24.97 6.61
CA SER C 147 -2.09 24.52 6.07
C SER C 147 -2.11 24.80 4.59
N GLU C 148 -3.21 24.49 3.92
CA GLU C 148 -3.19 24.52 2.46
C GLU C 148 -2.97 25.91 1.86
N CYS C 149 -2.18 25.95 0.80
CA CYS C 149 -2.12 27.14 -0.01
C CYS C 149 -3.33 27.11 -0.96
N VAL C 150 -3.47 28.13 -1.80
CA VAL C 150 -4.68 28.27 -2.64
C VAL C 150 -4.29 28.69 -4.04
N CYS C 151 -4.85 28.01 -5.04
CA CYS C 151 -4.50 28.27 -6.44
C CYS C 151 -5.74 28.67 -7.23
N ILE C 152 -5.60 29.73 -8.02
CA ILE C 152 -6.66 30.14 -8.93
C ILE C 152 -6.05 30.30 -10.31
N ASN C 153 -6.63 29.61 -11.29
CA ASN C 153 -6.19 29.69 -12.69
C ASN C 153 -4.70 29.40 -12.88
N GLY C 154 -4.16 28.50 -12.06
CA GLY C 154 -2.77 28.08 -12.22
C GLY C 154 -1.78 28.86 -11.38
N THR C 155 -2.26 29.87 -10.67
CA THR C 155 -1.40 30.66 -9.80
C THR C 155 -1.70 30.33 -8.33
N CYS C 156 -0.72 29.79 -7.63
CA CYS C 156 -0.87 29.43 -6.23
C CYS C 156 -0.26 30.51 -5.34
N THR C 157 -0.96 30.89 -4.29
CA THR C 157 -0.44 31.89 -3.38
C THR C 157 -0.19 31.29 -1.99
N VAL C 158 0.87 31.75 -1.35
CA VAL C 158 1.22 31.29 -0.02
C VAL C 158 1.82 32.45 0.77
N VAL C 159 1.51 32.51 2.07
CA VAL C 159 2.02 33.56 2.95
C VAL C 159 3.21 33.03 3.77
N MET C 160 4.29 33.80 3.79
CA MET C 160 5.51 33.42 4.49
C MET C 160 6.01 34.56 5.36
N THR C 161 6.60 34.22 6.49
CA THR C 161 7.12 35.23 7.41
C THR C 161 8.56 34.89 7.79
N ASP C 162 9.38 35.92 7.98
CA ASP C 162 10.75 35.74 8.46
C ASP C 162 11.00 36.90 9.40
N GLY C 163 11.65 36.64 10.53
CA GLY C 163 11.88 37.67 11.53
C GLY C 163 11.28 37.33 12.87
N SER C 164 11.20 38.36 13.73
CA SER C 164 10.86 38.17 15.14
C SER C 164 9.49 37.53 15.36
N ALA C 165 9.42 36.67 16.40
CA ALA C 165 8.16 36.10 16.86
C ALA C 165 7.47 37.01 17.87
N SER C 166 8.14 38.09 18.28
CA SER C 166 7.65 38.96 19.34
C SER C 166 7.86 40.43 19.02
N GLY C 167 7.74 40.76 17.74
CA GLY C 167 7.98 42.12 17.28
C GLY C 167 7.79 42.15 15.79
N ARG C 168 7.99 43.32 15.18
CA ARG C 168 7.79 43.48 13.74
C ARG C 168 8.62 42.46 12.95
N ALA C 169 7.97 41.80 12.00
CA ALA C 169 8.66 40.82 11.14
C ALA C 169 8.44 41.19 9.68
N ASP C 170 9.01 40.38 8.77
CA ASP C 170 8.96 40.63 7.33
C ASP C 170 8.12 39.53 6.70
N THR C 171 6.86 39.85 6.41
CA THR C 171 5.93 38.92 5.82
C THR C 171 5.76 39.21 4.33
N ARG C 172 5.81 38.15 3.54
CA ARG C 172 5.70 38.29 2.09
C ARG C 172 4.69 37.29 1.56
N ILE C 173 4.04 37.67 0.48
CA ILE C 173 3.05 36.82 -0.16
C ILE C 173 3.60 36.42 -1.52
N LEU C 174 3.75 35.12 -1.73
CA LEU C 174 4.36 34.60 -2.94
C LEU C 174 3.28 34.10 -3.89
N PHE C 175 3.54 34.21 -5.18
CA PHE C 175 2.63 33.78 -6.23
C PHE C 175 3.44 32.86 -7.11
N ILE C 176 2.96 31.63 -7.24
CA ILE C 176 3.79 30.54 -7.77
C ILE C 176 3.02 29.83 -8.88
N GLU C 177 3.64 29.71 -10.05
CA GLU C 177 2.98 29.07 -11.20
C GLU C 177 3.80 27.88 -11.66
N GLU C 178 3.20 26.69 -11.55
CA GLU C 178 3.87 25.43 -11.86
C GLU C 178 5.19 25.31 -11.10
N GLY C 179 5.16 25.74 -9.84
CA GLY C 179 6.34 25.63 -8.98
C GLY C 179 7.32 26.79 -9.02
N LYS C 180 7.16 27.71 -9.97
CA LYS C 180 8.10 28.82 -10.13
C LYS C 180 7.53 30.10 -9.53
N ILE C 181 8.31 30.78 -8.70
CA ILE C 181 7.86 32.05 -8.15
C ILE C 181 7.78 33.07 -9.27
N VAL C 182 6.61 33.66 -9.46
CA VAL C 182 6.42 34.67 -10.50
C VAL C 182 6.20 36.08 -9.95
N HIS C 183 5.78 36.19 -8.70
CA HIS C 183 5.62 37.50 -8.07
C HIS C 183 5.77 37.33 -6.57
N ILE C 184 6.33 38.35 -5.91
CA ILE C 184 6.39 38.41 -4.46
C ILE C 184 5.94 39.80 -4.04
N SER C 185 5.00 39.86 -3.11
CA SER C 185 4.46 41.13 -2.61
C SER C 185 4.72 41.24 -1.12
N PRO C 186 5.10 42.43 -0.65
CA PRO C 186 5.20 42.64 0.81
C PRO C 186 3.81 42.72 1.45
N LEU C 187 3.70 42.25 2.68
CA LEU C 187 2.50 42.51 3.46
C LEU C 187 2.27 44.03 3.53
N SER C 188 1.01 44.45 3.35
CA SER C 188 0.62 45.83 3.56
C SER C 188 -0.67 45.82 4.35
N GLY C 189 -1.12 46.99 4.81
CA GLY C 189 -2.32 47.04 5.64
C GLY C 189 -2.00 47.19 7.11
N SER C 190 -3.00 46.95 7.96
CA SER C 190 -2.84 47.28 9.37
C SER C 190 -2.51 46.09 10.28
N ALA C 191 -2.39 44.89 9.73
CA ALA C 191 -1.96 43.76 10.55
C ALA C 191 -0.51 43.97 10.94
N GLN C 192 -0.18 43.79 12.21
CA GLN C 192 1.16 44.10 12.71
C GLN C 192 2.05 42.88 12.90
N HIS C 193 1.45 41.69 12.85
CA HIS C 193 2.22 40.46 12.96
C HIS C 193 1.41 39.34 12.34
N ILE C 194 2.05 38.59 11.46
CA ILE C 194 1.37 37.55 10.69
C ILE C 194 2.14 36.25 10.78
N GLU C 195 1.49 35.20 11.28
CA GLU C 195 2.03 33.84 11.24
C GLU C 195 0.94 32.84 10.89
N GLU C 196 1.35 31.71 10.31
CA GLU C 196 0.50 30.51 10.23
C GLU C 196 -0.87 30.79 9.66
N CYS C 197 -0.89 31.46 8.51
CA CYS C 197 -2.16 31.84 7.88
C CYS C 197 -3.00 30.64 7.43
N SER C 198 -4.29 30.73 7.69
CA SER C 198 -5.27 29.78 7.19
C SER C 198 -6.03 30.48 6.07
N CYS C 199 -5.75 30.07 4.83
CA CYS C 199 -6.24 30.77 3.65
C CYS C 199 -7.29 29.99 2.90
N TYR C 200 -8.13 30.72 2.19
CA TYR C 200 -9.18 30.11 1.41
C TYR C 200 -9.52 30.91 0.16
N PRO C 201 -9.97 30.23 -0.90
CA PRO C 201 -10.35 30.96 -2.10
C PRO C 201 -11.65 31.72 -1.84
N ARG C 202 -11.64 32.98 -2.24
CA ARG C 202 -12.84 33.80 -2.21
C ARG C 202 -12.83 34.54 -3.53
N TYR C 203 -13.16 33.79 -4.59
CA TYR C 203 -13.00 34.26 -5.97
C TYR C 203 -13.54 35.66 -6.15
N PRO C 204 -12.76 36.53 -6.82
CA PRO C 204 -11.51 36.30 -7.55
C PRO C 204 -10.23 36.37 -6.72
N GLY C 205 -10.34 36.45 -5.40
CA GLY C 205 -9.17 36.62 -4.57
C GLY C 205 -8.98 35.48 -3.58
N VAL C 206 -8.05 35.68 -2.65
CA VAL C 206 -7.81 34.72 -1.57
C VAL C 206 -7.84 35.49 -0.27
N ARG C 207 -8.41 34.90 0.77
CA ARG C 207 -8.48 35.52 2.08
C ARG C 207 -7.86 34.60 3.13
N CYS C 208 -7.11 35.20 4.05
CA CYS C 208 -6.44 34.42 5.10
C CYS C 208 -6.75 35.00 6.46
N ILE C 209 -6.95 34.11 7.42
CA ILE C 209 -7.08 34.47 8.83
C ILE C 209 -5.88 33.84 9.52
N CYS C 210 -5.11 34.64 10.25
CA CYS C 210 -3.80 34.19 10.73
C CYS C 210 -3.64 34.30 12.25
N ARG C 211 -2.38 34.25 12.69
CA ARG C 211 -2.00 34.34 14.11
C ARG C 211 -1.10 35.56 14.28
N ASP C 212 -1.46 36.43 15.21
CA ASP C 212 -0.58 37.56 15.58
C ASP C 212 0.13 37.07 16.82
N ASN C 213 1.45 36.94 16.84
CA ASN C 213 2.12 36.36 17.99
C ASN C 213 2.67 37.41 18.95
N TRP C 214 2.37 38.67 18.65
CA TRP C 214 3.04 39.78 19.30
C TRP C 214 2.12 40.59 20.21
N LYS C 215 1.16 41.31 19.63
CA LYS C 215 0.30 42.16 20.45
C LYS C 215 -1.20 41.85 20.38
N GLY C 216 -1.62 40.88 19.58
CA GLY C 216 -3.04 40.67 19.41
C GLY C 216 -3.58 39.30 19.76
N SER C 217 -4.68 39.22 20.52
CA SER C 217 -5.41 37.97 20.66
C SER C 217 -6.60 37.94 19.68
N ASN C 218 -6.83 39.07 19.01
CA ASN C 218 -7.69 39.05 17.83
C ASN C 218 -6.86 38.53 16.65
N ARG C 219 -7.51 37.82 15.72
CA ARG C 219 -6.77 37.26 14.58
C ARG C 219 -6.64 38.25 13.42
N PRO C 220 -5.43 38.37 12.88
CA PRO C 220 -5.26 39.22 11.70
C PRO C 220 -5.84 38.58 10.45
N VAL C 221 -6.13 39.42 9.47
CA VAL C 221 -6.71 39.02 8.21
C VAL C 221 -5.75 39.50 7.13
N VAL C 222 -5.47 38.65 6.15
CA VAL C 222 -4.73 39.09 4.96
C VAL C 222 -5.58 38.88 3.73
N ASP C 223 -5.72 39.91 2.91
CA ASP C 223 -6.50 39.81 1.69
C ASP C 223 -5.55 39.91 0.50
N ILE C 224 -5.65 38.93 -0.40
CA ILE C 224 -4.71 38.78 -1.49
C ILE C 224 -5.43 38.94 -2.81
N ASN C 225 -5.04 39.96 -3.57
CA ASN C 225 -5.60 40.17 -4.89
C ASN C 225 -4.79 39.37 -5.90
N MET C 226 -5.43 38.40 -6.54
CA MET C 226 -4.75 37.48 -7.44
C MET C 226 -4.61 38.05 -8.85
N GLU C 227 -5.26 39.19 -9.09
CA GLU C 227 -5.21 39.82 -10.40
C GLU C 227 -4.06 40.81 -10.51
N ASP C 228 -3.81 41.56 -9.43
CA ASP C 228 -2.72 42.54 -9.48
C ASP C 228 -1.68 42.41 -8.36
N TYR C 229 -1.85 41.37 -7.54
CA TYR C 229 -0.89 41.03 -6.49
C TYR C 229 -0.85 41.99 -5.31
N SER C 230 -1.78 42.94 -5.28
CA SER C 230 -1.84 43.83 -4.12
C SER C 230 -2.36 43.12 -2.88
N ILE C 231 -1.94 43.63 -1.73
CA ILE C 231 -2.20 43.01 -0.45
C ILE C 231 -2.84 44.02 0.50
N ASP C 232 -3.85 43.59 1.24
CA ASP C 232 -4.38 44.38 2.33
C ASP C 232 -4.42 43.50 3.57
N SER C 233 -4.54 44.11 4.73
CA SER C 233 -4.65 43.35 5.97
C SER C 233 -5.37 44.16 7.04
N SER C 234 -5.91 43.45 8.03
CA SER C 234 -6.73 44.05 9.08
C SER C 234 -6.82 43.01 10.19
N TYR C 235 -7.80 43.16 11.08
CA TYR C 235 -8.08 42.14 12.10
C TYR C 235 -9.55 41.75 12.03
N VAL C 236 -9.83 40.50 12.37
CA VAL C 236 -11.21 40.03 12.43
C VAL C 236 -12.01 40.93 13.37
N CYS C 237 -13.17 41.38 12.91
CA CYS C 237 -14.00 42.31 13.68
C CYS C 237 -14.53 41.76 15.01
N SER C 238 -14.89 40.49 15.01
CA SER C 238 -15.54 39.84 16.15
C SER C 238 -14.92 40.15 17.52
N GLY C 239 -15.76 40.58 18.45
CA GLY C 239 -15.32 40.76 19.83
C GLY C 239 -15.11 39.44 20.56
N LEU C 240 -15.64 38.37 19.98
CA LEU C 240 -15.29 37.02 20.44
C LEU C 240 -14.05 36.66 19.64
N VAL C 241 -12.90 36.71 20.31
CA VAL C 241 -11.64 36.59 19.59
C VAL C 241 -11.16 35.15 19.48
N GLY C 242 -10.32 34.90 18.48
CA GLY C 242 -10.01 33.53 18.11
C GLY C 242 -8.67 32.96 18.57
N ASP C 243 -7.80 33.79 19.11
CA ASP C 243 -6.48 33.29 19.53
C ASP C 243 -6.53 32.72 20.93
N THR C 244 -5.44 32.03 21.30
CA THR C 244 -5.18 31.58 22.66
C THR C 244 -3.71 31.85 22.94
N PRO C 245 -3.39 32.58 24.01
CA PRO C 245 -4.30 33.09 25.05
C PRO C 245 -5.13 34.28 24.60
N ARG C 246 -6.12 34.63 25.42
CA ARG C 246 -7.02 35.75 25.17
C ARG C 246 -7.73 36.09 26.47
N ASN C 247 -8.37 37.26 26.50
CA ASN C 247 -9.24 37.61 27.63
C ASN C 247 -10.50 36.78 27.58
N ASP C 248 -11.25 36.75 28.68
CA ASP C 248 -12.56 36.12 28.68
C ASP C 248 -13.51 36.91 27.76
N ASP C 249 -14.64 36.32 27.42
CA ASP C 249 -15.57 36.89 26.47
C ASP C 249 -16.11 38.25 26.91
N SER C 250 -16.23 38.44 28.22
CA SER C 250 -16.77 39.70 28.73
C SER C 250 -15.77 40.86 28.65
N SER C 251 -14.48 40.54 28.53
CA SER C 251 -13.46 41.59 28.52
C SER C 251 -12.56 41.59 27.27
N SER C 252 -12.90 40.77 26.28
CA SER C 252 -12.14 40.75 25.04
C SER C 252 -12.67 41.80 24.06
N ASN C 253 -11.80 42.30 23.20
CA ASN C 253 -12.17 43.34 22.24
C ASN C 253 -11.44 43.20 20.91
N SER C 254 -12.07 43.68 19.85
CA SER C 254 -11.39 43.88 18.58
C SER C 254 -12.02 45.08 17.89
N ASN C 255 -11.18 45.88 17.24
CA ASN C 255 -11.67 47.04 16.48
C ASN C 255 -11.54 46.89 14.96
N CYS C 256 -11.23 45.66 14.52
CA CYS C 256 -11.09 45.33 13.09
C CYS C 256 -9.78 45.81 12.46
N ARG C 257 -9.00 46.61 13.18
CA ARG C 257 -7.86 47.29 12.54
C ARG C 257 -6.51 47.11 13.23
N ASN C 258 -6.50 47.10 14.55
CA ASN C 258 -5.27 47.03 15.32
C ASN C 258 -5.26 45.81 16.21
N PRO C 259 -4.06 45.30 16.55
CA PRO C 259 -4.01 44.25 17.56
C PRO C 259 -4.60 44.79 18.87
N ASN C 260 -5.29 43.94 19.61
CA ASN C 260 -6.04 44.41 20.77
C ASN C 260 -5.22 44.63 22.06
N ASN C 261 -3.96 44.21 22.05
CA ASN C 261 -3.10 44.30 23.23
C ASN C 261 -3.70 43.63 24.46
N GLU C 262 -4.40 42.52 24.22
CA GLU C 262 -5.03 41.74 25.28
C GLU C 262 -4.45 40.33 25.25
N ARG C 263 -3.57 40.05 26.20
CA ARG C 263 -2.82 38.80 26.23
C ARG C 263 -2.31 38.49 24.83
N GLY C 264 -1.74 39.51 24.19
CA GLY C 264 -1.38 39.41 22.80
C GLY C 264 -0.17 38.55 22.51
N THR C 265 0.77 38.44 23.42
CA THR C 265 1.96 37.64 23.12
C THR C 265 1.59 36.16 23.01
N GLN C 266 2.34 35.41 22.19
CA GLN C 266 2.11 33.97 21.93
C GLN C 266 0.85 33.79 21.13
N GLY C 267 0.34 32.57 20.98
CA GLY C 267 -0.82 32.36 20.13
C GLY C 267 -0.92 30.93 19.64
N VAL C 268 -1.89 30.67 18.77
CA VAL C 268 -2.03 29.35 18.15
C VAL C 268 -2.60 29.55 16.75
N LYS C 269 -2.20 28.68 15.81
CA LYS C 269 -2.78 28.73 14.48
C LYS C 269 -4.27 28.43 14.56
N GLY C 270 -5.08 29.19 13.84
CA GLY C 270 -6.50 28.95 13.77
C GLY C 270 -7.11 29.50 12.49
N TRP C 271 -8.44 29.64 12.47
CA TRP C 271 -9.13 30.00 11.24
C TRP C 271 -10.48 30.67 11.51
N ALA C 272 -10.97 31.33 10.47
CA ALA C 272 -12.34 31.86 10.43
C ALA C 272 -12.66 32.13 8.98
N PHE C 273 -13.93 32.31 8.65
CA PHE C 273 -14.27 32.80 7.32
C PHE C 273 -15.52 33.65 7.37
N ASP C 274 -15.61 34.59 6.43
CA ASP C 274 -16.75 35.49 6.37
C ASP C 274 -17.92 34.86 5.63
N ASN C 275 -19.11 35.24 6.05
CA ASN C 275 -20.28 35.04 5.21
C ASN C 275 -21.15 36.27 5.31
N GLY C 276 -21.05 37.12 4.29
CA GLY C 276 -21.67 38.42 4.34
C GLY C 276 -21.10 39.21 5.51
N ASN C 277 -21.99 39.71 6.35
CA ASN C 277 -21.57 40.48 7.52
C ASN C 277 -21.15 39.57 8.67
N ASP C 278 -21.45 38.28 8.55
CA ASP C 278 -21.26 37.35 9.65
C ASP C 278 -19.93 36.60 9.53
N LEU C 279 -19.56 35.91 10.60
CA LEU C 279 -18.29 35.20 10.67
C LEU C 279 -18.48 33.81 11.25
N TRP C 280 -17.96 32.80 10.56
CA TRP C 280 -17.83 31.48 11.13
C TRP C 280 -16.42 31.35 11.66
N MET C 281 -16.27 30.84 12.87
CA MET C 281 -14.93 30.71 13.43
C MET C 281 -14.82 29.55 14.39
N GLY C 282 -13.60 29.05 14.56
CA GLY C 282 -13.29 28.09 15.60
C GLY C 282 -12.31 28.70 16.59
N ARG C 283 -12.22 28.11 17.77
CA ARG C 283 -11.18 28.48 18.73
C ARG C 283 -11.11 27.43 19.81
N THR C 284 -10.04 27.44 20.61
CA THR C 284 -9.99 26.56 21.77
C THR C 284 -11.05 27.01 22.76
N ILE C 285 -11.54 26.08 23.58
CA ILE C 285 -12.55 26.47 24.58
C ILE C 285 -11.88 27.23 25.72
N SER C 286 -10.75 26.70 26.19
CA SER C 286 -9.93 27.41 27.15
C SER C 286 -9.40 28.73 26.59
N LYS C 287 -9.36 29.76 27.43
CA LYS C 287 -8.74 31.03 27.04
C LYS C 287 -7.24 31.07 27.37
N GLU C 288 -6.77 30.03 28.08
CA GLU C 288 -5.40 29.97 28.57
C GLU C 288 -4.51 29.00 27.80
N SER C 289 -5.04 27.82 27.51
CA SER C 289 -4.24 26.75 26.91
C SER C 289 -4.96 26.13 25.74
N ARG C 290 -4.27 25.22 25.05
CA ARG C 290 -4.83 24.57 23.88
C ARG C 290 -5.66 23.38 24.33
N SER C 291 -6.80 23.72 24.94
CA SER C 291 -7.71 22.77 25.56
C SER C 291 -9.09 23.03 24.98
N GLY C 292 -9.76 21.97 24.53
CA GLY C 292 -11.08 22.07 23.94
C GLY C 292 -11.09 22.70 22.57
N TYR C 293 -12.20 22.56 21.86
CA TYR C 293 -12.38 23.24 20.59
C TYR C 293 -13.86 23.43 20.33
N GLU C 294 -14.21 24.64 19.91
CA GLU C 294 -15.60 24.99 19.62
C GLU C 294 -15.66 25.80 18.34
N THR C 295 -16.80 25.72 17.65
CA THR C 295 -17.06 26.58 16.50
C THR C 295 -18.39 27.28 16.72
N PHE C 296 -18.56 28.43 16.10
CA PHE C 296 -19.83 29.16 16.17
C PHE C 296 -19.85 30.23 15.10
N LYS C 297 -21.03 30.79 14.89
CA LYS C 297 -21.20 31.90 13.98
C LYS C 297 -21.38 33.17 14.80
N VAL C 298 -20.61 34.21 14.44
CA VAL C 298 -20.78 35.50 15.10
C VAL C 298 -21.58 36.42 14.18
N ILE C 299 -22.74 36.87 14.68
CA ILE C 299 -23.59 37.77 13.92
C ILE C 299 -22.91 39.14 13.83
N GLY C 300 -22.66 39.58 12.61
CA GLY C 300 -21.88 40.79 12.37
C GLY C 300 -20.41 40.61 12.66
N GLY C 301 -19.94 39.36 12.79
CA GLY C 301 -18.57 39.10 13.19
C GLY C 301 -17.54 39.49 12.14
N TRP C 302 -17.97 39.63 10.90
CA TRP C 302 -17.09 40.12 9.86
C TRP C 302 -17.11 41.64 9.71
N SER C 303 -18.29 42.23 9.80
CA SER C 303 -18.47 43.64 9.44
C SER C 303 -18.50 44.61 10.62
N THR C 304 -18.93 44.13 11.78
CA THR C 304 -19.18 45.01 12.92
C THR C 304 -18.14 44.89 14.02
N PRO C 305 -17.36 45.96 14.26
CA PRO C 305 -16.35 45.92 15.32
C PRO C 305 -16.95 45.49 16.65
N ASN C 306 -16.28 44.54 17.30
CA ASN C 306 -16.61 44.13 18.65
C ASN C 306 -17.91 43.37 18.83
N SER C 307 -18.43 42.83 17.73
N SER C 307 -18.45 42.83 17.74
CA SER C 307 -19.65 42.01 17.78
CA SER C 307 -19.68 42.04 17.80
C SER C 307 -19.45 40.79 18.66
C SER C 307 -19.48 40.78 18.63
N LYS C 308 -20.41 40.50 19.52
CA LYS C 308 -20.30 39.35 20.43
C LYS C 308 -21.52 38.45 20.46
N SER C 309 -22.45 38.66 19.53
CA SER C 309 -23.63 37.82 19.45
C SER C 309 -23.30 36.55 18.68
N GLN C 310 -23.34 35.42 19.35
CA GLN C 310 -23.07 34.17 18.64
C GLN C 310 -24.30 33.30 18.53
N VAL C 311 -24.25 32.37 17.58
CA VAL C 311 -25.30 31.38 17.41
C VAL C 311 -24.67 30.14 16.76
N ASN C 312 -25.37 29.01 16.78
CA ASN C 312 -24.92 27.80 16.10
C ASN C 312 -23.61 27.26 16.62
N ARG C 313 -23.42 27.36 17.93
CA ARG C 313 -22.23 26.81 18.55
C ARG C 313 -22.23 25.30 18.42
N GLN C 314 -21.03 24.74 18.22
CA GLN C 314 -20.82 23.31 18.31
C GLN C 314 -19.53 23.03 19.07
N VAL C 315 -19.59 22.11 20.03
CA VAL C 315 -18.37 21.57 20.63
C VAL C 315 -17.78 20.54 19.68
N ILE C 316 -16.50 20.69 19.37
CA ILE C 316 -15.80 19.70 18.56
C ILE C 316 -14.99 18.80 19.48
N VAL C 317 -14.30 19.42 20.44
CA VAL C 317 -13.53 18.71 21.46
C VAL C 317 -13.88 19.33 22.81
N ASP C 318 -14.36 18.54 23.77
CA ASP C 318 -14.71 19.13 25.06
C ASP C 318 -13.48 19.67 25.80
N ASN C 319 -13.72 20.53 26.77
CA ASN C 319 -12.63 21.24 27.46
C ASN C 319 -11.87 20.40 28.48
N ASN C 320 -12.18 19.11 28.55
CA ASN C 320 -11.39 18.17 29.35
C ASN C 320 -10.33 17.46 28.53
N ASN C 321 -10.21 17.86 27.27
CA ASN C 321 -9.30 17.20 26.32
C ASN C 321 -8.47 18.22 25.54
N TRP C 322 -7.26 17.81 25.16
CA TRP C 322 -6.33 18.73 24.50
C TRP C 322 -6.65 18.93 23.04
N SER C 323 -6.47 20.16 22.57
CA SER C 323 -6.54 20.47 21.15
C SER C 323 -5.17 20.91 20.65
N GLY C 324 -5.12 22.02 19.91
CA GLY C 324 -3.88 22.42 19.26
C GLY C 324 -4.17 23.33 18.08
N ASP C 325 -3.33 23.26 17.05
CA ASP C 325 -3.54 24.03 15.82
C ASP C 325 -4.87 23.67 15.20
N SER C 326 -5.40 24.59 14.39
CA SER C 326 -6.54 24.26 13.54
C SER C 326 -6.43 25.09 12.28
N GLY C 327 -7.06 24.62 11.21
CA GLY C 327 -6.98 25.34 9.96
C GLY C 327 -8.11 25.00 9.03
N ILE C 328 -8.25 25.82 8.00
CA ILE C 328 -9.33 25.68 7.05
C ILE C 328 -8.84 24.95 5.79
N PHE C 329 -9.75 24.25 5.13
CA PHE C 329 -9.53 23.82 3.75
C PHE C 329 -10.85 23.94 3.01
N SER C 330 -10.77 24.04 1.69
CA SER C 330 -11.96 24.27 0.89
C SER C 330 -12.15 23.13 -0.11
N VAL C 331 -13.41 22.77 -0.35
CA VAL C 331 -13.74 21.62 -1.18
C VAL C 331 -14.85 22.00 -2.13
N GLU C 332 -14.58 21.82 -3.43
CA GLU C 332 -15.54 22.21 -4.44
C GLU C 332 -16.66 21.20 -4.58
N GLY C 333 -17.89 21.68 -4.51
CA GLY C 333 -19.05 20.82 -4.67
C GLY C 333 -19.68 21.12 -6.01
N LYS C 334 -20.83 20.51 -6.26
CA LYS C 334 -21.51 20.68 -7.54
C LYS C 334 -21.82 22.15 -7.84
N SER C 335 -22.30 22.87 -6.81
CA SER C 335 -22.82 24.22 -7.02
C SER C 335 -22.14 25.29 -6.17
N CYS C 336 -21.34 24.88 -5.19
CA CYS C 336 -20.76 25.85 -4.27
C CYS C 336 -19.44 25.34 -3.71
N ILE C 337 -18.65 26.25 -3.18
CA ILE C 337 -17.40 25.92 -2.49
C ILE C 337 -17.66 25.78 -1.00
N ASN C 338 -17.37 24.60 -0.48
CA ASN C 338 -17.57 24.34 0.93
C ASN C 338 -16.33 24.66 1.74
N ARG C 339 -16.53 25.00 3.01
CA ARG C 339 -15.43 25.22 3.93
C ARG C 339 -15.41 24.09 4.95
N CYS C 340 -14.22 23.56 5.22
CA CYS C 340 -14.02 22.51 6.20
C CYS C 340 -12.86 22.93 7.12
N PHE C 341 -12.69 22.23 8.23
CA PHE C 341 -11.54 22.51 9.08
C PHE C 341 -11.05 21.24 9.76
N TYR C 342 -9.80 21.28 10.18
CA TYR C 342 -9.23 20.21 10.97
C TYR C 342 -8.78 20.80 12.32
N VAL C 343 -8.69 19.93 13.32
CA VAL C 343 -8.13 20.29 14.61
C VAL C 343 -7.02 19.31 14.94
N GLU C 344 -5.85 19.86 15.26
CA GLU C 344 -4.72 19.09 15.75
C GLU C 344 -4.94 18.78 17.22
N LEU C 345 -4.85 17.49 17.59
CA LEU C 345 -5.09 17.05 18.96
C LEU C 345 -3.75 16.65 19.56
N ILE C 346 -3.11 17.59 20.25
CA ILE C 346 -1.75 17.38 20.73
C ILE C 346 -1.70 16.56 22.00
N ARG C 347 -0.90 15.51 22.01
CA ARG C 347 -0.70 14.68 23.20
C ARG C 347 0.78 14.70 23.57
N GLY C 348 1.06 14.51 24.85
CA GLY C 348 2.43 14.54 25.35
C GLY C 348 2.86 15.94 25.79
N ARG C 349 4.12 16.27 25.58
CA ARG C 349 4.66 17.54 26.09
C ARG C 349 4.17 18.75 25.30
N PRO C 350 4.07 19.92 25.97
CA PRO C 350 4.47 20.18 27.37
C PRO C 350 3.41 19.85 28.42
N GLN C 351 2.17 19.61 28.03
CA GLN C 351 1.08 19.47 29.02
C GLN C 351 1.14 18.15 29.79
N GLU C 352 1.54 17.10 29.11
CA GLU C 352 1.55 15.76 29.70
C GLU C 352 2.99 15.26 29.81
N THR C 353 3.59 15.47 30.97
CA THR C 353 5.01 15.21 31.14
C THR C 353 5.37 13.77 31.51
N ARG C 354 4.37 12.91 31.69
CA ARG C 354 4.65 11.50 31.96
C ARG C 354 5.44 10.89 30.79
N VAL C 355 5.18 11.38 29.59
CA VAL C 355 5.89 10.91 28.41
C VAL C 355 6.91 11.93 27.97
N TRP C 356 7.87 11.51 27.17
CA TRP C 356 8.94 12.41 26.73
C TRP C 356 8.73 12.94 25.32
N TRP C 357 7.67 12.46 24.67
CA TRP C 357 7.39 12.85 23.30
C TRP C 357 6.24 13.86 23.20
N THR C 358 6.10 14.43 22.01
CA THR C 358 4.96 15.26 21.64
C THR C 358 4.49 14.76 20.28
N SER C 359 3.20 14.46 20.16
CA SER C 359 2.65 14.04 18.88
C SER C 359 1.22 14.52 18.80
N ASN C 360 0.51 14.13 17.74
CA ASN C 360 -0.88 14.54 17.62
C ASN C 360 -1.71 13.57 16.81
N SER C 361 -3.02 13.62 17.00
CA SER C 361 -3.96 13.04 16.05
C SER C 361 -4.78 14.17 15.47
N ILE C 362 -5.72 13.84 14.59
CA ILE C 362 -6.58 14.87 14.01
C ILE C 362 -8.04 14.47 14.02
N VAL C 363 -8.89 15.49 13.99
CA VAL C 363 -10.31 15.34 13.75
C VAL C 363 -10.69 16.43 12.76
N VAL C 364 -11.61 16.12 11.87
CA VAL C 364 -11.91 16.95 10.71
C VAL C 364 -13.42 17.04 10.53
N PHE C 365 -13.90 18.26 10.30
CA PHE C 365 -15.32 18.53 10.09
C PHE C 365 -15.52 19.32 8.80
N CYS C 366 -16.68 19.18 8.17
CA CYS C 366 -16.96 19.97 6.97
C CYS C 366 -18.28 20.71 7.08
N GLY C 367 -18.35 21.87 6.43
CA GLY C 367 -19.58 22.62 6.39
C GLY C 367 -20.72 21.79 5.87
N THR C 368 -21.91 22.04 6.41
CA THR C 368 -23.10 21.39 5.92
C THR C 368 -24.24 22.40 5.82
N SER C 369 -25.14 22.20 4.87
CA SER C 369 -26.37 22.97 4.81
C SER C 369 -27.55 22.19 5.42
N GLY C 370 -27.25 20.99 5.92
CA GLY C 370 -28.27 20.15 6.53
C GLY C 370 -28.36 20.38 8.01
N THR C 371 -28.71 19.34 8.76
CA THR C 371 -28.80 19.42 10.20
C THR C 371 -27.83 18.43 10.84
N TYR C 372 -27.70 18.54 12.15
CA TYR C 372 -26.67 17.81 12.88
C TYR C 372 -26.99 17.86 14.36
N GLY C 373 -26.28 17.05 15.14
CA GLY C 373 -26.47 17.00 16.57
C GLY C 373 -25.28 17.53 17.34
N THR C 374 -24.89 16.79 18.38
CA THR C 374 -23.77 17.17 19.24
C THR C 374 -22.88 15.97 19.57
N GLY C 375 -21.68 16.27 20.04
CA GLY C 375 -20.75 15.26 20.50
C GLY C 375 -19.45 15.87 20.94
N SER C 376 -18.44 15.02 21.12
CA SER C 376 -17.09 15.47 21.40
C SER C 376 -16.18 14.38 20.88
N TRP C 377 -15.15 14.77 20.12
CA TRP C 377 -14.30 13.82 19.42
C TRP C 377 -12.84 14.13 19.73
N PRO C 378 -12.40 13.82 20.95
CA PRO C 378 -11.03 14.11 21.38
C PRO C 378 -10.06 13.05 20.86
N ASP C 379 -8.80 13.23 21.20
CA ASP C 379 -7.80 12.26 20.76
C ASP C 379 -8.13 10.84 21.21
N GLY C 380 -8.43 10.68 22.49
CA GLY C 380 -8.88 9.40 23.01
C GLY C 380 -7.84 8.46 23.58
N ALA C 381 -6.56 8.78 23.45
CA ALA C 381 -5.54 7.91 24.05
C ALA C 381 -5.50 8.07 25.57
N ASN C 382 -5.19 6.98 26.25
CA ASN C 382 -4.95 7.00 27.68
C ASN C 382 -3.46 7.18 27.87
N ILE C 383 -3.06 8.33 28.42
CA ILE C 383 -1.65 8.64 28.55
C ILE C 383 -0.90 7.57 29.36
N ASN C 384 -1.61 6.88 30.25
CA ASN C 384 -0.99 5.86 31.09
C ASN C 384 -0.73 4.54 30.37
N PHE C 385 -1.29 4.38 29.17
CA PHE C 385 -1.03 3.20 28.35
C PHE C 385 0.11 3.41 27.38
N MET C 386 0.57 4.64 27.24
CA MET C 386 1.56 4.95 26.22
C MET C 386 2.98 4.61 26.66
N PRO C 387 3.81 4.15 25.72
CA PRO C 387 5.23 4.12 26.05
C PRO C 387 5.69 5.55 26.28
N ILE C 388 6.65 5.76 27.17
CA ILE C 388 7.13 7.12 27.42
C ILE C 388 8.08 7.58 26.33
N VAL D 1 -18.58 5.27 -17.36
CA VAL D 1 -19.12 5.50 -16.03
C VAL D 1 -20.63 5.80 -16.05
N GLU D 2 -21.42 4.73 -16.10
CA GLU D 2 -22.87 4.84 -16.09
C GLU D 2 -23.39 4.43 -14.72
N TYR D 3 -24.54 4.99 -14.33
CA TYR D 3 -25.20 4.55 -13.11
C TYR D 3 -25.63 3.09 -13.21
N ARG D 4 -25.48 2.37 -12.10
CA ARG D 4 -26.06 1.04 -11.95
C ARG D 4 -27.58 1.09 -11.92
N ASN D 5 -28.21 0.16 -12.64
CA ASN D 5 -29.65 -0.01 -12.54
C ASN D 5 -30.08 -1.37 -11.99
N TRP D 6 -29.15 -2.34 -11.98
CA TRP D 6 -29.43 -3.67 -11.48
C TRP D 6 -30.60 -4.33 -12.22
N SER D 7 -30.76 -3.97 -13.50
CA SER D 7 -31.91 -4.41 -14.28
C SER D 7 -31.67 -5.74 -14.99
N LYS D 8 -31.32 -6.75 -14.22
CA LYS D 8 -31.16 -8.11 -14.72
C LYS D 8 -31.92 -9.00 -13.74
N PRO D 9 -32.34 -10.19 -14.20
CA PRO D 9 -33.03 -11.12 -13.30
C PRO D 9 -32.09 -11.58 -12.20
N GLN D 10 -32.67 -12.04 -11.10
CA GLN D 10 -31.90 -12.63 -10.03
C GLN D 10 -31.34 -13.98 -10.48
N CYS D 11 -30.07 -14.22 -10.19
CA CYS D 11 -29.48 -15.51 -10.53
C CYS D 11 -30.24 -16.66 -9.84
N GLN D 12 -30.48 -17.74 -10.57
CA GLN D 12 -31.19 -18.89 -10.00
C GLN D 12 -30.19 -19.85 -9.38
N ILE D 13 -29.97 -19.71 -8.09
CA ILE D 13 -28.88 -20.40 -7.44
C ILE D 13 -29.29 -21.75 -6.85
N THR D 14 -28.28 -22.59 -6.64
CA THR D 14 -28.48 -23.90 -6.03
C THR D 14 -27.99 -23.92 -4.60
N GLY D 15 -27.42 -22.79 -4.16
CA GLY D 15 -26.75 -22.68 -2.88
C GLY D 15 -25.64 -21.67 -3.00
N PHE D 16 -24.63 -21.78 -2.13
CA PHE D 16 -23.58 -20.78 -2.05
C PHE D 16 -22.21 -21.43 -2.07
N ALA D 17 -21.22 -20.71 -2.60
CA ALA D 17 -19.86 -21.21 -2.63
C ALA D 17 -18.93 -20.25 -1.89
N PRO D 18 -17.83 -20.76 -1.32
CA PRO D 18 -16.90 -19.91 -0.57
C PRO D 18 -16.31 -18.79 -1.42
N PHE D 19 -16.25 -17.59 -0.87
CA PHE D 19 -15.77 -16.42 -1.59
C PHE D 19 -14.56 -15.72 -0.92
N SER D 20 -14.63 -15.50 0.38
CA SER D 20 -13.56 -14.77 1.06
C SER D 20 -13.53 -15.05 2.55
N LYS D 21 -12.38 -14.85 3.17
CA LYS D 21 -12.24 -15.00 4.61
C LYS D 21 -11.03 -14.16 5.00
N ASP D 22 -11.09 -13.44 6.12
CA ASP D 22 -9.97 -12.54 6.41
C ASP D 22 -9.06 -12.94 7.56
N ASN D 23 -9.47 -13.89 8.41
CA ASN D 23 -8.58 -14.40 9.45
C ASN D 23 -8.07 -13.32 10.41
N SER D 24 -8.87 -12.29 10.64
N SER D 24 -8.87 -12.29 10.62
CA SER D 24 -8.42 -11.11 11.38
CA SER D 24 -8.47 -11.11 11.40
C SER D 24 -7.89 -11.41 12.78
C SER D 24 -7.90 -11.41 12.77
N ILE D 25 -8.60 -12.27 13.51
CA ILE D 25 -8.25 -12.51 14.91
C ILE D 25 -7.00 -13.37 15.01
N ARG D 26 -6.88 -14.39 14.17
CA ARG D 26 -5.64 -15.16 14.12
C ARG D 26 -4.43 -14.26 13.84
N LEU D 27 -4.57 -13.34 12.88
CA LEU D 27 -3.48 -12.44 12.53
C LEU D 27 -3.18 -11.47 13.67
N SER D 28 -4.20 -11.10 14.44
CA SER D 28 -4.10 -10.12 15.52
C SER D 28 -3.15 -10.57 16.63
N ALA D 29 -2.89 -11.87 16.71
CA ALA D 29 -1.98 -12.43 17.71
C ALA D 29 -0.52 -12.33 17.29
N GLY D 30 -0.29 -11.82 16.08
CA GLY D 30 1.05 -11.71 15.54
C GLY D 30 1.09 -10.63 14.49
N GLY D 31 0.59 -9.46 14.85
CA GLY D 31 0.54 -8.36 13.91
C GLY D 31 -0.40 -7.29 14.44
N ASP D 32 -0.27 -6.09 13.89
CA ASP D 32 -1.08 -4.96 14.35
C ASP D 32 -2.34 -4.87 13.48
N ILE D 33 -3.45 -5.28 14.06
CA ILE D 33 -4.71 -5.40 13.34
C ILE D 33 -5.79 -4.65 14.11
N TRP D 34 -6.62 -3.90 13.40
CA TRP D 34 -7.72 -3.14 14.01
C TRP D 34 -8.70 -4.02 14.77
N VAL D 35 -9.16 -3.52 15.92
CA VAL D 35 -10.34 -4.06 16.58
C VAL D 35 -11.57 -3.51 15.86
N THR D 36 -12.48 -4.41 15.49
CA THR D 36 -13.66 -4.03 14.71
C THR D 36 -14.91 -4.72 15.26
N ARG D 37 -16.07 -4.30 14.75
CA ARG D 37 -17.30 -5.09 14.77
C ARG D 37 -18.20 -4.46 13.69
N GLU D 38 -19.38 -5.03 13.52
CA GLU D 38 -20.33 -4.58 12.49
C GLU D 38 -19.71 -4.47 11.08
N PRO D 39 -19.11 -5.57 10.60
CA PRO D 39 -18.54 -5.58 9.25
C PRO D 39 -19.62 -5.74 8.19
N TYR D 40 -19.27 -5.38 6.94
CA TYR D 40 -20.09 -5.75 5.81
C TYR D 40 -19.26 -5.73 4.53
N VAL D 41 -19.89 -6.07 3.42
CA VAL D 41 -19.21 -6.14 2.12
C VAL D 41 -20.03 -5.36 1.11
N SER D 42 -19.36 -4.63 0.23
CA SER D 42 -20.05 -4.00 -0.88
C SER D 42 -19.07 -3.89 -2.03
N CYS D 43 -19.56 -4.00 -3.25
CA CYS D 43 -18.67 -4.02 -4.40
C CYS D 43 -18.96 -2.87 -5.35
N ASP D 44 -17.90 -2.26 -5.87
CA ASP D 44 -18.07 -1.39 -7.03
C ASP D 44 -18.25 -2.28 -8.27
N PRO D 45 -18.43 -1.70 -9.47
CA PRO D 45 -18.72 -2.63 -10.58
C PRO D 45 -17.62 -3.63 -10.92
N GLY D 46 -16.39 -3.37 -10.47
CA GLY D 46 -15.29 -4.28 -10.75
C GLY D 46 -14.84 -5.16 -9.60
N LYS D 47 -14.90 -4.66 -8.37
CA LYS D 47 -14.32 -5.42 -7.28
C LYS D 47 -14.97 -5.12 -5.93
N CYS D 48 -14.82 -6.05 -5.02
CA CYS D 48 -15.49 -5.97 -3.72
C CYS D 48 -14.59 -5.42 -2.63
N TYR D 49 -15.23 -4.82 -1.63
CA TYR D 49 -14.56 -4.21 -0.50
C TYR D 49 -15.16 -4.72 0.79
N GLN D 50 -14.31 -4.89 1.80
CA GLN D 50 -14.81 -5.15 3.14
C GLN D 50 -14.75 -3.89 4.00
N PHE D 51 -15.81 -3.69 4.77
CA PHE D 51 -16.01 -2.56 5.65
C PHE D 51 -16.17 -3.07 7.07
N ALA D 52 -15.85 -2.24 8.06
CA ALA D 52 -16.24 -2.53 9.44
C ALA D 52 -16.10 -1.27 10.26
N LEU D 53 -16.70 -1.26 11.44
CA LEU D 53 -16.50 -0.15 12.35
C LEU D 53 -15.31 -0.43 13.26
N GLY D 54 -14.25 0.35 13.10
CA GLY D 54 -13.12 0.23 14.00
C GLY D 54 -13.46 0.70 15.39
N GLN D 55 -12.62 0.34 16.35
CA GLN D 55 -12.76 0.81 17.72
C GLN D 55 -11.62 1.77 18.09
N GLY D 56 -10.99 2.37 17.08
CA GLY D 56 -9.96 3.35 17.33
C GLY D 56 -8.70 2.75 17.94
N THR D 57 -8.49 1.46 17.75
CA THR D 57 -7.36 0.78 18.36
C THR D 57 -7.08 -0.52 17.62
N THR D 58 -5.84 -1.00 17.72
CA THR D 58 -5.51 -2.35 17.33
C THR D 58 -5.80 -3.29 18.50
N LEU D 59 -5.72 -4.61 18.25
CA LEU D 59 -6.11 -5.59 19.26
C LEU D 59 -5.03 -5.75 20.32
N ASP D 60 -3.79 -5.90 19.88
CA ASP D 60 -2.68 -6.03 20.80
C ASP D 60 -2.25 -4.62 21.21
N ASN D 61 -3.01 -4.05 22.14
CA ASN D 61 -2.96 -2.62 22.44
C ASN D 61 -3.81 -2.47 23.69
N LYS D 62 -3.30 -1.77 24.71
CA LYS D 62 -4.07 -1.62 25.94
C LYS D 62 -5.42 -0.92 25.74
N HIS D 63 -5.57 -0.17 24.65
CA HIS D 63 -6.84 0.48 24.35
C HIS D 63 -7.92 -0.51 23.88
N SER D 64 -7.55 -1.79 23.72
CA SER D 64 -8.54 -2.78 23.33
C SER D 64 -9.49 -3.16 24.47
N ASN D 65 -9.12 -2.83 25.70
CA ASN D 65 -10.01 -3.15 26.83
C ASN D 65 -11.34 -2.41 26.68
N ASP D 66 -12.43 -3.12 26.99
CA ASP D 66 -13.78 -2.56 27.02
C ASP D 66 -14.34 -2.19 25.65
N THR D 67 -13.79 -2.82 24.62
CA THR D 67 -14.32 -2.64 23.27
C THR D 67 -15.64 -3.39 23.00
N VAL D 68 -16.20 -4.04 24.02
CA VAL D 68 -17.57 -4.54 23.92
C VAL D 68 -18.56 -3.36 23.78
N HIS D 69 -18.18 -2.17 24.26
CA HIS D 69 -19.04 -0.99 24.14
C HIS D 69 -19.31 -0.59 22.69
N ASP D 70 -20.58 -0.37 22.35
CA ASP D 70 -20.96 -0.11 20.97
C ASP D 70 -20.58 1.26 20.42
N ARG D 71 -20.65 2.30 21.24
CA ARG D 71 -20.51 3.65 20.73
C ARG D 71 -19.47 4.45 21.50
N ILE D 72 -18.39 4.80 20.81
CA ILE D 72 -17.42 5.76 21.33
C ILE D 72 -17.06 6.70 20.18
N PRO D 73 -16.51 7.88 20.48
CA PRO D 73 -16.21 8.86 19.43
C PRO D 73 -15.10 8.43 18.48
N HIS D 74 -14.37 7.39 18.86
CA HIS D 74 -13.20 6.95 18.12
C HIS D 74 -13.51 5.92 17.08
N ARG D 75 -14.75 5.44 17.05
CA ARG D 75 -15.13 4.51 16.00
C ARG D 75 -15.16 5.21 14.64
N THR D 76 -14.55 4.56 13.67
CA THR D 76 -14.49 5.05 12.30
C THR D 76 -14.78 3.91 11.36
N LEU D 77 -15.30 4.24 10.17
CA LEU D 77 -15.58 3.23 9.16
C LEU D 77 -14.32 2.87 8.39
N LEU D 78 -13.94 1.60 8.43
CA LEU D 78 -12.76 1.12 7.72
C LEU D 78 -13.19 0.55 6.38
N MET D 79 -12.34 0.71 5.36
CA MET D 79 -12.63 0.18 4.03
C MET D 79 -11.37 -0.34 3.35
N ASN D 80 -11.34 -1.64 3.06
CA ASN D 80 -10.24 -2.26 2.32
C ASN D 80 -10.82 -3.09 1.19
N GLU D 81 -9.99 -3.44 0.20
CA GLU D 81 -10.42 -4.46 -0.74
C GLU D 81 -10.73 -5.74 0.04
N LEU D 82 -11.73 -6.48 -0.44
CA LEU D 82 -12.15 -7.70 0.24
C LEU D 82 -10.98 -8.67 0.37
N GLY D 83 -10.73 -9.15 1.58
CA GLY D 83 -9.64 -10.07 1.81
C GLY D 83 -8.35 -9.41 2.28
N VAL D 84 -8.28 -8.08 2.24
CA VAL D 84 -7.16 -7.39 2.86
C VAL D 84 -7.57 -7.12 4.29
N PRO D 85 -6.88 -7.75 5.25
CA PRO D 85 -7.33 -7.57 6.63
C PRO D 85 -7.04 -6.15 7.09
N PHE D 86 -7.66 -5.74 8.20
CA PHE D 86 -7.57 -4.37 8.63
C PHE D 86 -6.24 -4.07 9.33
N HIS D 87 -5.21 -3.90 8.50
CA HIS D 87 -3.86 -3.55 8.95
C HIS D 87 -3.74 -2.02 9.15
N LEU D 88 -2.56 -1.54 9.55
CA LEU D 88 -2.41 -0.11 9.89
C LEU D 88 -2.47 0.85 8.72
N GLY D 89 -2.37 0.33 7.49
CA GLY D 89 -2.53 1.18 6.32
C GLY D 89 -3.97 1.33 5.85
N THR D 90 -4.90 0.76 6.61
CA THR D 90 -6.31 0.83 6.26
C THR D 90 -6.85 2.26 6.34
N ARG D 91 -7.63 2.67 5.34
CA ARG D 91 -8.25 4.00 5.38
C ARG D 91 -9.50 4.03 6.25
N GLN D 92 -9.53 5.01 7.15
CA GLN D 92 -10.73 5.34 7.91
C GLN D 92 -11.56 6.35 7.10
N VAL D 93 -12.66 5.88 6.54
CA VAL D 93 -13.43 6.64 5.55
C VAL D 93 -14.23 7.80 6.15
N CYS D 94 -14.63 7.67 7.41
CA CYS D 94 -15.43 8.67 8.09
C CYS D 94 -15.54 8.28 9.55
N ILE D 95 -16.07 9.19 10.38
CA ILE D 95 -16.30 8.91 11.80
C ILE D 95 -17.66 8.21 11.92
N ALA D 96 -17.71 7.04 12.53
CA ALA D 96 -18.97 6.29 12.54
C ALA D 96 -19.02 5.22 13.60
N TRP D 97 -20.09 5.25 14.39
CA TRP D 97 -20.48 4.07 15.18
C TRP D 97 -21.71 3.36 14.63
N SER D 98 -22.21 3.83 13.49
CA SER D 98 -23.22 3.12 12.70
C SER D 98 -23.02 3.56 11.25
N SER D 99 -23.13 2.62 10.30
CA SER D 99 -22.86 3.02 8.92
C SER D 99 -23.58 2.20 7.86
N SER D 100 -23.56 2.73 6.64
CA SER D 100 -23.94 1.99 5.43
C SER D 100 -23.16 2.60 4.28
N SER D 101 -22.78 1.78 3.28
CA SER D 101 -22.06 2.27 2.10
C SER D 101 -22.56 1.58 0.86
N CYS D 102 -22.47 2.27 -0.27
CA CYS D 102 -22.82 1.68 -1.55
C CYS D 102 -22.25 2.49 -2.70
N HIS D 103 -22.10 1.85 -3.85
CA HIS D 103 -21.53 2.48 -5.03
C HIS D 103 -22.64 2.57 -6.09
N ASP D 104 -22.79 3.74 -6.70
CA ASP D 104 -23.92 3.94 -7.61
C ASP D 104 -23.57 3.67 -9.05
N GLY D 105 -22.37 3.15 -9.29
CA GLY D 105 -21.88 2.92 -10.63
C GLY D 105 -20.84 3.96 -11.01
N LYS D 106 -20.92 5.12 -10.37
CA LYS D 106 -19.96 6.20 -10.60
C LYS D 106 -19.06 6.46 -9.39
N ALA D 107 -19.63 6.45 -8.19
CA ALA D 107 -18.84 6.74 -6.99
C ALA D 107 -19.44 6.13 -5.73
N TRP D 108 -18.67 6.15 -4.66
CA TRP D 108 -19.11 5.66 -3.35
C TRP D 108 -19.89 6.68 -2.54
N LEU D 109 -20.98 6.20 -1.94
CA LEU D 109 -21.70 6.91 -0.91
C LEU D 109 -21.42 6.22 0.43
N HIS D 110 -21.10 7.02 1.45
CA HIS D 110 -20.99 6.52 2.81
C HIS D 110 -21.95 7.29 3.70
N VAL D 111 -22.69 6.55 4.52
CA VAL D 111 -23.58 7.12 5.52
C VAL D 111 -22.96 6.79 6.88
N CYS D 112 -22.57 7.84 7.61
CA CYS D 112 -21.76 7.69 8.80
C CYS D 112 -22.41 8.41 9.96
N ILE D 113 -22.74 7.67 11.02
CA ILE D 113 -23.42 8.25 12.17
C ILE D 113 -22.48 8.23 13.37
N THR D 114 -22.35 9.39 14.03
CA THR D 114 -21.52 9.49 15.23
C THR D 114 -22.08 10.57 16.16
N GLY D 115 -21.47 10.71 17.33
CA GLY D 115 -21.87 11.72 18.30
C GLY D 115 -22.69 11.17 19.45
N ASP D 116 -23.31 12.08 20.18
CA ASP D 116 -24.07 11.71 21.39
C ASP D 116 -25.25 10.78 21.08
N ASP D 117 -25.51 9.84 21.98
CA ASP D 117 -26.67 8.97 21.85
C ASP D 117 -27.95 9.77 21.63
N LYS D 118 -28.09 10.87 22.36
CA LYS D 118 -29.32 11.63 22.33
C LYS D 118 -29.37 12.68 21.22
N ASN D 119 -28.30 12.78 20.42
CA ASN D 119 -28.25 13.86 19.43
C ASN D 119 -27.18 13.54 18.40
N ALA D 120 -27.33 12.40 17.74
CA ALA D 120 -26.31 11.97 16.79
C ALA D 120 -26.40 12.76 15.49
N THR D 121 -25.33 12.69 14.70
CA THR D 121 -25.31 13.28 13.37
C THR D 121 -25.01 12.20 12.35
N ALA D 122 -25.79 12.17 11.27
CA ALA D 122 -25.46 11.32 10.13
C ALA D 122 -24.85 12.18 9.04
N SER D 123 -23.64 11.84 8.61
CA SER D 123 -22.98 12.53 7.50
C SER D 123 -23.12 11.70 6.25
N PHE D 124 -23.33 12.38 5.12
CA PHE D 124 -23.47 11.74 3.81
C PHE D 124 -22.31 12.20 2.96
N ILE D 125 -21.41 11.26 2.67
CA ILE D 125 -20.17 11.52 1.94
C ILE D 125 -20.25 10.83 0.59
N TYR D 126 -20.09 11.58 -0.48
CA TYR D 126 -20.21 11.01 -1.83
C TYR D 126 -19.06 11.49 -2.69
N ASP D 127 -18.43 10.57 -3.41
CA ASP D 127 -17.31 10.90 -4.29
C ASP D 127 -16.27 11.74 -3.53
N GLY D 128 -16.01 11.35 -2.29
CA GLY D 128 -14.91 11.91 -1.52
C GLY D 128 -15.18 13.24 -0.84
N ARG D 129 -16.43 13.68 -0.81
CA ARG D 129 -16.73 14.93 -0.10
C ARG D 129 -18.03 14.86 0.69
N LEU D 130 -18.11 15.63 1.76
CA LEU D 130 -19.33 15.68 2.55
C LEU D 130 -20.37 16.52 1.82
N VAL D 131 -21.50 15.90 1.51
CA VAL D 131 -22.53 16.55 0.69
C VAL D 131 -23.76 16.97 1.52
N ASP D 132 -24.05 16.22 2.58
CA ASP D 132 -25.25 16.47 3.36
C ASP D 132 -25.09 15.90 4.76
N SER D 133 -26.02 16.27 5.64
CA SER D 133 -26.08 15.69 6.98
C SER D 133 -27.48 15.83 7.53
N ILE D 134 -27.82 14.95 8.46
CA ILE D 134 -29.08 15.10 9.17
C ILE D 134 -28.85 14.76 10.63
N GLY D 135 -29.54 15.49 11.51
CA GLY D 135 -29.49 15.18 12.93
C GLY D 135 -30.56 14.20 13.37
N SER D 136 -30.31 13.58 14.52
CA SER D 136 -31.25 12.69 15.18
C SER D 136 -32.66 13.31 15.25
N TRP D 137 -33.66 12.53 14.84
CA TRP D 137 -35.04 13.00 14.90
C TRP D 137 -35.83 12.55 16.13
N SER D 138 -35.35 11.52 16.81
CA SER D 138 -36.02 11.03 18.03
C SER D 138 -35.13 11.10 19.27
N GLN D 139 -33.92 11.63 19.11
CA GLN D 139 -33.01 11.84 20.24
C GLN D 139 -32.73 10.55 21.02
N ASN D 140 -32.59 9.43 20.31
CA ASN D 140 -32.50 8.15 21.00
C ASN D 140 -31.82 7.12 20.10
N ILE D 141 -30.55 7.40 19.82
CA ILE D 141 -29.63 6.52 19.08
C ILE D 141 -30.04 6.30 17.62
N LEU D 142 -29.88 7.34 16.82
CA LEU D 142 -30.06 7.20 15.39
C LEU D 142 -29.10 6.14 14.83
N ARG D 143 -29.63 5.18 14.10
CA ARG D 143 -28.82 4.08 13.56
C ARG D 143 -29.24 3.68 12.15
N THR D 144 -28.36 3.01 11.45
CA THR D 144 -28.66 2.56 10.10
C THR D 144 -28.31 1.07 9.90
N GLN D 145 -28.05 0.69 8.66
CA GLN D 145 -28.11 -0.72 8.27
C GLN D 145 -26.99 -1.63 8.77
N GLU D 146 -25.78 -1.09 8.84
CA GLU D 146 -24.57 -1.89 9.04
C GLU D 146 -24.36 -2.90 7.90
N SER D 147 -24.87 -2.56 6.72
CA SER D 147 -24.59 -3.31 5.50
C SER D 147 -24.86 -2.41 4.31
N GLU D 148 -24.69 -2.92 3.10
CA GLU D 148 -24.71 -2.01 1.95
C GLU D 148 -26.07 -1.36 1.68
N CYS D 149 -26.03 -0.10 1.29
CA CYS D 149 -27.19 0.54 0.72
C CYS D 149 -27.30 0.13 -0.76
N VAL D 150 -28.33 0.61 -1.45
CA VAL D 150 -28.61 0.17 -2.80
C VAL D 150 -28.99 1.37 -3.66
N CYS D 151 -28.38 1.45 -4.85
CA CYS D 151 -28.63 2.55 -5.76
C CYS D 151 -29.18 2.06 -7.09
N ILE D 152 -30.19 2.75 -7.60
CA ILE D 152 -30.72 2.49 -8.94
C ILE D 152 -30.82 3.80 -9.68
N ASN D 153 -30.18 3.86 -10.85
CA ASN D 153 -30.25 5.03 -11.72
C ASN D 153 -29.84 6.32 -11.01
N GLY D 154 -28.85 6.22 -10.12
CA GLY D 154 -28.27 7.38 -9.49
C GLY D 154 -28.91 7.78 -8.17
N THR D 155 -29.98 7.09 -7.79
CA THR D 155 -30.63 7.36 -6.50
C THR D 155 -30.33 6.20 -5.56
N CYS D 156 -29.71 6.51 -4.42
CA CYS D 156 -29.40 5.48 -3.43
C CYS D 156 -30.41 5.55 -2.30
N THR D 157 -30.78 4.39 -1.79
CA THR D 157 -31.71 4.35 -0.66
C THR D 157 -31.09 3.68 0.54
N VAL D 158 -31.46 4.15 1.73
CA VAL D 158 -30.93 3.62 2.98
C VAL D 158 -32.00 3.74 4.05
N VAL D 159 -32.09 2.73 4.91
CA VAL D 159 -33.08 2.71 5.99
C VAL D 159 -32.42 3.13 7.31
N MET D 160 -33.07 4.02 8.04
CA MET D 160 -32.56 4.47 9.34
C MET D 160 -33.67 4.42 10.38
N THR D 161 -33.28 4.19 11.63
CA THR D 161 -34.24 4.17 12.74
C THR D 161 -33.69 4.94 13.92
N ASP D 162 -34.53 5.77 14.53
CA ASP D 162 -34.17 6.49 15.75
C ASP D 162 -35.27 6.16 16.75
N GLY D 163 -34.90 5.95 18.01
CA GLY D 163 -35.89 5.74 19.04
C GLY D 163 -36.39 4.33 19.28
N SER D 164 -35.85 3.33 18.61
CA SER D 164 -36.32 1.97 18.87
C SER D 164 -35.90 1.50 20.27
N ALA D 165 -34.78 2.02 20.77
CA ALA D 165 -34.29 1.64 22.09
C ALA D 165 -35.34 1.90 23.19
N SER D 166 -36.02 3.03 23.08
CA SER D 166 -37.00 3.46 24.07
C SER D 166 -38.41 2.95 23.73
N GLY D 167 -38.49 2.09 22.72
CA GLY D 167 -39.76 1.50 22.32
C GLY D 167 -40.61 2.42 21.45
N ARG D 168 -39.96 3.37 20.80
CA ARG D 168 -40.67 4.33 19.96
C ARG D 168 -39.97 4.49 18.64
N ALA D 169 -39.78 3.38 17.94
CA ALA D 169 -39.07 3.39 16.66
C ALA D 169 -39.70 4.38 15.68
N ASP D 170 -38.84 5.25 15.15
CA ASP D 170 -39.23 6.16 14.09
C ASP D 170 -38.27 5.84 12.95
N THR D 171 -38.77 5.05 12.01
CA THR D 171 -37.97 4.54 10.90
C THR D 171 -38.27 5.34 9.66
N ARG D 172 -37.21 5.78 8.99
CA ARG D 172 -37.33 6.59 7.78
C ARG D 172 -36.46 6.02 6.68
N ILE D 173 -36.94 6.14 5.45
CA ILE D 173 -36.21 5.64 4.29
C ILE D 173 -35.77 6.85 3.51
N LEU D 174 -34.46 6.98 3.33
CA LEU D 174 -33.89 8.15 2.69
C LEU D 174 -33.53 7.83 1.26
N PHE D 175 -33.67 8.83 0.39
CA PHE D 175 -33.33 8.72 -1.02
C PHE D 175 -32.30 9.78 -1.31
N ILE D 176 -31.14 9.35 -1.81
CA ILE D 176 -29.96 10.20 -1.85
C ILE D 176 -29.35 10.19 -3.25
N GLU D 177 -29.15 11.38 -3.82
CA GLU D 177 -28.60 11.50 -5.17
C GLU D 177 -27.29 12.27 -5.12
N GLU D 178 -26.20 11.61 -5.51
CA GLU D 178 -24.86 12.19 -5.39
C GLU D 178 -24.61 12.79 -4.02
N GLY D 179 -25.06 12.09 -2.99
CA GLY D 179 -24.80 12.51 -1.63
C GLY D 179 -25.85 13.43 -1.02
N LYS D 180 -26.73 13.99 -1.84
CA LYS D 180 -27.76 14.91 -1.35
C LYS D 180 -29.07 14.19 -1.08
N ILE D 181 -29.64 14.39 0.11
CA ILE D 181 -30.94 13.81 0.42
C ILE D 181 -32.01 14.52 -0.40
N VAL D 182 -32.73 13.76 -1.23
CA VAL D 182 -33.74 14.38 -2.09
C VAL D 182 -35.17 14.06 -1.64
N HIS D 183 -35.32 13.01 -0.84
CA HIS D 183 -36.62 12.64 -0.30
C HIS D 183 -36.45 11.79 0.94
N ILE D 184 -37.36 11.92 1.89
CA ILE D 184 -37.41 11.06 3.06
C ILE D 184 -38.82 10.52 3.23
N SER D 185 -38.97 9.20 3.26
CA SER D 185 -40.27 8.57 3.42
C SER D 185 -40.38 7.90 4.78
N PRO D 186 -41.48 8.12 5.50
CA PRO D 186 -41.69 7.36 6.73
C PRO D 186 -41.98 5.90 6.41
N LEU D 187 -41.58 5.00 7.31
CA LEU D 187 -41.98 3.62 7.21
C LEU D 187 -43.49 3.53 7.16
N SER D 188 -44.00 2.63 6.32
CA SER D 188 -45.43 2.32 6.26
C SER D 188 -45.55 0.80 6.19
N GLY D 189 -46.74 0.28 6.49
CA GLY D 189 -46.97 -1.17 6.46
C GLY D 189 -47.00 -1.76 7.87
N SER D 190 -46.86 -3.07 7.98
CA SER D 190 -47.06 -3.75 9.26
C SER D 190 -45.77 -4.10 10.02
N ALA D 191 -44.62 -3.76 9.46
CA ALA D 191 -43.37 -4.00 10.19
C ALA D 191 -43.24 -3.10 11.40
N GLN D 192 -42.61 -3.61 12.45
CA GLN D 192 -42.40 -2.84 13.67
C GLN D 192 -40.96 -2.94 14.14
N HIS D 193 -40.52 -1.95 14.90
CA HIS D 193 -39.26 -2.02 15.64
C HIS D 193 -38.05 -2.28 14.77
N ILE D 194 -38.06 -1.72 13.56
CA ILE D 194 -37.04 -2.02 12.55
C ILE D 194 -35.63 -1.58 12.94
N GLU D 195 -34.69 -2.51 12.87
CA GLU D 195 -33.27 -2.18 12.95
C GLU D 195 -32.46 -2.96 11.92
N GLU D 196 -31.35 -2.36 11.50
CA GLU D 196 -30.30 -3.08 10.78
C GLU D 196 -30.76 -3.84 9.54
N CYS D 197 -31.42 -3.13 8.62
CA CYS D 197 -31.89 -3.77 7.40
C CYS D 197 -30.78 -4.24 6.49
N SER D 198 -31.00 -5.41 5.92
CA SER D 198 -30.15 -5.98 4.88
C SER D 198 -30.93 -5.88 3.57
N CYS D 199 -30.49 -4.96 2.71
CA CYS D 199 -31.25 -4.59 1.54
C CYS D 199 -30.58 -5.04 0.26
N TYR D 200 -31.39 -5.25 -0.77
CA TYR D 200 -30.89 -5.67 -2.06
C TYR D 200 -31.73 -5.11 -3.19
N PRO D 201 -31.10 -4.90 -4.36
CA PRO D 201 -31.89 -4.44 -5.50
C PRO D 201 -32.80 -5.54 -6.02
N ARG D 202 -34.05 -5.19 -6.28
CA ARG D 202 -34.99 -6.10 -6.90
C ARG D 202 -35.74 -5.26 -7.90
N TYR D 203 -35.07 -4.98 -9.02
CA TYR D 203 -35.53 -4.02 -10.01
C TYR D 203 -37.01 -4.23 -10.31
N PRO D 204 -37.79 -3.13 -10.35
CA PRO D 204 -37.38 -1.72 -10.26
C PRO D 204 -37.21 -1.13 -8.86
N GLY D 205 -37.36 -1.94 -7.81
CA GLY D 205 -37.30 -1.41 -6.47
C GLY D 205 -36.20 -2.03 -5.64
N VAL D 206 -36.31 -1.85 -4.32
CA VAL D 206 -35.34 -2.37 -3.39
C VAL D 206 -36.12 -3.08 -2.29
N ARG D 207 -35.60 -4.22 -1.83
CA ARG D 207 -36.26 -5.00 -0.78
C ARG D 207 -35.26 -5.22 0.35
N CYS D 208 -35.74 -5.10 1.59
CA CYS D 208 -34.90 -5.27 2.76
C CYS D 208 -35.47 -6.31 3.71
N ILE D 209 -34.61 -7.12 4.30
CA ILE D 209 -34.99 -8.02 5.38
C ILE D 209 -34.20 -7.54 6.59
N CYS D 210 -34.90 -7.29 7.69
CA CYS D 210 -34.29 -6.58 8.80
C CYS D 210 -34.37 -7.40 10.09
N ARG D 211 -34.30 -6.72 11.23
CA ARG D 211 -34.55 -7.40 12.49
C ARG D 211 -35.52 -6.57 13.31
N ASP D 212 -36.31 -7.27 14.13
CA ASP D 212 -37.30 -6.64 14.99
C ASP D 212 -36.61 -6.37 16.33
N ASN D 213 -36.65 -5.12 16.79
CA ASN D 213 -35.92 -4.76 18.00
C ASN D 213 -36.75 -4.83 19.28
N TRP D 214 -37.83 -5.60 19.25
CA TRP D 214 -38.56 -5.90 20.49
C TRP D 214 -38.53 -7.41 20.76
N LYS D 215 -39.56 -8.14 20.30
CA LYS D 215 -39.62 -9.58 20.59
C LYS D 215 -39.92 -10.48 19.40
N GLY D 216 -39.85 -9.96 18.18
CA GLY D 216 -40.08 -10.82 17.03
C GLY D 216 -38.86 -11.65 16.66
N SER D 217 -39.00 -12.98 16.62
CA SER D 217 -37.93 -13.81 16.07
C SER D 217 -38.07 -13.96 14.55
N ASN D 218 -39.24 -13.60 14.03
CA ASN D 218 -39.40 -13.49 12.58
C ASN D 218 -38.88 -12.12 12.11
N ARG D 219 -38.25 -12.08 10.93
CA ARG D 219 -37.64 -10.85 10.45
C ARG D 219 -38.60 -9.94 9.68
N PRO D 220 -38.57 -8.63 9.99
CA PRO D 220 -39.35 -7.68 9.19
C PRO D 220 -38.87 -7.60 7.74
N VAL D 221 -39.77 -7.19 6.86
CA VAL D 221 -39.48 -6.95 5.45
C VAL D 221 -39.87 -5.51 5.16
N VAL D 222 -39.03 -4.79 4.41
CA VAL D 222 -39.38 -3.45 3.94
C VAL D 222 -39.22 -3.39 2.44
N ASP D 223 -40.26 -2.93 1.75
CA ASP D 223 -40.23 -2.77 0.30
C ASP D 223 -40.21 -1.29 -0.05
N ILE D 224 -39.26 -0.91 -0.90
CA ILE D 224 -39.03 0.48 -1.25
C ILE D 224 -39.27 0.71 -2.74
N ASN D 225 -40.23 1.58 -3.05
CA ASN D 225 -40.51 1.95 -4.43
C ASN D 225 -39.63 3.15 -4.80
N MET D 226 -38.71 2.95 -5.73
CA MET D 226 -37.72 3.95 -6.08
C MET D 226 -38.30 4.99 -7.03
N GLU D 227 -39.44 4.66 -7.61
CA GLU D 227 -40.10 5.53 -8.59
C GLU D 227 -40.94 6.61 -7.92
N ASP D 228 -41.74 6.22 -6.92
CA ASP D 228 -42.60 7.20 -6.23
C ASP D 228 -42.35 7.34 -4.74
N TYR D 229 -41.29 6.68 -4.25
CA TYR D 229 -40.85 6.77 -2.86
C TYR D 229 -41.79 6.11 -1.85
N SER D 230 -42.79 5.39 -2.34
CA SER D 230 -43.72 4.71 -1.43
C SER D 230 -43.08 3.50 -0.76
N ILE D 231 -43.55 3.20 0.44
CA ILE D 231 -42.99 2.15 1.28
C ILE D 231 -44.09 1.16 1.68
N ASP D 232 -43.77 -0.11 1.72
CA ASP D 232 -44.65 -1.11 2.34
C ASP D 232 -43.77 -2.01 3.18
N SER D 233 -44.38 -2.78 4.07
CA SER D 233 -43.60 -3.60 4.98
C SER D 233 -44.46 -4.68 5.61
N SER D 234 -43.80 -5.73 6.09
CA SER D 234 -44.45 -6.93 6.58
C SER D 234 -43.43 -7.75 7.36
N TYR D 235 -43.70 -9.04 7.54
CA TYR D 235 -42.74 -9.97 8.15
C TYR D 235 -42.52 -11.17 7.22
N VAL D 236 -41.32 -11.71 7.23
CA VAL D 236 -40.99 -12.89 6.43
C VAL D 236 -41.96 -14.04 6.80
N CYS D 237 -42.55 -14.67 5.79
CA CYS D 237 -43.56 -15.71 6.03
C CYS D 237 -43.01 -16.96 6.69
N SER D 238 -41.77 -17.32 6.35
CA SER D 238 -41.17 -18.57 6.79
C SER D 238 -41.39 -18.92 8.25
N GLY D 239 -41.87 -20.13 8.50
CA GLY D 239 -41.96 -20.67 9.85
C GLY D 239 -40.60 -21.09 10.40
N LEU D 240 -39.61 -21.16 9.52
CA LEU D 240 -38.23 -21.31 9.95
C LEU D 240 -37.68 -19.88 10.07
N VAL D 241 -37.67 -19.36 11.30
CA VAL D 241 -37.42 -17.94 11.48
C VAL D 241 -35.94 -17.63 11.52
N GLY D 242 -35.61 -16.38 11.22
CA GLY D 242 -34.23 -15.98 10.99
C GLY D 242 -33.46 -15.38 12.14
N ASP D 243 -34.14 -14.97 13.20
CA ASP D 243 -33.46 -14.30 14.32
C ASP D 243 -33.03 -15.29 15.40
N THR D 244 -32.27 -14.77 16.37
CA THR D 244 -31.77 -15.54 17.51
C THR D 244 -31.71 -14.59 18.70
N PRO D 245 -32.23 -15.01 19.86
CA PRO D 245 -32.90 -16.29 20.15
C PRO D 245 -34.21 -16.52 19.42
N ARG D 246 -34.64 -17.78 19.42
CA ARG D 246 -35.88 -18.17 18.77
C ARG D 246 -36.34 -19.51 19.34
N ASN D 247 -37.58 -19.87 19.10
CA ASN D 247 -38.08 -21.18 19.46
C ASN D 247 -37.50 -22.22 18.53
N ASP D 248 -37.62 -23.49 18.88
CA ASP D 248 -37.29 -24.55 17.93
C ASP D 248 -38.23 -24.45 16.74
N ASP D 249 -37.89 -25.13 15.64
CA ASP D 249 -38.65 -24.98 14.41
C ASP D 249 -40.09 -25.45 14.57
N SER D 250 -40.30 -26.50 15.36
CA SER D 250 -41.64 -27.03 15.56
C SER D 250 -42.57 -26.00 16.22
N SER D 251 -42.03 -25.19 17.12
CA SER D 251 -42.83 -24.24 17.87
C SER D 251 -42.67 -22.77 17.41
N SER D 252 -42.02 -22.57 16.28
CA SER D 252 -41.88 -21.23 15.72
C SER D 252 -43.09 -20.88 14.87
N ASN D 253 -43.38 -19.59 14.80
CA ASN D 253 -44.51 -19.08 14.03
C ASN D 253 -44.19 -17.77 13.31
N SER D 254 -44.76 -17.62 12.13
CA SER D 254 -44.86 -16.32 11.46
C SER D 254 -46.11 -16.28 10.64
N ASN D 255 -46.89 -15.21 10.78
CA ASN D 255 -48.09 -15.02 9.99
C ASN D 255 -47.92 -14.06 8.81
N CYS D 256 -46.67 -13.69 8.51
CA CYS D 256 -46.33 -12.79 7.41
C CYS D 256 -46.61 -11.30 7.68
N ARG D 257 -47.25 -10.99 8.82
CA ARG D 257 -47.76 -9.64 9.06
C ARG D 257 -47.27 -9.00 10.36
N ASN D 258 -47.22 -9.79 11.43
CA ASN D 258 -46.92 -9.26 12.75
C ASN D 258 -45.72 -9.96 13.38
N PRO D 259 -45.03 -9.28 14.29
CA PRO D 259 -43.96 -9.97 15.04
C PRO D 259 -44.55 -11.08 15.91
N ASN D 260 -43.80 -12.15 16.10
CA ASN D 260 -44.34 -13.35 16.74
C ASN D 260 -44.19 -13.45 18.26
N ASN D 261 -43.50 -12.49 18.87
CA ASN D 261 -43.24 -12.49 20.32
C ASN D 261 -42.48 -13.71 20.85
N GLU D 262 -41.63 -14.30 20.02
CA GLU D 262 -40.95 -15.53 20.38
C GLU D 262 -39.45 -15.37 20.66
N ARG D 263 -38.99 -14.13 20.80
CA ARG D 263 -37.61 -13.87 21.21
C ARG D 263 -37.60 -12.95 22.43
N GLY D 264 -36.93 -13.39 23.49
CA GLY D 264 -36.99 -12.66 24.75
C GLY D 264 -35.84 -11.72 25.05
N THR D 265 -34.73 -11.87 24.33
CA THR D 265 -33.55 -11.05 24.56
C THR D 265 -33.02 -10.52 23.23
N GLN D 266 -32.01 -9.67 23.28
CA GLN D 266 -31.51 -8.96 22.10
C GLN D 266 -31.23 -9.88 20.91
N GLY D 267 -31.82 -9.55 19.76
CA GLY D 267 -31.64 -10.31 18.53
C GLY D 267 -30.41 -9.91 17.74
N VAL D 268 -30.39 -10.28 16.47
CA VAL D 268 -29.19 -10.10 15.66
C VAL D 268 -29.51 -9.76 14.21
N LYS D 269 -28.69 -8.90 13.62
CA LYS D 269 -28.84 -8.56 12.21
C LYS D 269 -28.65 -9.80 11.34
N GLY D 270 -29.51 -9.93 10.33
CA GLY D 270 -29.41 -11.03 9.39
C GLY D 270 -30.03 -10.71 8.04
N TRP D 271 -30.26 -11.74 7.24
CA TRP D 271 -30.70 -11.50 5.87
C TRP D 271 -31.52 -12.67 5.34
N ALA D 272 -32.23 -12.39 4.25
CA ALA D 272 -32.90 -13.39 3.45
C ALA D 272 -33.22 -12.76 2.10
N PHE D 273 -33.54 -13.58 1.11
CA PHE D 273 -34.10 -13.03 -0.12
C PHE D 273 -35.13 -13.97 -0.74
N ASP D 274 -36.10 -13.39 -1.44
CA ASP D 274 -37.14 -14.17 -2.09
C ASP D 274 -36.66 -14.74 -3.41
N ASN D 275 -37.15 -15.93 -3.74
CA ASN D 275 -37.10 -16.42 -5.12
C ASN D 275 -38.44 -17.02 -5.46
N GLY D 276 -39.27 -16.23 -6.13
CA GLY D 276 -40.65 -16.62 -6.38
C GLY D 276 -41.35 -16.81 -5.05
N ASN D 277 -41.91 -18.00 -4.83
CA ASN D 277 -42.60 -18.28 -3.58
C ASN D 277 -41.64 -18.70 -2.48
N ASP D 278 -40.40 -18.99 -2.85
CA ASP D 278 -39.44 -19.57 -1.92
C ASP D 278 -38.55 -18.50 -1.28
N LEU D 279 -37.81 -18.89 -0.25
CA LEU D 279 -36.95 -17.94 0.45
C LEU D 279 -35.58 -18.55 0.73
N TRP D 280 -34.52 -17.89 0.26
CA TRP D 280 -33.18 -18.25 0.70
C TRP D 280 -32.85 -17.43 1.95
N MET D 281 -32.30 -18.07 2.95
CA MET D 281 -32.01 -17.35 4.19
C MET D 281 -30.83 -17.95 4.92
N GLY D 282 -30.24 -17.14 5.80
CA GLY D 282 -29.25 -17.63 6.74
C GLY D 282 -29.73 -17.40 8.16
N ARG D 283 -29.13 -18.13 9.11
CA ARG D 283 -29.37 -17.88 10.52
C ARG D 283 -28.30 -18.59 11.34
N THR D 284 -28.22 -18.26 12.64
CA THR D 284 -27.31 -18.99 13.51
C THR D 284 -27.81 -20.42 13.66
N ILE D 285 -26.91 -21.38 13.89
CA ILE D 285 -27.34 -22.76 14.16
C ILE D 285 -27.99 -22.83 15.54
N SER D 286 -27.36 -22.23 16.54
CA SER D 286 -27.95 -22.19 17.88
C SER D 286 -29.24 -21.38 17.87
N LYS D 287 -30.22 -21.82 18.65
CA LYS D 287 -31.43 -21.02 18.81
C LYS D 287 -31.34 -20.14 20.04
N GLU D 288 -30.24 -20.26 20.78
CA GLU D 288 -30.10 -19.54 22.04
C GLU D 288 -29.04 -18.45 22.02
N SER D 289 -28.00 -18.63 21.20
N SER D 289 -28.00 -18.66 21.20
CA SER D 289 -26.94 -17.65 21.17
CA SER D 289 -26.82 -17.80 21.20
C SER D 289 -26.37 -17.50 19.77
C SER D 289 -26.33 -17.54 19.78
N ARG D 290 -25.44 -16.56 19.64
CA ARG D 290 -24.84 -16.25 18.35
C ARG D 290 -23.68 -17.20 18.04
N SER D 291 -24.01 -18.48 17.86
CA SER D 291 -23.02 -19.48 17.48
C SER D 291 -23.52 -20.27 16.30
N GLY D 292 -22.58 -20.68 15.45
CA GLY D 292 -22.91 -21.39 14.24
C GLY D 292 -23.55 -20.51 13.18
N TYR D 293 -23.59 -21.01 11.95
CA TYR D 293 -24.28 -20.31 10.89
C TYR D 293 -24.65 -21.30 9.81
N GLU D 294 -25.89 -21.24 9.36
CA GLU D 294 -26.41 -22.15 8.33
C GLU D 294 -27.25 -21.36 7.32
N THR D 295 -27.27 -21.88 6.09
CA THR D 295 -28.15 -21.34 5.06
C THR D 295 -29.01 -22.45 4.51
N PHE D 296 -30.17 -22.08 3.98
CA PHE D 296 -31.05 -23.05 3.33
C PHE D 296 -32.12 -22.30 2.55
N LYS D 297 -32.83 -23.06 1.71
CA LYS D 297 -33.99 -22.53 0.99
C LYS D 297 -35.23 -23.05 1.68
N VAL D 298 -36.17 -22.15 1.98
CA VAL D 298 -37.45 -22.54 2.54
C VAL D 298 -38.47 -22.60 1.42
N ILE D 299 -39.07 -23.77 1.21
CA ILE D 299 -40.10 -23.92 0.19
C ILE D 299 -41.35 -23.17 0.63
N GLY D 300 -41.77 -22.20 -0.18
CA GLY D 300 -42.89 -21.35 0.18
C GLY D 300 -42.56 -20.32 1.25
N GLY D 301 -41.28 -20.16 1.55
CA GLY D 301 -40.87 -19.29 2.64
C GLY D 301 -41.15 -17.82 2.43
N TRP D 302 -41.34 -17.40 1.18
CA TRP D 302 -41.73 -16.03 0.90
C TRP D 302 -43.25 -15.81 0.92
N SER D 303 -44.00 -16.79 0.40
CA SER D 303 -45.43 -16.59 0.14
C SER D 303 -46.37 -17.25 1.15
N THR D 304 -45.92 -18.30 1.82
CA THR D 304 -46.81 -19.11 2.65
C THR D 304 -46.49 -18.98 4.13
N PRO D 305 -47.44 -18.47 4.92
CA PRO D 305 -47.21 -18.35 6.36
C PRO D 305 -46.89 -19.69 7.00
N ASN D 306 -45.90 -19.67 7.90
CA ASN D 306 -45.53 -20.84 8.69
C ASN D 306 -44.98 -22.00 7.87
N SER D 307 -44.46 -21.70 6.69
CA SER D 307 -43.82 -22.69 5.84
C SER D 307 -42.58 -23.25 6.54
N LYS D 308 -42.42 -24.57 6.55
CA LYS D 308 -41.33 -25.17 7.32
C LYS D 308 -40.49 -26.24 6.65
N SER D 309 -40.75 -26.49 5.36
CA SER D 309 -39.93 -27.44 4.62
C SER D 309 -38.73 -26.72 4.03
N GLN D 310 -37.55 -27.25 4.28
CA GLN D 310 -36.35 -26.66 3.71
C GLN D 310 -35.60 -27.66 2.84
N VAL D 311 -34.69 -27.13 2.04
CA VAL D 311 -33.86 -27.94 1.16
C VAL D 311 -32.55 -27.16 0.94
N ASN D 312 -31.50 -27.87 0.50
CA ASN D 312 -30.23 -27.25 0.15
C ASN D 312 -29.54 -26.55 1.30
N ARG D 313 -29.63 -27.14 2.48
CA ARG D 313 -28.95 -26.60 3.65
C ARG D 313 -27.43 -26.66 3.47
N GLN D 314 -26.76 -25.63 3.95
CA GLN D 314 -25.31 -25.65 4.07
C GLN D 314 -24.89 -25.10 5.41
N VAL D 315 -23.97 -25.80 6.07
CA VAL D 315 -23.28 -25.25 7.23
C VAL D 315 -22.19 -24.29 6.76
N ILE D 316 -22.20 -23.07 7.30
CA ILE D 316 -21.16 -22.10 7.01
C ILE D 316 -20.15 -22.09 8.17
N VAL D 317 -20.66 -22.11 9.39
CA VAL D 317 -19.85 -22.17 10.59
C VAL D 317 -20.52 -23.18 11.53
N ASP D 318 -19.77 -24.19 11.98
CA ASP D 318 -20.40 -25.17 12.87
C ASP D 318 -20.78 -24.54 14.23
N ASN D 319 -21.59 -25.26 14.99
CA ASN D 319 -22.11 -24.70 16.24
C ASN D 319 -21.14 -24.74 17.41
N ASN D 320 -19.90 -25.14 17.16
CA ASN D 320 -18.88 -25.00 18.18
C ASN D 320 -18.10 -23.69 18.07
N ASN D 321 -18.58 -22.81 17.20
CA ASN D 321 -17.88 -21.56 16.91
C ASN D 321 -18.82 -20.36 16.87
N TRP D 322 -18.29 -19.20 17.22
CA TRP D 322 -19.07 -17.98 17.33
C TRP D 322 -19.36 -17.33 15.98
N SER D 323 -20.59 -16.87 15.82
CA SER D 323 -20.93 -16.06 14.66
C SER D 323 -21.22 -14.63 15.12
N GLY D 324 -22.30 -14.03 14.63
CA GLY D 324 -22.53 -12.62 14.87
C GLY D 324 -23.48 -12.07 13.83
N ASP D 325 -23.35 -10.77 13.54
CA ASP D 325 -24.15 -10.13 12.49
C ASP D 325 -23.91 -10.80 11.15
N SER D 326 -24.91 -10.75 10.28
CA SER D 326 -24.75 -11.19 8.91
C SER D 326 -25.58 -10.31 8.00
N GLY D 327 -25.20 -10.26 6.72
CA GLY D 327 -25.89 -9.39 5.80
C GLY D 327 -25.69 -9.78 4.37
N ILE D 328 -26.50 -9.21 3.50
CA ILE D 328 -26.50 -9.52 2.09
C ILE D 328 -25.73 -8.45 1.31
N PHE D 329 -25.13 -8.85 0.20
CA PHE D 329 -24.71 -7.88 -0.81
C PHE D 329 -24.99 -8.50 -2.17
N SER D 330 -25.09 -7.65 -3.19
CA SER D 330 -25.45 -8.11 -4.52
C SER D 330 -24.34 -7.79 -5.50
N VAL D 331 -24.13 -8.70 -6.46
CA VAL D 331 -23.03 -8.58 -7.40
C VAL D 331 -23.55 -8.83 -8.81
N GLU D 332 -23.35 -7.87 -9.71
CA GLU D 332 -23.85 -8.00 -11.08
C GLU D 332 -22.99 -8.95 -11.90
N GLY D 333 -23.63 -9.93 -12.51
CA GLY D 333 -22.97 -10.86 -13.40
C GLY D 333 -23.32 -10.53 -14.83
N LYS D 334 -22.86 -11.36 -15.75
CA LYS D 334 -23.13 -11.17 -17.17
C LYS D 334 -24.62 -11.07 -17.47
N SER D 335 -25.40 -12.02 -16.95
CA SER D 335 -26.80 -12.16 -17.32
C SER D 335 -27.76 -12.02 -16.14
N CYS D 336 -27.22 -12.01 -14.93
CA CYS D 336 -28.09 -11.96 -13.75
C CYS D 336 -27.42 -11.27 -12.58
N ILE D 337 -28.22 -10.89 -11.58
CA ILE D 337 -27.73 -10.30 -10.33
C ILE D 337 -27.61 -11.40 -9.29
N ASN D 338 -26.40 -11.57 -8.77
CA ASN D 338 -26.15 -12.62 -7.80
C ASN D 338 -26.30 -12.08 -6.40
N ARG D 339 -26.65 -12.97 -5.48
CA ARG D 339 -26.74 -12.63 -4.07
C ARG D 339 -25.63 -13.30 -3.29
N CYS D 340 -24.97 -12.52 -2.43
CA CYS D 340 -23.91 -13.02 -1.58
C CYS D 340 -24.19 -12.63 -0.15
N PHE D 341 -23.44 -13.20 0.79
CA PHE D 341 -23.59 -12.78 2.16
C PHE D 341 -22.26 -12.89 2.93
N TYR D 342 -22.16 -12.13 4.03
CA TYR D 342 -21.02 -12.24 4.92
C TYR D 342 -21.55 -12.64 6.30
N VAL D 343 -20.67 -13.24 7.09
CA VAL D 343 -20.94 -13.53 8.48
C VAL D 343 -19.84 -12.94 9.34
N GLU D 344 -20.24 -12.13 10.33
CA GLU D 344 -19.36 -11.61 11.36
C GLU D 344 -19.08 -12.71 12.36
N LEU D 345 -17.79 -12.94 12.63
CA LEU D 345 -17.37 -13.98 13.56
C LEU D 345 -16.79 -13.31 14.80
N ILE D 346 -17.62 -13.12 15.81
CA ILE D 346 -17.26 -12.32 16.99
C ILE D 346 -16.41 -13.11 17.96
N ARG D 347 -15.27 -12.54 18.36
CA ARG D 347 -14.41 -13.15 19.36
C ARG D 347 -14.23 -12.21 20.54
N GLY D 348 -13.98 -12.79 21.71
CA GLY D 348 -13.79 -12.03 22.92
C GLY D 348 -15.08 -11.84 23.70
N ARG D 349 -15.22 -10.68 24.33
CA ARG D 349 -16.36 -10.43 25.22
C ARG D 349 -17.66 -10.28 24.43
N PRO D 350 -18.80 -10.65 25.02
CA PRO D 350 -18.98 -11.17 26.38
C PRO D 350 -18.75 -12.69 26.53
N GLN D 351 -18.68 -13.44 25.44
CA GLN D 351 -18.67 -14.90 25.55
C GLN D 351 -17.36 -15.49 26.03
N GLU D 352 -16.27 -14.83 25.68
CA GLU D 352 -14.93 -15.33 25.99
C GLU D 352 -14.21 -14.35 26.89
N THR D 353 -14.20 -14.65 28.19
CA THR D 353 -13.72 -13.71 29.18
C THR D 353 -12.24 -13.77 29.51
N ARG D 354 -11.49 -14.71 28.92
CA ARG D 354 -10.04 -14.69 29.10
C ARG D 354 -9.46 -13.35 28.65
N VAL D 355 -10.04 -12.80 27.59
CA VAL D 355 -9.59 -11.52 27.06
C VAL D 355 -10.56 -10.40 27.43
N TRP D 356 -10.11 -9.16 27.31
CA TRP D 356 -10.95 -8.03 27.72
C TRP D 356 -11.49 -7.23 26.54
N TRP D 357 -11.13 -7.67 25.33
CA TRP D 357 -11.56 -6.99 24.11
C TRP D 357 -12.71 -7.73 23.44
N THR D 358 -13.32 -7.08 22.44
CA THR D 358 -14.27 -7.70 21.55
C THR D 358 -13.88 -7.32 20.14
N SER D 359 -13.75 -8.29 19.25
CA SER D 359 -13.43 -7.99 17.86
C SER D 359 -14.09 -9.03 16.96
N ASN D 360 -13.78 -9.05 15.66
CA ASN D 360 -14.37 -10.04 14.77
C ASN D 360 -13.51 -10.26 13.55
N SER D 361 -13.69 -11.42 12.93
CA SER D 361 -13.24 -11.65 11.57
C SER D 361 -14.48 -11.86 10.71
N ILE D 362 -14.29 -12.13 9.42
CA ILE D 362 -15.42 -12.40 8.53
C ILE D 362 -15.19 -13.62 7.66
N VAL D 363 -16.31 -14.19 7.23
CA VAL D 363 -16.30 -15.19 6.16
C VAL D 363 -17.42 -14.78 5.21
N VAL D 364 -17.21 -15.04 3.92
CA VAL D 364 -18.06 -14.51 2.86
C VAL D 364 -18.33 -15.60 1.84
N PHE D 365 -19.61 -15.77 1.49
CA PHE D 365 -20.02 -16.75 0.47
C PHE D 365 -20.85 -16.06 -0.61
N CYS D 366 -20.83 -16.62 -1.82
CA CYS D 366 -21.63 -16.07 -2.91
C CYS D 366 -22.52 -17.13 -3.56
N GLY D 367 -23.67 -16.69 -4.04
CA GLY D 367 -24.58 -17.59 -4.76
C GLY D 367 -23.89 -18.29 -5.92
N THR D 368 -24.28 -19.54 -6.14
CA THR D 368 -23.74 -20.28 -7.27
C THR D 368 -24.86 -21.08 -7.96
N SER D 369 -24.76 -21.22 -9.27
N SER D 369 -24.75 -21.24 -9.27
CA SER D 369 -25.65 -22.08 -10.05
CA SER D 369 -25.66 -22.10 -10.00
C SER D 369 -25.02 -23.47 -10.23
C SER D 369 -25.01 -23.46 -10.25
N GLY D 370 -23.80 -23.63 -9.73
CA GLY D 370 -23.08 -24.87 -9.88
C GLY D 370 -23.29 -25.79 -8.69
N THR D 371 -22.28 -26.60 -8.39
CA THR D 371 -22.36 -27.54 -7.30
C THR D 371 -21.28 -27.25 -6.25
N TYR D 372 -21.37 -27.92 -5.12
CA TYR D 372 -20.50 -27.62 -4.00
C TYR D 372 -20.58 -28.77 -3.00
N GLY D 373 -19.71 -28.72 -2.00
CA GLY D 373 -19.62 -29.75 -0.99
C GLY D 373 -20.03 -29.24 0.39
N THR D 374 -19.22 -29.55 1.39
CA THR D 374 -19.49 -29.18 2.78
C THR D 374 -18.23 -28.75 3.48
N GLY D 375 -18.39 -28.00 4.56
CA GLY D 375 -17.26 -27.63 5.40
C GLY D 375 -17.73 -26.77 6.54
N SER D 376 -16.79 -26.12 7.20
CA SER D 376 -17.07 -25.16 8.26
C SER D 376 -15.89 -24.20 8.29
N TRP D 377 -16.19 -22.91 8.31
CA TRP D 377 -15.15 -21.89 8.18
C TRP D 377 -15.27 -20.85 9.30
N PRO D 378 -14.92 -21.25 10.53
CA PRO D 378 -15.04 -20.37 11.68
C PRO D 378 -13.88 -19.39 11.77
N ASP D 379 -13.90 -18.55 12.78
CA ASP D 379 -12.84 -17.57 12.97
C ASP D 379 -11.46 -18.23 13.03
N GLY D 380 -11.34 -19.27 13.86
CA GLY D 380 -10.12 -20.05 13.90
C GLY D 380 -9.06 -19.65 14.89
N ALA D 381 -9.23 -18.53 15.59
CA ALA D 381 -8.24 -18.14 16.59
C ALA D 381 -8.37 -19.01 17.85
N ASN D 382 -7.25 -19.26 18.49
CA ASN D 382 -7.23 -19.93 19.78
C ASN D 382 -7.23 -18.84 20.83
N ILE D 383 -8.31 -18.76 21.61
CA ILE D 383 -8.46 -17.70 22.59
C ILE D 383 -7.32 -17.69 23.59
N ASN D 384 -6.72 -18.85 23.81
CA ASN D 384 -5.61 -18.97 24.75
C ASN D 384 -4.29 -18.45 24.20
N PHE D 385 -4.24 -18.19 22.89
CA PHE D 385 -3.04 -17.65 22.25
C PHE D 385 -3.10 -16.12 22.15
N MET D 386 -4.24 -15.53 22.49
CA MET D 386 -4.44 -14.10 22.24
C MET D 386 -3.89 -13.22 23.34
N PRO D 387 -3.38 -12.04 22.97
CA PRO D 387 -3.15 -10.97 23.95
C PRO D 387 -4.48 -10.72 24.63
N ILE D 388 -4.49 -10.42 25.92
CA ILE D 388 -5.75 -10.25 26.61
C ILE D 388 -6.20 -8.79 26.58
C1 NAG E . 30.68 -20.27 -15.07
C2 NAG E . 31.35 -21.65 -14.90
C3 NAG E . 31.05 -22.58 -16.06
C4 NAG E . 29.55 -22.67 -16.32
C5 NAG E . 29.03 -21.25 -16.50
C6 NAG E . 27.52 -21.24 -16.78
C7 NAG E . 33.42 -21.84 -13.65
C8 NAG E . 34.89 -22.16 -13.77
N2 NAG E . 32.79 -21.52 -14.78
O3 NAG E . 31.57 -23.88 -15.80
O4 NAG E . 29.39 -23.38 -17.54
O5 NAG E . 29.31 -20.48 -15.36
O6 NAG E . 26.81 -21.72 -15.65
O7 NAG E . 32.87 -21.84 -12.56
C1 NAG E . 28.56 -24.54 -17.42
C2 NAG E . 28.10 -24.95 -18.82
C3 NAG E . 27.28 -26.23 -18.78
C4 NAG E . 27.97 -27.33 -17.98
C5 NAG E . 28.44 -26.77 -16.63
C6 NAG E . 29.29 -27.74 -15.82
C7 NAG E . 27.65 -23.22 -20.52
C8 NAG E . 26.65 -22.27 -21.11
N2 NAG E . 27.30 -23.89 -19.42
O3 NAG E . 26.99 -26.63 -20.11
O4 NAG E . 27.00 -28.34 -17.77
O5 NAG E . 29.23 -25.62 -16.80
O6 NAG E . 30.43 -28.12 -16.57
O7 NAG E . 28.75 -23.35 -21.04
C1 BMA E . 27.54 -29.66 -17.96
C2 BMA E . 26.76 -30.62 -17.09
C3 BMA E . 27.41 -31.99 -17.18
C4 BMA E . 27.45 -32.42 -18.63
C5 BMA E . 28.11 -31.34 -19.48
C6 BMA E . 27.98 -31.75 -20.93
O2 BMA E . 25.43 -30.70 -17.57
O3 BMA E . 26.67 -32.90 -16.39
O4 BMA E . 28.16 -33.64 -18.74
O5 BMA E . 27.46 -30.10 -19.31
O6 BMA E . 28.67 -30.86 -21.80
C1 MAN E . 29.48 -31.59 -22.74
C2 MAN E . 30.01 -30.60 -23.76
C3 MAN E . 28.88 -30.07 -24.65
C4 MAN E . 28.05 -31.20 -25.23
C5 MAN E . 27.64 -32.17 -24.12
C6 MAN E . 26.85 -33.37 -24.62
O2 MAN E . 31.00 -31.22 -24.55
O3 MAN E . 29.40 -29.29 -25.73
O4 MAN E . 26.88 -30.68 -25.81
O5 MAN E . 28.77 -32.63 -23.40
O6 MAN E . 27.74 -34.21 -25.32
C1 MAN E . 29.75 -27.96 -25.34
C2 MAN E . 29.50 -27.07 -26.54
C3 MAN E . 30.40 -27.53 -27.69
C4 MAN E . 31.85 -27.59 -27.23
C5 MAN E . 31.95 -28.41 -25.94
C6 MAN E . 33.38 -28.48 -25.43
O2 MAN E . 29.73 -25.71 -26.23
O3 MAN E . 30.28 -26.60 -28.75
O4 MAN E . 32.67 -28.13 -28.25
O5 MAN E . 31.10 -27.85 -24.95
O6 MAN E . 33.51 -29.58 -24.54
C1 MAN E . 27.06 -35.41 -25.71
C2 MAN E . 28.09 -36.47 -26.08
C3 MAN E . 28.89 -35.99 -27.28
C4 MAN E . 27.91 -35.72 -28.42
C5 MAN E . 26.86 -34.71 -27.98
C6 MAN E . 25.82 -34.49 -29.06
O2 MAN E . 27.45 -37.70 -26.40
O3 MAN E . 29.84 -36.99 -27.62
O4 MAN E . 28.61 -35.23 -29.56
O5 MAN E . 26.19 -35.16 -26.81
O6 MAN E . 24.99 -33.38 -28.74
C1 MAN E . 27.53 -33.77 -15.64
C2 MAN E . 26.68 -34.90 -15.07
C3 MAN E . 25.73 -34.37 -13.99
C4 MAN E . 26.54 -33.61 -12.95
C5 MAN E . 27.34 -32.52 -13.64
C6 MAN E . 28.21 -31.75 -12.65
O2 MAN E . 27.52 -35.92 -14.57
O3 MAN E . 25.03 -35.45 -13.40
O4 MAN E . 25.65 -33.02 -12.00
O5 MAN E . 28.20 -33.10 -14.59
O6 MAN E . 28.83 -30.67 -13.34
C1 GAL F . 42.85 13.53 10.71
C2 GAL F . 41.35 13.76 10.61
C3 GAL F . 40.74 13.93 12.00
C4 GAL F . 41.31 12.94 13.05
C5 GAL F . 42.79 12.59 12.84
C6 GAL F . 43.17 11.34 13.63
O1 GAL F . 43.38 13.36 9.40
O2 GAL F . 41.14 14.97 9.91
O3 GAL F . 39.30 14.05 12.04
O4 GAL F . 40.54 11.76 13.20
O5 GAL F . 43.09 12.38 11.48
O6 GAL F . 44.51 10.97 13.34
C1 SIA F . 38.27 13.57 9.72
C2 SIA F . 38.42 13.31 11.17
C3 SIA F . 37.29 14.27 11.58
C4 SIA F . 35.83 13.89 11.62
C5 SIA F . 35.58 12.48 11.94
C6 SIA F . 36.56 11.59 11.28
C7 SIA F . 36.52 10.13 11.54
C8 SIA F . 37.74 9.45 10.98
C9 SIA F . 37.58 7.95 10.91
C10 SIA F . 33.27 11.38 12.32
C11 SIA F . 31.91 11.14 11.77
N5 SIA F . 34.18 12.16 11.53
O1A SIA F . 38.44 12.59 8.96
O1B SIA F . 38.04 14.71 9.22
O4 SIA F . 34.98 14.75 12.44
O6 SIA F . 37.93 12.10 11.65
O7 SIA F . 36.51 9.91 12.90
O8 SIA F . 38.03 9.91 9.71
O9 SIA F . 38.73 7.22 10.66
O10 SIA F . 33.60 10.92 13.42
C1 NAG G . 3.02 -26.40 19.70
C2 NAG G . 3.68 -25.92 21.00
C3 NAG G . 4.08 -27.12 21.83
C4 NAG G . 2.91 -28.10 22.02
C5 NAG G . 2.27 -28.40 20.67
C6 NAG G . 1.02 -29.26 20.78
C7 NAG G . 5.04 -23.88 21.21
C8 NAG G . 6.32 -23.19 20.78
N2 NAG G . 4.84 -25.10 20.71
O3 NAG G . 4.62 -26.67 23.06
O4 NAG G . 3.39 -29.30 22.60
O5 NAG G . 1.91 -27.19 20.03
O6 NAG G . 0.10 -28.61 21.64
O7 NAG G . 4.28 -23.30 21.98
C1 NAG G . 2.66 -29.67 23.80
C2 NAG G . 3.02 -31.12 24.13
C3 NAG G . 2.31 -31.58 25.40
C4 NAG G . 2.32 -30.52 26.51
C5 NAG G . 1.93 -29.15 25.93
C6 NAG G . 1.90 -28.05 26.98
C7 NAG G . 3.53 -32.47 22.14
C8 NAG G . 2.94 -33.22 20.98
N2 NAG G . 2.65 -31.97 23.02
O3 NAG G . 2.92 -32.77 25.86
O4 NAG G . 1.38 -30.84 27.52
O5 NAG G . 2.86 -28.82 24.91
O6 NAG G . 3.22 -27.81 27.42
O7 NAG G . 4.76 -32.34 22.23
C1 BMA G . 2.02 -31.50 28.64
C2 BMA G . 1.12 -31.27 29.84
C3 BMA G . 1.58 -32.04 31.06
C4 BMA G . 1.80 -33.50 30.68
C5 BMA G . 2.75 -33.57 29.49
C6 BMA G . 3.01 -35.02 29.07
O2 BMA G . -0.18 -31.69 29.52
O3 BMA G . 0.58 -31.94 32.05
O4 BMA G . 2.35 -34.19 31.78
O5 BMA G . 2.17 -32.88 28.40
O6 BMA G . 3.99 -35.07 28.05
C1 MAN G . 0.95 -30.96 33.05
C2 MAN G . 0.09 -31.18 34.28
C3 MAN G . -1.36 -30.83 33.99
C4 MAN G . -1.46 -29.41 33.42
C5 MAN G . -0.51 -29.27 32.24
C6 MAN G . -0.53 -27.84 31.69
O2 MAN G . 0.57 -30.39 35.35
O3 MAN G . -2.13 -30.88 35.17
O4 MAN G . -2.78 -29.14 33.03
O5 MAN G . 0.80 -29.63 32.61
O6 MAN G . 0.21 -27.80 30.48
C1 NAG H . -21.65 -33.23 0.16
C2 NAG H . -22.56 -34.00 1.12
C3 NAG H . -24.05 -33.85 0.77
C4 NAG H . -24.44 -32.40 0.53
C5 NAG H . -23.46 -31.77 -0.45
C6 NAG H . -23.76 -30.30 -0.72
C7 NAG H . -22.09 -36.10 2.24
C8 NAG H . -21.63 -37.53 2.12
N2 NAG H . -22.21 -35.41 1.12
O3 NAG H . -24.85 -34.46 1.76
O4 NAG H . -25.74 -32.37 -0.04
O5 NAG H . -22.14 -31.91 0.05
O6 NAG H . -23.63 -29.53 0.47
O7 NAG H . -22.37 -35.63 3.35
C1 NAG H . -26.73 -31.65 0.72
C2 NAG H . -27.91 -31.34 -0.19
C3 NAG H . -29.00 -30.62 0.61
C4 NAG H . -29.34 -31.33 1.92
C5 NAG H . -28.07 -31.69 2.67
C6 NAG H . -28.32 -32.56 3.89
C7 NAG H . -27.61 -30.91 -2.58
C8 NAG H . -27.32 -29.87 -3.62
N2 NAG H . -27.50 -30.52 -1.31
O3 NAG H . -30.15 -30.43 -0.20
O4 NAG H . -30.14 -30.45 2.67
O5 NAG H . -27.19 -32.40 1.82
O6 NAG H . -28.91 -33.78 3.49
O7 NAG H . -27.93 -32.05 -2.91
C1 BMA H . -31.27 -31.11 3.26
C2 BMA H . -31.70 -30.28 4.45
C3 BMA H . -32.84 -31.00 5.16
C4 BMA H . -33.98 -31.20 4.17
C5 BMA H . -33.45 -31.90 2.92
C6 BMA H . -34.54 -32.02 1.87
O2 BMA H . -32.11 -29.02 3.97
O3 BMA H . -33.25 -30.26 6.30
O4 BMA H . -34.99 -31.99 4.76
O5 BMA H . -32.37 -31.18 2.36
O6 BMA H . -34.16 -33.01 0.94
C1 MAN H . -33.41 -31.12 7.43
C2 MAN H . -34.05 -30.32 8.57
C3 MAN H . -33.08 -29.27 9.10
C4 MAN H . -31.78 -29.95 9.50
C5 MAN H . -31.23 -30.73 8.30
C6 MAN H . -29.93 -31.46 8.65
O2 MAN H . -34.45 -31.20 9.61
O3 MAN H . -33.65 -28.62 10.22
O4 MAN H . -30.86 -28.97 9.91
O5 MAN H . -32.19 -31.68 7.88
O6 MAN H . -29.37 -31.99 7.46
C1 GAL I . 22.09 -40.53 2.40
C2 GAL I . 21.76 -39.17 1.78
C3 GAL I . 22.77 -38.17 2.33
C4 GAL I . 22.65 -38.14 3.85
C5 GAL I . 23.00 -39.54 4.35
C6 GAL I . 23.02 -39.62 5.88
O1 GAL I . 21.16 -41.49 1.95
O2 GAL I . 21.86 -39.25 0.38
O3 GAL I . 22.80 -36.91 1.67
O4 GAL I . 21.33 -37.86 4.24
O5 GAL I . 22.07 -40.46 3.82
O6 GAL I . 21.74 -39.30 6.38
C1 SIA I . 20.91 -36.08 0.26
C2 SIA I . 21.61 -36.13 1.56
C3 SIA I . 22.51 -34.91 1.32
C4 SIA I . 22.04 -33.48 1.49
C5 SIA I . 21.07 -33.30 2.58
C6 SIA I . 20.10 -34.41 2.65
C7 SIA I . 19.11 -34.45 3.73
C8 SIA I . 18.39 -35.78 3.69
C9 SIA I . 17.11 -35.75 4.50
C10 SIA I . 20.16 -31.12 3.51
C11 SIA I . 19.49 -29.79 3.26
N5 SIA I . 20.41 -31.98 2.41
O1A SIA I . 21.48 -35.80 -0.82
O1B SIA I . 19.70 -36.40 0.23
O4 SIA I . 23.09 -32.50 1.61
O6 SIA I . 20.93 -35.67 2.71
O7 SIA I . 19.71 -34.38 4.97
O8 SIA I . 18.01 -36.08 2.40
O9 SIA I . 16.56 -36.99 4.81
O10 SIA I . 20.45 -31.46 4.65
C1 NAG J . 14.73 11.95 27.34
C2 NAG J . 15.24 10.98 28.42
C3 NAG J . 15.58 11.76 29.69
C4 NAG J . 16.48 12.96 29.41
C5 NAG J . 15.94 13.75 28.22
C6 NAG J . 16.86 14.88 27.78
C7 NAG J . 14.46 8.64 28.64
C8 NAG J . 13.32 7.74 29.01
N2 NAG J . 14.23 9.95 28.71
O3 NAG J . 16.20 10.89 30.62
O4 NAG J . 16.45 13.78 30.55
O5 NAG J . 15.76 12.89 27.11
O6 NAG J . 18.14 14.37 27.54
O7 NAG J . 15.52 8.14 28.25
C1 NAG J . 17.78 14.15 30.97
C2 NAG J . 17.65 15.33 31.92
C3 NAG J . 19.02 15.84 32.32
C4 NAG J . 19.94 14.69 32.76
C5 NAG J . 19.82 13.46 31.87
C6 NAG J . 20.52 12.28 32.54
C7 NAG J . 15.59 16.54 31.66
C8 NAG J . 14.78 17.50 30.85
N2 NAG J . 16.85 16.38 31.31
O3 NAG J . 18.82 16.78 33.35
O4 NAG J . 21.30 15.04 32.71
O5 NAG J . 18.47 13.12 31.65
O6 NAG J . 20.66 11.22 31.62
O7 NAG J . 15.08 15.93 32.61
C1 BMA J . 21.67 15.87 33.84
C2 BMA J . 23.12 15.61 34.14
C3 BMA J . 23.62 16.55 35.25
C4 BMA J . 23.19 17.98 34.99
C5 BMA J . 21.68 18.03 34.75
C6 BMA J . 21.18 19.46 34.56
O2 BMA J . 23.90 15.77 32.97
O3 BMA J . 25.02 16.41 35.40
O4 BMA J . 23.52 18.78 36.11
O5 BMA J . 21.44 17.24 33.60
O6 BMA J . 19.76 19.49 34.62
C1 MAN J . 25.25 15.80 36.69
C2 MAN J . 26.67 16.12 37.14
C3 MAN J . 27.68 15.39 36.24
C4 MAN J . 27.35 13.90 36.27
C5 MAN J . 25.91 13.69 35.85
C6 MAN J . 25.54 12.22 35.89
O2 MAN J . 26.85 15.73 38.48
O3 MAN J . 28.97 15.62 36.75
O4 MAN J . 28.23 13.18 35.42
O5 MAN J . 25.05 14.39 36.71
O6 MAN J . 26.58 11.49 35.28
C1 NAG K . 23.44 31.55 4.32
C2 NAG K . 24.87 31.68 4.85
C3 NAG K . 25.82 32.17 3.75
C4 NAG K . 25.72 31.26 2.53
C5 NAG K . 24.27 31.14 2.11
C6 NAG K . 24.07 30.16 0.95
C7 NAG K . 24.90 32.15 7.25
C8 NAG K . 24.92 33.19 8.32
N2 NAG K . 24.94 32.58 6.00
O3 NAG K . 27.15 32.23 4.23
O4 NAG K . 26.46 31.82 1.47
O5 NAG K . 23.45 30.71 3.18
O6 NAG K . 24.40 28.84 1.35
O7 NAG K . 24.85 30.95 7.55
C1 NAG K . 27.49 30.97 0.95
C2 NAG K . 27.83 31.45 -0.46
C3 NAG K . 29.01 30.66 -1.01
C4 NAG K . 30.19 30.62 -0.06
C5 NAG K . 29.71 30.16 1.33
C6 NAG K . 30.78 30.24 2.40
C7 NAG K . 26.06 32.32 -1.91
C8 NAG K . 25.00 31.98 -2.92
N2 NAG K . 26.69 31.29 -1.35
O3 NAG K . 29.38 31.18 -2.27
O4 NAG K . 31.10 29.68 -0.59
O5 NAG K . 28.65 30.98 1.77
O6 NAG K . 31.25 31.57 2.49
O7 NAG K . 26.28 33.50 -1.65
C1 BMA K . 32.45 30.14 -0.57
C2 BMA K . 33.34 28.91 -0.51
C3 BMA K . 34.79 29.39 -0.38
C4 BMA K . 35.11 30.36 -1.52
C5 BMA K . 34.06 31.48 -1.58
C6 BMA K . 34.29 32.37 -2.80
O2 BMA K . 33.16 28.18 -1.71
O3 BMA K . 35.66 28.28 -0.36
O4 BMA K . 36.38 30.93 -1.30
O5 BMA K . 32.77 30.93 -1.68
O6 BMA K . 33.47 33.52 -2.74
C1 MAN K . 36.66 28.43 0.70
C2 MAN K . 37.71 27.32 0.57
C3 MAN K . 37.11 25.97 0.94
C4 MAN K . 36.46 26.03 2.30
C5 MAN K . 35.45 27.19 2.30
C6 MAN K . 34.76 27.34 3.65
O2 MAN K . 38.80 27.63 1.42
O3 MAN K . 38.07 24.94 0.92
O4 MAN K . 35.79 24.82 2.58
O5 MAN K . 36.12 28.40 2.00
O6 MAN K . 33.73 28.28 3.49
C1 GAL L . -7.66 25.79 36.99
C2 GAL L . -7.73 25.63 35.47
C3 GAL L . -8.99 26.21 34.82
C4 GAL L . -10.18 26.37 35.78
C5 GAL L . -9.84 26.38 37.27
C6 GAL L . -11.09 26.13 38.12
O1 GAL L . -6.59 25.01 37.51
O2 GAL L . -6.63 26.35 34.97
O3 GAL L . -9.55 25.40 33.79
O4 GAL L . -11.13 25.37 35.52
O5 GAL L . -8.88 25.38 37.55
O6 GAL L . -10.71 25.85 39.45
C1 SIA L . -9.05 25.86 31.38
C2 SIA L . -8.81 25.09 32.61
C3 SIA L . -9.89 24.02 32.35
C4 SIA L . -9.69 22.80 31.48
C5 SIA L . -8.32 22.29 31.50
C6 SIA L . -7.33 23.39 31.50
C7 SIA L . -5.88 23.07 31.58
C8 SIA L . -5.07 24.32 31.80
C9 SIA L . -3.58 24.09 31.63
C10 SIA L . -7.46 20.17 30.37
C11 SIA L . -7.37 19.36 29.10
N5 SIA L . -8.16 21.41 30.32
O1A SIA L . -8.05 26.39 30.85
O1B SIA L . -10.21 26.04 30.90
O4 SIA L . -10.64 21.74 31.69
O6 SIA L . -7.68 24.29 32.65
O7 SIA L . -5.62 22.22 32.65
O8 SIA L . -5.42 25.32 30.92
O9 SIA L . -2.74 25.13 32.01
O10 SIA L . -6.95 19.75 31.41
C1 NAG M . -9.89 -4.02 31.62
C2 NAG M . -8.78 -4.58 32.51
C3 NAG M . -9.36 -5.13 33.82
C4 NAG M . -10.30 -4.14 34.49
C5 NAG M . -11.32 -3.63 33.48
C6 NAG M . -12.25 -2.56 34.06
C7 NAG M . -6.74 -5.51 31.54
C8 NAG M . -6.14 -6.63 30.74
N2 NAG M . -8.03 -5.63 31.84
O3 NAG M . -8.31 -5.50 34.69
O4 NAG M . -10.95 -4.78 35.56
O5 NAG M . -10.65 -3.08 32.35
O6 NAG M . -11.46 -1.54 34.63
O7 NAG M . -6.05 -4.54 31.88
C1 NAG M . -10.73 -4.05 36.79
C2 NAG M . -11.79 -4.45 37.81
C3 NAG M . -11.62 -3.67 39.11
C4 NAG M . -10.17 -3.68 39.57
C5 NAG M . -9.22 -3.33 38.42
C6 NAG M . -7.76 -3.39 38.84
C7 NAG M . -13.84 -5.26 36.82
C8 NAG M . -15.20 -4.92 36.27
N2 NAG M . -13.11 -4.23 37.26
O3 NAG M . -12.44 -4.24 40.10
O4 NAG M . -9.99 -2.76 40.62
O5 NAG M . -9.44 -4.20 37.34
O6 NAG M . -7.44 -4.72 39.20
O7 NAG M . -13.43 -6.42 36.85
C1 NAG N . -28.66 18.83 19.52
C2 NAG N . -28.67 19.69 20.78
C3 NAG N . -29.02 21.14 20.45
C4 NAG N . -28.07 21.71 19.40
C5 NAG N . -28.06 20.75 18.20
C6 NAG N . -27.08 21.14 17.09
C7 NAG N . -29.06 18.45 22.82
C8 NAG N . -29.97 18.21 23.99
N2 NAG N . -29.56 19.17 21.81
O3 NAG N . -28.98 21.93 21.62
O4 NAG N . -28.56 22.96 18.95
O5 NAG N . -27.76 19.42 18.60
O6 NAG N . -25.75 21.09 17.56
O7 NAG N . -27.92 17.98 22.82
C1 NAG N . -27.61 24.02 19.10
C2 NAG N . -28.06 25.18 18.21
C3 NAG N . -27.17 26.40 18.45
C4 NAG N . -26.99 26.73 19.93
C5 NAG N . -26.60 25.46 20.69
C6 NAG N . -26.56 25.66 22.21
C7 NAG N . -29.10 24.78 16.04
C8 NAG N . -28.89 24.49 14.59
N2 NAG N . -28.02 24.79 16.82
O3 NAG N . -27.66 27.51 17.70
O4 NAG N . -25.95 27.68 20.02
O5 NAG N . -27.53 24.44 20.44
O6 NAG N . -27.84 26.10 22.66
O7 NAG N . -30.23 25.01 16.48
C1 BMA N . -26.26 28.76 20.91
C2 BMA N . -24.94 29.32 21.40
C3 BMA N . -25.23 30.42 22.41
C4 BMA N . -26.11 31.46 21.73
C5 BMA N . -27.36 30.78 21.17
C6 BMA N . -28.21 31.78 20.41
O2 BMA N . -24.21 29.81 20.28
O3 BMA N . -24.03 30.97 22.90
O4 BMA N . -26.49 32.44 22.67
O5 BMA N . -26.99 29.77 20.27
O6 BMA N . -29.53 31.29 20.20
C1 MAN N . -30.36 31.54 21.34
C2 MAN N . -31.73 30.96 21.01
C3 MAN N . -32.43 31.75 19.91
C4 MAN N . -32.46 33.22 20.27
C5 MAN N . -31.05 33.69 20.57
C6 MAN N . -30.99 35.16 20.95
O2 MAN N . -32.51 30.96 22.19
O3 MAN N . -33.74 31.22 19.83
O4 MAN N . -33.01 33.98 19.20
O5 MAN N . -30.48 32.92 21.62
O6 MAN N . -29.64 35.54 21.09
C1 MAN N . -34.30 31.23 18.51
C2 MAN N . -35.70 30.65 18.60
C3 MAN N . -35.61 29.18 18.98
C4 MAN N . -34.74 28.42 17.97
C5 MAN N . -33.39 29.11 17.86
C6 MAN N . -32.53 28.48 16.76
O2 MAN N . -36.39 30.81 17.37
O3 MAN N . -36.93 28.65 19.03
O4 MAN N . -34.55 27.10 18.42
O5 MAN N . -33.57 30.49 17.54
O6 MAN N . -31.29 29.16 16.70
C1 MAN N . -24.04 31.11 24.33
C2 MAN N . -22.80 31.90 24.75
C3 MAN N . -21.54 31.05 24.56
C4 MAN N . -21.71 29.71 25.29
C5 MAN N . -22.96 29.02 24.77
C6 MAN N . -23.18 27.66 25.42
O2 MAN N . -22.91 32.30 26.10
O3 MAN N . -20.43 31.75 25.09
O4 MAN N . -20.60 28.88 25.07
O5 MAN N . -24.07 29.86 25.02
O6 MAN N . -24.32 27.05 24.84
CA CA O . 40.85 6.16 -5.62
C1 NAG P . 26.87 -11.30 15.68
C2 NAG P . 26.56 -11.53 17.15
C3 NAG P . 27.85 -11.75 17.94
C4 NAG P . 28.74 -12.80 17.27
C5 NAG P . 28.91 -12.47 15.79
C6 NAG P . 29.78 -13.50 15.07
C7 NAG P . 24.63 -10.54 18.31
C8 NAG P . 24.02 -9.28 18.86
N2 NAG P . 25.82 -10.41 17.71
O3 NAG P . 27.56 -12.17 19.25
O4 NAG P . 30.00 -12.81 17.91
O5 NAG P . 27.63 -12.40 15.19
O6 NAG P . 29.17 -14.78 15.12
O7 NAG P . 24.04 -11.60 18.42
C1 SLB Q . 32.23 0.36 -1.14
C2 SLB Q . 31.66 -0.40 -2.27
C3 SLB Q . 30.52 -1.29 -1.84
C4 SLB Q . 30.08 -2.14 -2.97
C5 SLB Q . 31.19 -2.84 -3.65
C6 SLB Q . 32.26 -1.93 -4.04
C7 SLB Q . 33.46 -2.63 -4.57
C8 SLB Q . 34.57 -1.68 -4.95
C9 SLB Q . 35.82 -2.37 -5.41
C10 SLB Q . 30.51 -4.96 -5.05
C11 SLB Q . 29.91 -5.49 -6.33
N5 SLB Q . 30.63 -3.50 -4.89
O1A SLB Q . 33.45 0.69 -1.20
O1B SLB Q . 31.52 0.70 -0.15
O2 SLB Q . 31.20 0.51 -3.17
O4 SLB Q . 29.11 -3.10 -2.53
O6 SLB Q . 32.71 -1.13 -2.85
O7 SLB Q . 33.97 -3.42 -3.57
O8 SLB Q . 34.12 -0.83 -5.96
O9 SLB Q . 35.71 -3.10 -6.60
O10 SLB Q . 30.84 -5.73 -4.18
CA CA R . 6.30 -40.33 -7.73
C1 SLB S . 3.27 -32.03 -0.74
C2 SLB S . 1.96 -31.61 -1.25
C3 SLB S . 1.32 -30.55 -0.37
C4 SLB S . -0.07 -30.30 -0.81
C5 SLB S . -0.87 -31.53 -0.93
C6 SLB S . -0.23 -32.53 -1.78
C7 SLB S . -0.90 -33.87 -1.77
C8 SLB S . -0.19 -34.86 -2.65
C9 SLB S . -0.84 -36.22 -2.64
C10 SLB S . -3.44 -31.20 -0.82
C11 SLB S . -4.66 -30.68 -1.53
N5 SLB S . -2.17 -31.09 -1.55
O1A SLB S . 3.62 -33.23 -0.92
O1B SLB S . 4.04 -31.22 -0.16
O2 SLB S . 2.15 -31.11 -2.51
O4 SLB S . -0.69 -29.33 0.06
O6 SLB S . 1.17 -32.75 -1.32
O7 SLB S . -0.85 -34.38 -0.48
O8 SLB S . -0.20 -34.37 -3.96
O9 SLB S . -2.15 -36.24 -3.16
O10 SLB S . -3.48 -31.69 0.29
CA CA T . -1.52 36.36 20.04
C1 SLB U . 3.35 26.44 18.13
C2 SLB U . 3.95 26.61 16.80
C3 SLB U . 4.76 25.41 16.39
C4 SLB U . 5.52 25.67 15.14
C5 SLB U . 6.31 26.91 15.22
C6 SLB U . 5.50 28.07 15.62
C7 SLB U . 6.32 29.28 15.89
C8 SLB U . 5.48 30.46 16.31
C9 SLB U . 6.28 31.71 16.60
C10 SLB U . 8.32 27.06 13.59
C11 SLB U . 8.78 27.24 12.17
N5 SLB U . 6.88 27.14 13.84
O1A SLB U . 2.97 25.32 18.55
O1B SLB U . 3.21 27.47 18.85
O2 SLB U . 2.92 26.81 15.94
O4 SLB U . 6.36 24.55 14.82
O6 SLB U . 4.74 27.78 16.86
O7 SLB U . 7.14 29.01 16.98
O8 SLB U . 4.57 30.75 15.30
O9 SLB U . 7.01 32.24 15.52
O10 SLB U . 9.11 26.83 14.48
C1 GOL V . -26.76 -3.22 17.91
O1 GOL V . -28.11 -2.80 18.09
C2 GOL V . -25.83 -2.03 18.17
O2 GOL V . -26.29 -0.89 17.45
C3 GOL V . -24.42 -2.39 17.74
O3 GOL V . -24.39 -2.57 16.31
#